data_9BU7
#
_entry.id   9BU7
#
_cell.length_a   1.00
_cell.length_b   1.00
_cell.length_c   1.00
_cell.angle_alpha   90.00
_cell.angle_beta   90.00
_cell.angle_gamma   90.00
#
_symmetry.space_group_name_H-M   'P 1'
#
loop_
_entity.id
_entity.type
_entity.pdbx_description
1 polymer 'Protein Rep68'
2 polymer 'DNA (21-MER)'
3 polymer 'DNA (21-MER)'
4 non-polymer 'PHOSPHOTHIOPHOSPHORIC ACID-ADENYLATE ESTER'
5 non-polymer 'MAGNESIUM ION'
#
loop_
_entity_poly.entity_id
_entity_poly.type
_entity_poly.pdbx_seq_one_letter_code
_entity_poly.pdbx_strand_id
1 'polypeptide(L)'
;GPPGFYEIVIKVPSDLDGHLPGISDSFVNWVAEKEWELPPDSDMDLNLIEQAPLTVAEKLQRDFLTEWRRVSKAPEALFF
VQFEKGESYFHMHVLVETTGVKSMVLGRFLSQIREKLIQRIYRGIEPTLPNWFAVTKTRNGAGGGNKVVDESYIPNYLLP
KTQPELQWAWTNMEQYLSACLNLTERKRLVAQHLTHVSQTQEQNKENQNPNSDAPVIRSKTSARYMELVGWLVDKGITSE
KQWIQEDQASYISFNAASNSRSQIKAALDNAGKIMSLTKTAPDYLVGQQPVEDISSNRIYKILELNGYDPQYAASVFLGW
ATKKFGKRNTIWLFGPATTGKTNIAEAIAHTVPFYGCVNWTNENFPFNDCVDKMVIWWEEGKMTAKVVESAKAILGGSKV
RVDQKCKSSAQIDPTPVIVTSNTNMCAVIDGNSTTFEHQQPLQDRMFKFELTRRLDHDFGKVTKQEVKDFFRWAKDHVVE
VEHEFYVKKGG
;
A,B,C,D,E,F,G
2 'polydeoxyribonucleotide'
;(DG)(DT)(DT)(DG)(DG)(DG)(DG)(DC)(DT)(DC)(DG)(DG)(DC)(DG)(DC)(DT)(DC)(DG)(DC)(DT)
(DC)
;
H
3 'polydeoxyribonucleotide'
;(DG)(DA)(DG)(DC)(DG)(DA)(DG)(DC)(DG)(DC)(DC)(DG)(DA)(DG)(DC)(DC)(DC)(DC)(DA)(DA)
(DC)
;
I
#
loop_
_chem_comp.id
_chem_comp.type
_chem_comp.name
_chem_comp.formula
AGS non-polymer 'PHOSPHOTHIOPHOSPHORIC ACID-ADENYLATE ESTER' 'C10 H16 N5 O12 P3 S'
DA DNA linking 2'-DEOXYADENOSINE-5'-MONOPHOSPHATE 'C10 H14 N5 O6 P'
DC DNA linking 2'-DEOXYCYTIDINE-5'-MONOPHOSPHATE 'C9 H14 N3 O7 P'
DG DNA linking 2'-DEOXYGUANOSINE-5'-MONOPHOSPHATE 'C10 H14 N5 O7 P'
DT DNA linking THYMIDINE-5'-MONOPHOSPHATE 'C10 H15 N2 O8 P'
MG non-polymer 'MAGNESIUM ION' 'Mg 2'
#
# COMPACT_ATOMS: atom_id res chain seq x y z
N PRO A 215 -23.56 26.04 20.13
CA PRO A 215 -22.78 25.48 19.03
C PRO A 215 -23.60 24.55 18.15
N VAL A 216 -24.60 25.11 17.47
CA VAL A 216 -25.49 24.36 16.58
C VAL A 216 -25.28 24.87 15.17
N ILE A 217 -24.99 23.96 14.25
CA ILE A 217 -24.82 24.32 12.85
C ILE A 217 -26.21 24.41 12.22
N ARG A 218 -26.61 25.62 11.84
CA ARG A 218 -27.89 25.85 11.17
C ARG A 218 -27.60 26.02 9.68
N SER A 219 -28.14 25.12 8.87
CA SER A 219 -27.92 25.12 7.43
C SER A 219 -28.88 24.11 6.82
N LYS A 220 -28.77 23.91 5.51
CA LYS A 220 -29.62 22.93 4.84
C LYS A 220 -29.09 21.51 5.03
N THR A 221 -27.81 21.31 4.75
CA THR A 221 -27.22 19.98 4.94
C THR A 221 -27.31 19.55 6.40
N SER A 222 -27.11 20.49 7.32
CA SER A 222 -27.22 20.17 8.73
C SER A 222 -28.63 19.71 9.08
N ALA A 223 -29.65 20.42 8.58
CA ALA A 223 -31.03 20.03 8.85
C ALA A 223 -31.31 18.63 8.30
N ARG A 224 -30.88 18.37 7.07
CA ARG A 224 -31.12 17.06 6.48
C ARG A 224 -30.45 15.97 7.29
N TYR A 225 -29.21 16.21 7.71
CA TYR A 225 -28.48 15.18 8.47
C TYR A 225 -29.14 14.93 9.82
N MET A 226 -29.58 15.99 10.50
CA MET A 226 -30.26 15.81 11.77
C MET A 226 -31.54 15.00 11.59
N GLU A 227 -32.32 15.33 10.55
CA GLU A 227 -33.54 14.57 10.29
C GLU A 227 -33.22 13.11 10.01
N LEU A 228 -32.20 12.84 9.21
CA LEU A 228 -31.86 11.47 8.86
C LEU A 228 -31.49 10.68 10.10
N VAL A 229 -30.61 11.24 10.94
CA VAL A 229 -30.14 10.44 12.07
C VAL A 229 -31.25 10.28 13.11
N GLY A 230 -32.10 11.29 13.27
CA GLY A 230 -33.26 11.12 14.12
C GLY A 230 -34.14 9.99 13.64
N TRP A 231 -34.41 9.95 12.33
CA TRP A 231 -35.20 8.87 11.76
C TRP A 231 -34.55 7.52 12.01
N LEU A 232 -33.24 7.44 11.80
CA LEU A 232 -32.52 6.18 12.00
C LEU A 232 -32.66 5.70 13.44
N VAL A 233 -32.38 6.57 14.40
CA VAL A 233 -32.52 6.19 15.79
C VAL A 233 -33.97 5.87 16.13
N ASP A 234 -34.92 6.43 15.37
CA ASP A 234 -36.37 6.15 15.57
C ASP A 234 -36.66 4.73 15.09
N LYS A 235 -36.14 4.32 13.94
CA LYS A 235 -36.41 2.98 13.34
C LYS A 235 -35.43 1.94 13.88
N GLY A 236 -34.36 2.37 14.55
CA GLY A 236 -33.32 1.45 15.06
C GLY A 236 -32.52 0.85 13.91
N ILE A 237 -32.56 1.44 12.71
CA ILE A 237 -31.77 0.95 11.54
C ILE A 237 -30.30 1.23 11.86
N THR A 238 -29.41 0.26 11.68
CA THR A 238 -27.96 0.39 11.98
C THR A 238 -27.17 0.26 10.67
N SER A 239 -27.40 -0.80 9.87
CA SER A 239 -26.70 -1.02 8.61
C SER A 239 -27.64 -0.72 7.44
N GLU A 240 -27.04 -0.54 6.27
CA GLU A 240 -27.82 -0.15 5.10
C GLU A 240 -28.93 -1.17 4.81
N LYS A 241 -28.55 -2.45 4.70
CA LYS A 241 -29.49 -3.51 4.35
C LYS A 241 -30.84 -3.32 5.04
N GLN A 242 -30.81 -3.01 6.33
CA GLN A 242 -32.05 -2.72 7.04
C GLN A 242 -32.75 -1.52 6.43
N TRP A 243 -31.99 -0.48 6.10
CA TRP A 243 -32.55 0.70 5.45
C TRP A 243 -33.26 0.30 4.17
N ILE A 244 -32.58 -0.49 3.34
CA ILE A 244 -33.18 -0.96 2.09
C ILE A 244 -34.49 -1.64 2.37
N GLN A 245 -34.51 -2.51 3.37
CA GLN A 245 -35.74 -3.23 3.69
C GLN A 245 -36.82 -2.30 4.20
N GLU A 246 -36.45 -1.15 4.74
CA GLU A 246 -37.43 -0.21 5.30
C GLU A 246 -37.94 0.77 4.25
N ASP A 247 -37.04 1.43 3.52
CA ASP A 247 -37.45 2.40 2.51
C ASP A 247 -36.32 2.48 1.48
N GLN A 248 -36.52 1.85 0.32
CA GLN A 248 -35.48 1.80 -0.70
C GLN A 248 -35.27 3.16 -1.36
N ALA A 249 -36.35 3.91 -1.58
CA ALA A 249 -36.26 5.16 -2.32
C ALA A 249 -35.35 6.15 -1.60
N SER A 250 -35.45 6.22 -0.27
CA SER A 250 -34.57 7.10 0.48
C SER A 250 -33.11 6.71 0.26
N TYR A 251 -32.83 5.42 0.33
CA TYR A 251 -31.46 4.96 0.15
C TYR A 251 -30.91 5.38 -1.20
N ILE A 252 -31.66 5.11 -2.26
CA ILE A 252 -31.21 5.51 -3.59
C ILE A 252 -30.97 7.01 -3.57
N SER A 253 -32.05 7.76 -3.37
CA SER A 253 -32.00 9.21 -3.48
C SER A 253 -30.79 9.79 -2.75
N PHE A 254 -30.39 9.16 -1.65
CA PHE A 254 -29.18 9.62 -0.97
C PHE A 254 -27.92 9.14 -1.67
N ASN A 255 -27.94 7.96 -2.27
CA ASN A 255 -26.70 7.36 -2.78
C ASN A 255 -26.47 7.68 -4.24
N ALA A 256 -26.49 8.97 -4.61
CA ALA A 256 -26.20 9.36 -5.98
C ALA A 256 -24.93 10.21 -6.08
N ALA A 257 -24.91 11.34 -5.38
CA ALA A 257 -23.80 12.28 -5.52
C ALA A 257 -22.65 11.93 -4.59
N SER A 258 -21.51 12.61 -4.75
CA SER A 258 -20.34 12.38 -3.92
C SER A 258 -20.43 13.05 -2.56
N ASN A 259 -21.29 14.08 -2.41
CA ASN A 259 -21.48 14.71 -1.12
C ASN A 259 -22.34 13.87 -0.19
N SER A 260 -23.07 12.90 -0.73
CA SER A 260 -23.99 12.09 0.06
C SER A 260 -23.47 10.70 0.36
N ARG A 261 -22.59 10.16 -0.49
CA ARG A 261 -22.08 8.81 -0.27
C ARG A 261 -21.19 8.74 0.97
N SER A 262 -20.76 9.87 1.51
CA SER A 262 -20.12 9.91 2.82
C SER A 262 -21.09 10.24 3.93
N GLN A 263 -22.10 11.06 3.64
CA GLN A 263 -23.13 11.33 4.61
C GLN A 263 -23.80 10.04 5.06
N ILE A 264 -23.99 9.09 4.14
CA ILE A 264 -24.68 7.85 4.51
C ILE A 264 -23.86 7.08 5.55
N LYS A 265 -22.56 6.93 5.30
CA LYS A 265 -21.72 6.22 6.27
C LYS A 265 -21.69 6.95 7.60
N ALA A 266 -21.49 8.28 7.56
CA ALA A 266 -21.46 9.04 8.80
C ALA A 266 -22.77 8.93 9.55
N ALA A 267 -23.90 8.93 8.83
CA ALA A 267 -25.21 8.88 9.47
C ALA A 267 -25.43 7.53 10.12
N LEU A 268 -25.03 6.45 9.46
CA LEU A 268 -25.15 5.14 10.09
C LEU A 268 -24.31 5.08 11.36
N ASP A 269 -23.08 5.59 11.31
CA ASP A 269 -22.23 5.57 12.50
C ASP A 269 -22.84 6.39 13.63
N ASN A 270 -23.31 7.60 13.33
CA ASN A 270 -23.91 8.44 14.36
C ASN A 270 -25.18 7.82 14.91
N ALA A 271 -26.00 7.19 14.06
CA ALA A 271 -27.19 6.53 14.56
C ALA A 271 -26.80 5.43 15.53
N GLY A 272 -25.79 4.64 15.16
CA GLY A 272 -25.33 3.59 16.07
C GLY A 272 -24.89 4.14 17.41
N LYS A 273 -24.09 5.21 17.38
CA LYS A 273 -23.57 5.76 18.63
C LYS A 273 -24.69 6.34 19.49
N ILE A 274 -25.59 7.12 18.88
CA ILE A 274 -26.66 7.73 19.65
C ILE A 274 -27.53 6.66 20.28
N MET A 275 -27.91 5.65 19.50
CA MET A 275 -28.75 4.59 20.02
C MET A 275 -28.04 3.83 21.14
N SER A 276 -26.75 3.55 20.97
CA SER A 276 -26.02 2.79 21.98
C SER A 276 -25.91 3.56 23.28
N LEU A 277 -25.58 4.85 23.20
CA LEU A 277 -25.26 5.62 24.40
C LEU A 277 -26.46 6.32 25.03
N THR A 278 -27.61 6.36 24.37
CA THR A 278 -28.73 7.12 24.94
C THR A 278 -30.08 6.43 24.74
N LYS A 279 -30.10 5.10 24.60
CA LYS A 279 -31.37 4.42 24.38
C LYS A 279 -31.31 3.01 24.93
N THR A 280 -32.48 2.47 25.27
CA THR A 280 -32.64 1.16 25.86
C THR A 280 -33.69 0.36 25.09
N ALA A 281 -33.77 -0.94 25.41
CA ALA A 281 -34.62 -1.84 24.62
C ALA A 281 -36.09 -1.45 24.68
N PRO A 282 -36.69 -1.20 25.84
CA PRO A 282 -38.12 -0.88 25.88
C PRO A 282 -38.53 0.27 24.98
N ASP A 283 -37.55 1.05 24.50
CA ASP A 283 -37.87 2.13 23.58
C ASP A 283 -38.23 1.60 22.20
N TYR A 284 -37.47 0.63 21.68
CA TYR A 284 -37.73 0.05 20.37
C TYR A 284 -38.71 -1.11 20.41
N LEU A 285 -39.04 -1.63 21.59
CA LEU A 285 -39.98 -2.75 21.70
C LEU A 285 -41.41 -2.24 21.85
N VAL A 286 -41.67 -1.44 22.88
CA VAL A 286 -42.99 -0.87 23.07
C VAL A 286 -43.40 -0.13 21.80
N GLY A 287 -44.48 -0.56 21.17
CA GLY A 287 -44.92 0.06 19.93
C GLY A 287 -45.43 1.46 20.15
N GLN A 288 -46.11 2.04 19.15
CA GLN A 288 -46.63 3.38 19.26
C GLN A 288 -48.15 3.41 19.15
N GLN A 289 -48.68 2.84 18.08
CA GLN A 289 -50.11 2.98 17.81
C GLN A 289 -50.91 2.02 18.67
N PRO A 290 -52.00 2.47 19.30
CA PRO A 290 -52.79 1.57 20.14
C PRO A 290 -53.41 0.45 19.32
N VAL A 291 -53.65 -0.68 20.00
CA VAL A 291 -54.14 -1.90 19.37
C VAL A 291 -55.55 -2.17 19.88
N GLU A 292 -56.44 -2.51 18.95
CA GLU A 292 -57.84 -2.80 19.28
C GLU A 292 -58.09 -4.28 19.55
N ASP A 293 -57.28 -5.16 18.97
CA ASP A 293 -57.43 -6.61 19.13
C ASP A 293 -56.07 -7.23 19.37
N ILE A 294 -56.03 -8.24 20.24
CA ILE A 294 -54.79 -8.93 20.57
C ILE A 294 -54.95 -10.43 20.34
N SER A 295 -56.19 -10.88 20.19
CA SER A 295 -56.41 -12.30 19.93
C SER A 295 -55.66 -12.74 18.68
N SER A 296 -55.74 -11.92 17.62
CA SER A 296 -55.04 -12.23 16.38
C SER A 296 -53.53 -12.24 16.56
N ASN A 297 -53.01 -11.66 17.65
CA ASN A 297 -51.57 -11.68 17.87
C ASN A 297 -51.07 -13.11 17.90
N ARG A 298 -49.98 -13.36 17.17
CA ARG A 298 -49.50 -14.72 16.99
C ARG A 298 -48.90 -15.29 18.27
N ILE A 299 -48.04 -14.52 18.95
CA ILE A 299 -47.49 -14.99 20.22
C ILE A 299 -48.61 -15.20 21.22
N TYR A 300 -49.50 -14.22 21.33
CA TYR A 300 -50.70 -14.34 22.15
C TYR A 300 -51.29 -15.73 21.96
N LYS A 301 -51.61 -16.08 20.71
CA LYS A 301 -52.06 -17.43 20.43
C LYS A 301 -51.08 -18.46 20.98
N ILE A 302 -49.78 -18.21 20.79
CA ILE A 302 -48.77 -19.10 21.36
C ILE A 302 -48.75 -19.02 22.88
N LEU A 303 -49.40 -18.03 23.47
CA LEU A 303 -49.62 -18.00 24.90
C LEU A 303 -50.96 -18.63 25.28
N GLU A 304 -52.04 -18.16 24.65
CA GLU A 304 -53.36 -18.69 24.96
C GLU A 304 -53.45 -20.18 24.62
N LEU A 305 -52.94 -20.56 23.45
CA LEU A 305 -53.00 -21.95 23.03
C LEU A 305 -52.35 -22.85 24.07
N ASN A 306 -51.26 -22.38 24.68
CA ASN A 306 -50.58 -23.13 25.72
C ASN A 306 -50.98 -22.68 27.12
N GLY A 307 -52.14 -22.06 27.27
CA GLY A 307 -52.72 -21.82 28.57
C GLY A 307 -52.24 -20.56 29.27
N TYR A 308 -50.93 -20.29 29.21
CA TYR A 308 -50.38 -19.14 29.91
C TYR A 308 -51.22 -17.90 29.66
N ASP A 309 -51.73 -17.32 30.74
CA ASP A 309 -52.67 -16.21 30.61
C ASP A 309 -52.01 -15.09 29.81
N PRO A 310 -52.60 -14.66 28.70
CA PRO A 310 -51.96 -13.60 27.90
C PRO A 310 -51.72 -12.33 28.69
N GLN A 311 -52.78 -11.75 29.26
CA GLN A 311 -52.64 -10.48 29.96
C GLN A 311 -51.66 -10.59 31.13
N TYR A 312 -51.45 -11.80 31.66
CA TYR A 312 -50.46 -12.04 32.75
C TYR A 312 -49.11 -12.45 32.16
N ALA A 313 -49.02 -13.55 31.42
CA ALA A 313 -47.81 -13.99 30.69
C ALA A 313 -47.26 -12.85 29.84
N ALA A 314 -48.09 -12.04 29.17
CA ALA A 314 -47.56 -10.88 28.47
C ALA A 314 -46.95 -9.89 29.46
N SER A 315 -47.63 -9.67 30.58
CA SER A 315 -47.13 -8.77 31.60
C SER A 315 -45.79 -9.23 32.16
N VAL A 316 -45.44 -10.50 32.00
CA VAL A 316 -44.17 -11.01 32.48
C VAL A 316 -43.03 -10.34 31.74
N PHE A 317 -43.10 -10.36 30.41
CA PHE A 317 -42.00 -9.84 29.61
C PHE A 317 -41.78 -8.36 29.86
N LEU A 318 -42.86 -7.58 29.91
CA LEU A 318 -42.72 -6.14 30.03
C LEU A 318 -41.87 -5.78 31.24
N GLY A 319 -42.19 -6.36 32.39
CA GLY A 319 -41.34 -6.16 33.55
C GLY A 319 -39.92 -6.63 33.31
N TRP A 320 -39.75 -7.72 32.58
CA TRP A 320 -38.42 -8.12 32.12
C TRP A 320 -37.89 -7.15 31.07
N ALA A 321 -38.76 -6.60 30.24
CA ALA A 321 -38.31 -5.62 29.25
C ALA A 321 -37.79 -4.37 29.93
N THR A 322 -38.57 -3.81 30.86
CA THR A 322 -38.20 -2.60 31.58
C THR A 322 -37.29 -2.88 32.77
N LYS A 323 -36.80 -4.11 32.92
CA LYS A 323 -35.92 -4.47 34.02
C LYS A 323 -36.62 -4.33 35.36
N LYS A 324 -37.95 -4.47 35.36
CA LYS A 324 -38.74 -4.30 36.57
C LYS A 324 -38.56 -5.45 37.56
N PHE A 325 -37.95 -6.56 37.15
CA PHE A 325 -37.81 -7.74 38.00
C PHE A 325 -36.40 -7.88 38.54
N GLY A 326 -35.58 -6.83 38.41
CA GLY A 326 -34.27 -6.83 39.02
C GLY A 326 -33.45 -8.07 38.73
N LYS A 327 -33.22 -8.89 39.76
CA LYS A 327 -32.42 -10.10 39.60
C LYS A 327 -33.04 -11.08 38.62
N ARG A 328 -34.36 -11.08 38.49
CA ARG A 328 -35.03 -11.93 37.51
C ARG A 328 -35.15 -11.17 36.17
N ASN A 329 -33.99 -10.90 35.59
CA ASN A 329 -33.86 -10.13 34.37
C ASN A 329 -33.56 -11.01 33.16
N THR A 330 -34.17 -12.20 33.10
CA THR A 330 -33.96 -13.13 32.01
C THR A 330 -35.25 -13.89 31.76
N ILE A 331 -35.37 -14.45 30.55
CA ILE A 331 -36.54 -15.19 30.13
C ILE A 331 -36.12 -16.51 29.49
N TRP A 332 -36.86 -17.57 29.79
CA TRP A 332 -36.58 -18.90 29.27
C TRP A 332 -37.89 -19.47 28.74
N LEU A 333 -37.97 -19.66 27.43
CA LEU A 333 -39.12 -20.30 26.81
C LEU A 333 -38.89 -21.80 26.80
N PHE A 334 -39.88 -22.55 27.30
CA PHE A 334 -39.77 -23.99 27.47
C PHE A 334 -40.83 -24.68 26.63
N GLY A 335 -40.48 -25.85 26.09
CA GLY A 335 -41.38 -26.61 25.25
C GLY A 335 -40.64 -27.40 24.20
N PRO A 336 -41.32 -28.36 23.57
CA PRO A 336 -40.67 -29.16 22.52
C PRO A 336 -40.42 -28.35 21.26
N ALA A 337 -39.79 -28.98 20.27
CA ALA A 337 -39.53 -28.30 19.01
C ALA A 337 -40.85 -28.00 18.30
N THR A 338 -40.77 -27.09 17.33
CA THR A 338 -41.96 -26.63 16.61
C THR A 338 -43.00 -26.07 17.57
N THR A 339 -42.52 -25.31 18.57
CA THR A 339 -43.37 -24.67 19.56
C THR A 339 -43.13 -23.17 19.59
N GLY A 340 -42.58 -22.63 18.51
CA GLY A 340 -42.48 -21.20 18.34
C GLY A 340 -41.48 -20.53 19.27
N LYS A 341 -40.73 -21.32 20.02
CA LYS A 341 -39.75 -20.74 20.95
C LYS A 341 -38.78 -19.84 20.18
N THR A 342 -38.05 -20.43 19.22
CA THR A 342 -37.20 -19.62 18.35
C THR A 342 -38.02 -18.62 17.52
N ASN A 343 -39.29 -18.92 17.29
CA ASN A 343 -40.16 -17.95 16.65
C ASN A 343 -40.45 -16.77 17.58
N ILE A 344 -40.60 -17.04 18.87
CA ILE A 344 -40.80 -15.95 19.82
C ILE A 344 -39.48 -15.32 20.24
N ALA A 345 -38.37 -16.04 20.08
CA ALA A 345 -37.07 -15.47 20.41
C ALA A 345 -36.55 -14.62 19.26
N GLU A 346 -36.40 -15.22 18.08
CA GLU A 346 -35.84 -14.49 16.95
C GLU A 346 -36.58 -13.17 16.74
N ALA A 347 -37.92 -13.21 16.81
CA ALA A 347 -38.68 -11.98 16.70
C ALA A 347 -38.39 -11.04 17.86
N ILE A 348 -38.19 -11.60 19.06
CA ILE A 348 -37.82 -10.81 20.22
C ILE A 348 -36.31 -10.88 20.40
N ALA A 349 -35.60 -11.26 19.34
CA ALA A 349 -34.15 -11.19 19.30
C ALA A 349 -33.63 -10.31 18.18
N HIS A 350 -34.42 -10.09 17.13
CA HIS A 350 -34.07 -9.14 16.08
C HIS A 350 -34.75 -7.79 16.26
N THR A 351 -35.79 -7.72 17.09
CA THR A 351 -36.55 -6.49 17.22
C THR A 351 -35.65 -5.33 17.60
N VAL A 352 -34.85 -5.51 18.66
CA VAL A 352 -34.02 -4.43 19.17
C VAL A 352 -32.98 -4.07 18.11
N PRO A 353 -32.46 -2.85 18.09
CA PRO A 353 -31.49 -2.47 17.07
C PRO A 353 -30.25 -3.36 17.08
N PHE A 354 -29.57 -3.43 18.22
CA PHE A 354 -28.41 -4.28 18.37
C PHE A 354 -28.79 -5.44 19.29
N TYR A 355 -28.58 -6.67 18.81
CA TYR A 355 -28.89 -7.87 19.59
C TYR A 355 -27.68 -8.78 19.63
N GLY A 356 -27.54 -9.48 20.74
CA GLY A 356 -26.44 -10.42 20.94
C GLY A 356 -26.96 -11.84 21.04
N CYS A 357 -26.13 -12.79 20.62
CA CYS A 357 -26.45 -14.21 20.68
C CYS A 357 -25.41 -14.91 21.54
N VAL A 358 -25.87 -15.75 22.46
CA VAL A 358 -24.97 -16.46 23.36
C VAL A 358 -24.40 -17.67 22.62
N ASN A 359 -23.10 -17.64 22.34
CA ASN A 359 -22.42 -18.74 21.67
C ASN A 359 -21.90 -19.73 22.71
N TRP A 360 -22.84 -20.39 23.37
CA TRP A 360 -22.48 -21.35 24.42
C TRP A 360 -21.58 -22.44 23.91
N THR A 361 -21.62 -22.74 22.61
CA THR A 361 -20.71 -23.73 22.04
C THR A 361 -19.25 -23.31 22.14
N ASN A 362 -18.98 -22.01 22.13
CA ASN A 362 -17.62 -21.49 22.26
C ASN A 362 -17.35 -21.24 23.74
N GLU A 363 -16.60 -22.15 24.37
CA GLU A 363 -16.32 -22.03 25.79
C GLU A 363 -15.49 -20.79 26.09
N ASN A 364 -14.51 -20.48 25.23
CA ASN A 364 -13.60 -19.37 25.49
C ASN A 364 -14.36 -18.04 25.54
N PHE A 365 -15.17 -17.77 24.52
CA PHE A 365 -15.87 -16.48 24.39
C PHE A 365 -17.34 -16.76 24.07
N PRO A 366 -18.13 -17.18 25.06
CA PRO A 366 -19.54 -17.45 24.81
C PRO A 366 -20.38 -16.19 24.73
N PHE A 367 -20.02 -15.16 25.50
CA PHE A 367 -20.77 -13.91 25.55
C PHE A 367 -20.04 -12.79 24.80
N ASN A 368 -19.30 -13.14 23.76
CA ASN A 368 -18.55 -12.13 23.01
C ASN A 368 -19.49 -11.14 22.33
N ASP A 369 -20.59 -11.62 21.77
CA ASP A 369 -21.52 -10.78 21.02
C ASP A 369 -22.59 -10.16 21.90
N CYS A 370 -22.52 -10.35 23.22
CA CYS A 370 -23.50 -9.81 24.14
C CYS A 370 -23.14 -8.42 24.64
N VAL A 371 -22.08 -7.82 24.11
CA VAL A 371 -21.61 -6.52 24.55
C VAL A 371 -22.22 -5.44 23.67
N ASP A 372 -22.53 -4.29 24.27
CA ASP A 372 -23.09 -3.16 23.55
C ASP A 372 -24.35 -3.56 22.79
N LYS A 373 -25.23 -4.27 23.49
CA LYS A 373 -26.50 -4.72 22.94
C LYS A 373 -27.63 -4.23 23.85
N MET A 374 -28.87 -4.51 23.43
CA MET A 374 -30.04 -4.26 24.24
C MET A 374 -30.82 -5.53 24.55
N VAL A 375 -30.56 -6.64 23.86
CA VAL A 375 -31.14 -7.93 24.16
C VAL A 375 -30.11 -9.00 23.83
N ILE A 376 -30.20 -10.13 24.53
CA ILE A 376 -29.27 -11.24 24.35
C ILE A 376 -30.08 -12.49 24.08
N TRP A 377 -29.75 -13.18 22.98
CA TRP A 377 -30.46 -14.38 22.57
C TRP A 377 -29.69 -15.62 23.01
N TRP A 378 -30.40 -16.58 23.58
CA TRP A 378 -29.83 -17.89 23.91
C TRP A 378 -30.70 -18.95 23.24
N GLU A 379 -30.21 -19.47 22.11
CA GLU A 379 -30.94 -20.46 21.32
C GLU A 379 -30.48 -21.85 21.71
N GLU A 380 -31.43 -22.70 22.10
CA GLU A 380 -31.11 -24.07 22.53
C GLU A 380 -30.03 -24.05 23.61
N GLY A 381 -30.15 -23.10 24.53
CA GLY A 381 -29.11 -22.91 25.52
C GLY A 381 -28.90 -24.15 26.37
N LYS A 382 -27.64 -24.50 26.57
CA LYS A 382 -27.25 -25.57 27.49
C LYS A 382 -26.21 -25.01 28.45
N MET A 383 -26.42 -25.24 29.74
CA MET A 383 -25.59 -24.65 30.78
C MET A 383 -24.41 -25.57 31.11
N THR A 384 -23.21 -25.00 31.08
CA THR A 384 -22.00 -25.71 31.44
C THR A 384 -21.35 -25.07 32.66
N ALA A 385 -20.66 -25.89 33.45
CA ALA A 385 -20.04 -25.41 34.68
C ALA A 385 -19.00 -24.33 34.42
N LYS A 386 -18.40 -24.30 33.22
CA LYS A 386 -17.38 -23.30 32.93
C LYS A 386 -17.98 -21.90 32.86
N VAL A 387 -19.21 -21.77 32.39
CA VAL A 387 -19.85 -20.47 32.20
C VAL A 387 -20.97 -20.20 33.19
N VAL A 388 -21.21 -21.12 34.13
CA VAL A 388 -22.32 -20.94 35.07
C VAL A 388 -22.09 -19.68 35.90
N GLU A 389 -20.88 -19.47 36.39
CA GLU A 389 -20.58 -18.25 37.14
C GLU A 389 -20.73 -17.02 36.26
N SER A 390 -20.23 -17.08 35.03
CA SER A 390 -20.41 -15.97 34.09
C SER A 390 -21.88 -15.76 33.76
N ALA A 391 -22.61 -16.85 33.52
CA ALA A 391 -24.01 -16.73 33.15
C ALA A 391 -24.84 -16.12 34.27
N LYS A 392 -24.64 -16.58 35.50
CA LYS A 392 -25.45 -16.11 36.62
C LYS A 392 -25.39 -14.60 36.73
N ALA A 393 -24.20 -14.01 36.58
CA ALA A 393 -24.09 -12.56 36.57
C ALA A 393 -24.87 -11.96 35.41
N ILE A 394 -24.76 -12.56 34.22
CA ILE A 394 -25.51 -12.07 33.07
C ILE A 394 -26.99 -12.34 33.24
N LEU A 395 -27.34 -13.56 33.65
CA LEU A 395 -28.75 -13.92 33.79
C LEU A 395 -29.43 -13.12 34.89
N GLY A 396 -28.68 -12.64 35.88
CA GLY A 396 -29.24 -11.87 36.96
C GLY A 396 -29.36 -10.38 36.70
N GLY A 397 -29.02 -9.93 35.49
CA GLY A 397 -29.09 -8.51 35.19
C GLY A 397 -28.08 -7.67 35.93
N SER A 398 -27.01 -8.27 36.42
CA SER A 398 -25.97 -7.56 37.16
C SER A 398 -24.82 -7.22 36.23
N LYS A 399 -24.23 -6.03 36.42
CA LYS A 399 -23.10 -5.62 35.61
C LYS A 399 -21.95 -6.61 35.75
N VAL A 400 -21.38 -7.01 34.62
CA VAL A 400 -20.31 -7.98 34.59
C VAL A 400 -19.41 -7.70 33.39
N ARG A 401 -18.15 -8.11 33.51
CA ARG A 401 -17.16 -7.94 32.46
C ARG A 401 -16.85 -9.31 31.84
N VAL A 402 -16.91 -9.37 30.51
CA VAL A 402 -16.66 -10.60 29.77
C VAL A 402 -15.47 -10.38 28.85
N ASP A 403 -14.80 -11.47 28.50
CA ASP A 403 -13.65 -11.42 27.60
C ASP A 403 -14.12 -11.50 26.15
N GLN A 404 -13.62 -10.59 25.33
CA GLN A 404 -13.93 -10.56 23.91
C GLN A 404 -12.74 -11.04 23.10
N LYS A 405 -13.02 -11.76 22.02
CA LYS A 405 -11.95 -12.28 21.17
C LYS A 405 -11.25 -11.14 20.45
N CYS A 406 -9.93 -11.10 20.58
CA CYS A 406 -9.11 -10.05 19.95
C CYS A 406 -9.53 -8.66 20.42
N LYS A 407 -10.05 -8.56 21.64
CA LYS A 407 -10.47 -7.28 22.19
C LYS A 407 -10.34 -7.34 23.71
N SER A 408 -10.27 -6.15 24.31
CA SER A 408 -10.19 -6.05 25.76
C SER A 408 -11.54 -6.42 26.40
N SER A 409 -11.48 -6.83 27.66
CA SER A 409 -12.68 -7.20 28.38
C SER A 409 -13.66 -6.02 28.41
N ALA A 410 -14.93 -6.31 28.13
CA ALA A 410 -15.97 -5.30 28.08
C ALA A 410 -17.05 -5.61 29.09
N GLN A 411 -17.70 -4.56 29.58
CA GLN A 411 -18.75 -4.68 30.59
C GLN A 411 -20.11 -4.83 29.92
N ILE A 412 -20.88 -5.82 30.35
CA ILE A 412 -22.23 -6.04 29.85
C ILE A 412 -23.18 -5.43 30.87
N ASP A 413 -23.80 -4.31 30.50
CA ASP A 413 -24.76 -3.64 31.37
C ASP A 413 -26.01 -4.49 31.46
N PRO A 414 -26.86 -4.28 32.48
CA PRO A 414 -28.09 -5.08 32.58
C PRO A 414 -28.87 -5.11 31.29
N THR A 415 -28.95 -6.27 30.67
CA THR A 415 -29.62 -6.46 29.38
C THR A 415 -30.62 -7.61 29.51
N PRO A 416 -31.93 -7.34 29.49
CA PRO A 416 -32.89 -8.44 29.60
C PRO A 416 -32.62 -9.53 28.58
N VAL A 417 -32.25 -10.71 29.05
CA VAL A 417 -31.83 -11.81 28.19
C VAL A 417 -33.01 -12.74 27.96
N ILE A 418 -32.97 -13.46 26.85
CA ILE A 418 -34.02 -14.40 26.47
C ILE A 418 -33.37 -15.75 26.17
N VAL A 419 -34.00 -16.82 26.65
CA VAL A 419 -33.46 -18.17 26.54
C VAL A 419 -34.53 -19.08 25.94
N THR A 420 -34.11 -19.96 25.03
CA THR A 420 -34.97 -20.99 24.47
C THR A 420 -34.21 -22.30 24.52
N SER A 421 -34.75 -23.27 25.27
CA SER A 421 -34.14 -24.59 25.36
C SER A 421 -35.14 -25.63 25.87
N ASN A 422 -35.44 -26.62 25.03
CA ASN A 422 -36.35 -27.68 25.46
C ASN A 422 -35.75 -28.49 26.61
N THR A 423 -34.45 -28.36 26.86
CA THR A 423 -33.85 -28.97 28.03
C THR A 423 -34.12 -28.11 29.26
N ASN A 424 -33.56 -28.51 30.40
CA ASN A 424 -33.71 -27.79 31.65
C ASN A 424 -32.50 -26.89 31.85
N MET A 425 -32.73 -25.59 31.93
CA MET A 425 -31.66 -24.63 32.16
C MET A 425 -31.12 -24.68 33.58
N CYS A 426 -31.84 -25.30 34.52
CA CYS A 426 -31.38 -25.40 35.89
C CYS A 426 -30.31 -26.48 36.08
N ALA A 427 -30.07 -27.30 35.05
CA ALA A 427 -29.11 -28.41 35.14
C ALA A 427 -27.79 -27.97 34.51
N VAL A 428 -26.73 -28.02 35.29
CA VAL A 428 -25.39 -27.69 34.81
C VAL A 428 -24.73 -28.96 34.31
N ILE A 429 -24.19 -28.91 33.10
CA ILE A 429 -23.55 -30.05 32.46
C ILE A 429 -22.04 -29.89 32.56
N ASP A 430 -21.36 -30.87 33.15
CA ASP A 430 -19.92 -30.85 33.32
C ASP A 430 -19.37 -32.20 32.85
N GLY A 431 -18.86 -32.24 31.64
CA GLY A 431 -18.33 -33.48 31.11
C GLY A 431 -19.43 -34.52 31.02
N ASN A 432 -19.24 -35.65 31.70
CA ASN A 432 -20.22 -36.73 31.73
C ASN A 432 -21.11 -36.66 32.97
N SER A 433 -21.03 -35.57 33.74
CA SER A 433 -21.80 -35.42 34.96
C SER A 433 -22.67 -34.17 34.86
N THR A 434 -23.87 -34.26 35.45
CA THR A 434 -24.81 -33.15 35.50
C THR A 434 -25.13 -32.86 36.96
N THR A 435 -25.02 -31.59 37.34
CA THR A 435 -25.25 -31.16 38.71
C THR A 435 -26.35 -30.11 38.76
N PHE A 436 -27.16 -30.15 39.82
CA PHE A 436 -28.24 -29.21 40.05
C PHE A 436 -27.92 -28.22 41.17
N GLU A 437 -26.65 -28.07 41.53
CA GLU A 437 -26.29 -27.16 42.61
C GLU A 437 -26.64 -25.72 42.28
N HIS A 438 -26.73 -25.37 41.00
CA HIS A 438 -27.05 -24.01 40.57
C HIS A 438 -28.49 -23.88 40.09
N GLN A 439 -29.34 -24.88 40.40
CA GLN A 439 -30.74 -24.81 39.99
C GLN A 439 -31.43 -23.59 40.61
N GLN A 440 -31.53 -23.56 41.93
CA GLN A 440 -32.19 -22.44 42.59
C GLN A 440 -31.53 -21.11 42.23
N PRO A 441 -30.20 -20.97 42.24
CA PRO A 441 -29.60 -19.75 41.72
C PRO A 441 -30.06 -19.43 40.31
N LEU A 442 -30.21 -20.45 39.47
CA LEU A 442 -30.73 -20.24 38.13
C LEU A 442 -32.25 -20.15 38.08
N GLN A 443 -32.95 -20.55 39.15
CA GLN A 443 -34.39 -20.38 39.21
C GLN A 443 -34.80 -19.00 39.74
N ASP A 444 -33.87 -18.26 40.33
CA ASP A 444 -34.16 -16.94 40.88
C ASP A 444 -33.86 -15.82 39.90
N ARG A 445 -33.39 -16.15 38.69
CA ARG A 445 -32.88 -15.13 37.72
C ARG A 445 -33.71 -15.06 36.44
N MET A 446 -34.76 -15.88 36.30
CA MET A 446 -35.54 -15.89 35.04
C MET A 446 -36.91 -16.54 35.23
N PHE A 447 -37.87 -16.22 34.34
CA PHE A 447 -39.22 -16.85 34.35
C PHE A 447 -39.11 -18.14 33.53
N LYS A 448 -40.23 -18.84 33.27
CA LYS A 448 -40.19 -20.08 32.50
C LYS A 448 -41.59 -20.37 31.96
N PHE A 449 -41.71 -20.49 30.65
CA PHE A 449 -42.97 -20.80 29.99
C PHE A 449 -42.84 -22.14 29.26
N GLU A 450 -43.68 -23.10 29.63
CA GLU A 450 -43.71 -24.39 28.94
C GLU A 450 -44.76 -24.33 27.84
N LEU A 451 -44.30 -24.31 26.59
CA LEU A 451 -45.19 -24.30 25.42
C LEU A 451 -45.26 -25.73 24.90
N THR A 452 -46.22 -26.50 25.42
CA THR A 452 -46.37 -27.88 24.97
C THR A 452 -46.95 -27.96 23.57
N ARG A 453 -47.98 -27.17 23.29
CA ARG A 453 -48.72 -27.31 22.04
C ARG A 453 -47.85 -27.02 20.83
N ARG A 454 -47.62 -28.04 20.01
CA ARG A 454 -46.91 -27.84 18.75
C ARG A 454 -47.73 -26.96 17.82
N LEU A 455 -47.05 -26.15 17.03
CA LEU A 455 -47.68 -25.19 16.14
C LEU A 455 -47.95 -25.82 14.78
N ASP A 456 -48.98 -25.30 14.10
CA ASP A 456 -49.33 -25.78 12.78
C ASP A 456 -48.28 -25.37 11.75
N HIS A 457 -48.27 -26.09 10.63
CA HIS A 457 -47.31 -25.82 9.57
C HIS A 457 -47.59 -24.51 8.83
N ASP A 458 -48.76 -23.91 9.04
CA ASP A 458 -49.15 -22.69 8.33
C ASP A 458 -49.18 -21.47 9.23
N PHE A 459 -48.83 -21.62 10.52
CA PHE A 459 -48.82 -20.48 11.43
C PHE A 459 -47.64 -19.56 11.15
N GLY A 460 -46.53 -20.11 10.66
CA GLY A 460 -45.43 -19.27 10.21
C GLY A 460 -44.68 -18.60 11.34
N LYS A 461 -43.92 -17.57 10.96
CA LYS A 461 -43.08 -16.83 11.90
C LYS A 461 -43.87 -15.70 12.53
N VAL A 462 -43.18 -14.86 13.31
CA VAL A 462 -43.77 -13.71 13.97
C VAL A 462 -43.12 -12.46 13.37
N THR A 463 -43.92 -11.63 12.71
CA THR A 463 -43.39 -10.42 12.10
C THR A 463 -43.11 -9.38 13.16
N LYS A 464 -42.19 -8.46 12.85
CA LYS A 464 -41.85 -7.40 13.79
C LYS A 464 -43.10 -6.69 14.28
N GLN A 465 -44.04 -6.43 13.38
CA GLN A 465 -45.26 -5.75 13.80
C GLN A 465 -46.02 -6.57 14.82
N GLU A 466 -46.07 -7.89 14.63
CA GLU A 466 -46.73 -8.76 15.60
C GLU A 466 -46.04 -8.75 16.96
N VAL A 467 -44.79 -8.28 17.02
CA VAL A 467 -44.09 -8.17 18.28
C VAL A 467 -44.49 -6.85 18.94
N LYS A 468 -44.20 -5.74 18.26
CA LYS A 468 -44.40 -4.43 18.86
C LYS A 468 -45.84 -4.25 19.32
N ASP A 469 -46.80 -4.50 18.43
CA ASP A 469 -48.20 -4.32 18.77
C ASP A 469 -48.57 -5.08 20.04
N PHE A 470 -47.96 -6.25 20.23
CA PHE A 470 -48.19 -7.01 21.45
C PHE A 470 -47.75 -6.22 22.68
N PHE A 471 -46.60 -5.56 22.60
CA PHE A 471 -46.13 -4.80 23.75
C PHE A 471 -47.00 -3.58 23.99
N ARG A 472 -47.32 -2.84 22.92
CA ARG A 472 -48.23 -1.71 23.08
C ARG A 472 -49.52 -2.15 23.74
N TRP A 473 -49.98 -3.37 23.44
CA TRP A 473 -51.13 -3.94 24.14
C TRP A 473 -50.75 -4.44 25.53
N ALA A 474 -49.51 -4.88 25.71
CA ALA A 474 -49.05 -5.34 27.01
C ALA A 474 -48.68 -4.20 27.95
N LYS A 475 -48.65 -2.96 27.44
CA LYS A 475 -48.46 -1.81 28.29
C LYS A 475 -49.77 -1.13 28.68
N ASP A 476 -50.84 -1.39 27.95
CA ASP A 476 -52.16 -0.84 28.25
C ASP A 476 -53.06 -1.81 29.01
N HIS A 477 -52.57 -3.01 29.32
CA HIS A 477 -53.33 -4.01 30.06
C HIS A 477 -52.47 -4.61 31.16
N VAL A 478 -51.72 -3.75 31.86
CA VAL A 478 -50.77 -4.22 32.85
C VAL A 478 -51.51 -4.81 34.05
N VAL A 479 -50.98 -5.91 34.58
CA VAL A 479 -51.50 -6.54 35.78
C VAL A 479 -50.32 -6.90 36.68
N GLU A 480 -50.60 -7.05 37.97
CA GLU A 480 -49.55 -7.36 38.94
C GLU A 480 -48.96 -8.73 38.65
N VAL A 481 -47.64 -8.81 38.59
CA VAL A 481 -46.93 -10.05 38.31
C VAL A 481 -46.18 -10.47 39.57
N GLU A 482 -45.98 -11.77 39.71
CA GLU A 482 -45.32 -12.35 40.87
C GLU A 482 -43.83 -12.55 40.59
N HIS A 483 -43.06 -12.60 41.67
CA HIS A 483 -41.60 -12.69 41.61
C HIS A 483 -41.11 -14.13 41.69
N GLU A 484 -41.97 -15.09 41.37
CA GLU A 484 -41.62 -16.50 41.48
C GLU A 484 -40.74 -16.93 40.32
N PHE A 485 -40.21 -18.15 40.42
CA PHE A 485 -39.46 -18.73 39.32
C PHE A 485 -40.39 -19.12 38.17
N TYR A 486 -41.32 -20.03 38.43
CA TYR A 486 -42.25 -20.47 37.40
C TYR A 486 -43.29 -19.39 37.13
N VAL A 487 -43.99 -19.57 36.01
CA VAL A 487 -45.15 -18.76 35.68
C VAL A 487 -46.40 -19.59 35.99
N LYS A 488 -47.51 -18.89 36.19
CA LYS A 488 -48.80 -19.52 36.42
C LYS A 488 -49.61 -19.56 35.13
N LYS A 489 -50.32 -20.66 34.93
CA LYS A 489 -51.18 -20.83 33.76
C LYS A 489 -52.62 -20.48 34.12
N GLY A 490 -53.30 -19.83 33.18
CA GLY A 490 -54.68 -19.45 33.39
C GLY A 490 -55.60 -20.65 33.49
N GLY A 491 -56.16 -20.89 34.68
CA GLY A 491 -57.04 -22.02 34.89
C GLY A 491 -58.29 -21.95 34.04
N ALA B 214 -39.64 8.91 5.84
CA ALA B 214 -38.18 8.85 5.56
C ALA B 214 -37.76 9.98 4.62
N PRO B 215 -36.47 10.28 4.58
CA PRO B 215 -35.99 11.36 3.71
C PRO B 215 -35.59 10.89 2.33
N VAL B 216 -35.96 11.69 1.33
CA VAL B 216 -35.63 11.41 -0.07
C VAL B 216 -35.11 12.71 -0.68
N ILE B 217 -33.91 12.66 -1.23
CA ILE B 217 -33.34 13.83 -1.90
C ILE B 217 -33.90 13.93 -3.31
N ARG B 218 -34.28 15.14 -3.72
CA ARG B 218 -34.84 15.38 -5.05
C ARG B 218 -34.00 16.44 -5.75
N SER B 219 -33.16 15.99 -6.67
CA SER B 219 -32.34 16.89 -7.48
C SER B 219 -32.17 16.27 -8.86
N LYS B 220 -31.56 17.04 -9.76
CA LYS B 220 -31.42 16.59 -11.14
C LYS B 220 -30.63 15.29 -11.22
N THR B 221 -29.52 15.20 -10.48
CA THR B 221 -28.76 13.96 -10.45
C THR B 221 -29.58 12.84 -9.82
N SER B 222 -30.37 13.16 -8.80
CA SER B 222 -31.12 12.14 -8.09
C SER B 222 -32.13 11.44 -8.99
N ALA B 223 -32.85 12.21 -9.82
CA ALA B 223 -33.84 11.59 -10.69
C ALA B 223 -33.19 10.63 -11.67
N ARG B 224 -32.07 11.05 -12.28
CA ARG B 224 -31.38 10.18 -13.21
C ARG B 224 -30.90 8.91 -12.53
N TYR B 225 -30.34 9.05 -11.32
CA TYR B 225 -29.84 7.87 -10.62
C TYR B 225 -30.98 6.93 -10.26
N MET B 226 -32.11 7.47 -9.83
CA MET B 226 -33.26 6.63 -9.52
C MET B 226 -33.73 5.88 -10.76
N GLU B 227 -33.83 6.57 -11.89
CA GLU B 227 -34.22 5.92 -13.13
C GLU B 227 -33.26 4.80 -13.47
N LEU B 228 -31.95 5.06 -13.34
CA LEU B 228 -30.97 4.05 -13.70
C LEU B 228 -31.09 2.82 -12.81
N VAL B 229 -31.26 3.03 -11.49
CA VAL B 229 -31.28 1.86 -10.62
C VAL B 229 -32.55 1.07 -10.86
N GLY B 230 -33.68 1.74 -11.10
CA GLY B 230 -34.89 1.02 -11.45
C GLY B 230 -34.72 0.21 -12.73
N TRP B 231 -34.14 0.83 -13.75
CA TRP B 231 -33.87 0.13 -15.01
C TRP B 231 -32.99 -1.08 -14.79
N LEU B 232 -31.96 -0.94 -13.96
CA LEU B 232 -31.06 -2.04 -13.70
C LEU B 232 -31.79 -3.19 -12.99
N VAL B 233 -32.54 -2.87 -11.94
CA VAL B 233 -33.25 -3.92 -11.21
C VAL B 233 -34.26 -4.62 -12.12
N ASP B 234 -34.90 -3.86 -13.01
CA ASP B 234 -35.90 -4.43 -13.91
C ASP B 234 -35.27 -5.35 -14.94
N LYS B 235 -34.39 -4.80 -15.79
CA LYS B 235 -33.85 -5.58 -16.89
C LYS B 235 -33.06 -6.79 -16.42
N GLY B 236 -32.61 -6.79 -15.17
CA GLY B 236 -31.73 -7.83 -14.69
C GLY B 236 -30.27 -7.60 -14.95
N ILE B 237 -29.83 -6.35 -15.10
CA ILE B 237 -28.46 -6.05 -15.46
C ILE B 237 -27.59 -6.00 -14.21
N THR B 238 -27.12 -7.16 -13.77
CA THR B 238 -26.35 -7.23 -12.53
C THR B 238 -24.98 -6.59 -12.67
N SER B 239 -24.33 -6.76 -13.81
CA SER B 239 -22.98 -6.26 -14.02
C SER B 239 -22.93 -5.41 -15.27
N GLU B 240 -21.76 -4.78 -15.49
CA GLU B 240 -21.59 -3.87 -16.61
C GLU B 240 -21.75 -4.61 -17.94
N LYS B 241 -20.89 -5.59 -18.18
CA LYS B 241 -20.83 -6.29 -19.45
C LYS B 241 -22.23 -6.57 -19.98
N GLN B 242 -23.14 -6.99 -19.10
CA GLN B 242 -24.52 -7.14 -19.52
C GLN B 242 -25.11 -5.81 -19.93
N TRP B 243 -24.71 -4.72 -19.27
CA TRP B 243 -25.15 -3.40 -19.67
C TRP B 243 -24.70 -3.11 -21.10
N ILE B 244 -23.46 -3.47 -21.43
CA ILE B 244 -22.98 -3.30 -22.80
C ILE B 244 -23.84 -4.12 -23.75
N GLN B 245 -24.12 -5.37 -23.38
CA GLN B 245 -24.83 -6.26 -24.28
C GLN B 245 -26.29 -5.87 -24.45
N GLU B 246 -26.84 -5.06 -23.53
CA GLU B 246 -28.24 -4.66 -23.60
C GLU B 246 -28.44 -3.27 -24.18
N ASP B 247 -27.56 -2.32 -23.88
CA ASP B 247 -27.56 -1.03 -24.57
C ASP B 247 -26.17 -0.41 -24.49
N GLN B 248 -25.42 -0.50 -25.59
CA GLN B 248 -24.07 0.03 -25.60
C GLN B 248 -24.05 1.53 -25.45
N ALA B 249 -25.07 2.21 -25.97
CA ALA B 249 -25.08 3.67 -25.93
C ALA B 249 -25.03 4.16 -24.49
N SER B 250 -25.81 3.54 -23.61
CA SER B 250 -25.85 3.99 -22.23
C SER B 250 -24.49 3.86 -21.56
N TYR B 251 -23.78 2.76 -21.81
CA TYR B 251 -22.49 2.56 -21.17
C TYR B 251 -21.45 3.53 -21.71
N ILE B 252 -21.36 3.61 -23.04
CA ILE B 252 -20.42 4.53 -23.68
C ILE B 252 -20.71 5.96 -23.24
N SER B 253 -21.94 6.24 -22.82
CA SER B 253 -22.27 7.58 -22.35
C SER B 253 -21.83 7.76 -20.91
N PHE B 254 -22.25 6.86 -20.03
CA PHE B 254 -21.97 7.01 -18.60
C PHE B 254 -20.49 6.91 -18.29
N ASN B 255 -19.67 6.38 -19.20
CA ASN B 255 -18.24 6.27 -18.93
C ASN B 255 -17.48 7.55 -19.25
N ALA B 256 -18.14 8.59 -19.77
CA ALA B 256 -17.44 9.76 -20.26
C ALA B 256 -16.67 10.52 -19.18
N ALA B 257 -17.38 11.13 -18.23
CA ALA B 257 -16.76 12.05 -17.29
C ALA B 257 -16.39 11.37 -15.97
N SER B 258 -15.82 12.13 -15.04
CA SER B 258 -15.42 11.60 -13.75
C SER B 258 -16.56 11.61 -12.73
N ASN B 259 -17.65 12.32 -13.00
CA ASN B 259 -18.81 12.26 -12.13
C ASN B 259 -19.69 11.05 -12.41
N SER B 260 -19.60 10.48 -13.62
CA SER B 260 -20.36 9.30 -13.98
C SER B 260 -19.58 8.01 -13.82
N ARG B 261 -18.25 8.08 -13.89
CA ARG B 261 -17.42 6.89 -13.78
C ARG B 261 -17.44 6.29 -12.38
N SER B 262 -17.97 7.02 -11.39
CA SER B 262 -18.26 6.46 -10.08
C SER B 262 -19.74 6.19 -9.90
N GLN B 263 -20.59 6.99 -10.55
CA GLN B 263 -22.01 6.71 -10.57
C GLN B 263 -22.28 5.31 -11.09
N ILE B 264 -21.50 4.85 -12.07
CA ILE B 264 -21.71 3.51 -12.62
C ILE B 264 -21.49 2.46 -11.55
N LYS B 265 -20.36 2.53 -10.85
CA LYS B 265 -20.05 1.50 -9.87
C LYS B 265 -21.02 1.53 -8.70
N ALA B 266 -21.37 2.73 -8.24
CA ALA B 266 -22.34 2.83 -7.15
C ALA B 266 -23.69 2.27 -7.58
N ALA B 267 -24.13 2.60 -8.78
CA ALA B 267 -25.40 2.10 -9.28
C ALA B 267 -25.40 0.59 -9.36
N LEU B 268 -24.29 0.01 -9.84
CA LEU B 268 -24.25 -1.44 -9.92
C LEU B 268 -24.27 -2.08 -8.55
N ASP B 269 -23.54 -1.52 -7.59
CA ASP B 269 -23.59 -2.07 -6.24
C ASP B 269 -25.00 -2.04 -5.69
N ASN B 270 -25.65 -0.88 -5.77
CA ASN B 270 -27.01 -0.76 -5.25
C ASN B 270 -27.96 -1.71 -5.98
N ALA B 271 -27.84 -1.81 -7.30
CA ALA B 271 -28.74 -2.66 -8.06
C ALA B 271 -28.56 -4.12 -7.71
N GLY B 272 -27.32 -4.58 -7.63
CA GLY B 272 -27.06 -5.96 -7.26
C GLY B 272 -27.63 -6.27 -5.89
N LYS B 273 -27.40 -5.36 -4.94
CA LYS B 273 -27.91 -5.58 -3.59
C LYS B 273 -29.43 -5.67 -3.59
N ILE B 274 -30.09 -4.62 -4.10
CA ILE B 274 -31.54 -4.49 -4.04
C ILE B 274 -32.19 -5.67 -4.74
N MET B 275 -31.61 -6.10 -5.86
CA MET B 275 -32.20 -7.23 -6.59
C MET B 275 -31.95 -8.54 -5.87
N SER B 276 -30.67 -8.87 -5.63
CA SER B 276 -30.32 -10.16 -5.04
C SER B 276 -31.11 -10.40 -3.76
N LEU B 277 -31.09 -9.45 -2.84
CA LEU B 277 -31.99 -9.52 -1.71
C LEU B 277 -33.33 -8.90 -2.11
N THR B 278 -34.24 -8.79 -1.12
CA THR B 278 -35.54 -8.08 -1.26
C THR B 278 -36.23 -8.29 -2.62
N LYS B 279 -36.20 -9.51 -3.19
CA LYS B 279 -36.99 -9.78 -4.40
C LYS B 279 -37.03 -11.28 -4.62
N THR B 280 -38.08 -11.75 -5.30
CA THR B 280 -38.37 -13.17 -5.42
C THR B 280 -38.00 -13.67 -6.81
N ALA B 281 -37.37 -14.85 -6.85
CA ALA B 281 -36.85 -15.42 -8.10
C ALA B 281 -37.84 -15.43 -9.25
N PRO B 282 -39.10 -15.84 -9.07
CA PRO B 282 -40.02 -15.83 -10.20
C PRO B 282 -40.09 -14.48 -10.90
N ASP B 283 -39.70 -13.42 -10.20
CA ASP B 283 -39.85 -12.07 -10.74
C ASP B 283 -39.08 -11.87 -12.05
N TYR B 284 -38.24 -12.82 -12.44
CA TYR B 284 -37.58 -12.77 -13.75
C TYR B 284 -37.71 -14.09 -14.50
N LEU B 285 -38.63 -14.96 -14.08
CA LEU B 285 -38.98 -16.14 -14.85
C LEU B 285 -40.34 -16.04 -15.51
N VAL B 286 -41.24 -15.23 -14.98
CA VAL B 286 -42.52 -14.96 -15.62
C VAL B 286 -42.41 -13.64 -16.38
N GLY B 287 -42.63 -13.69 -17.69
CA GLY B 287 -42.50 -12.51 -18.52
C GLY B 287 -43.74 -11.64 -18.53
N GLN B 288 -43.84 -10.72 -19.49
CA GLN B 288 -44.95 -9.78 -19.55
C GLN B 288 -45.85 -10.04 -20.76
N GLN B 289 -45.31 -10.06 -21.96
CA GLN B 289 -46.13 -10.16 -23.17
C GLN B 289 -46.62 -11.60 -23.36
N PRO B 290 -47.93 -11.84 -23.48
CA PRO B 290 -48.42 -13.22 -23.53
C PRO B 290 -47.88 -13.99 -24.72
N VAL B 291 -47.95 -15.32 -24.61
CA VAL B 291 -47.39 -16.23 -25.61
C VAL B 291 -48.53 -16.88 -26.37
N GLU B 292 -48.56 -16.67 -27.69
CA GLU B 292 -49.55 -17.30 -28.54
C GLU B 292 -49.13 -18.72 -28.92
N ASP B 293 -48.01 -18.83 -29.63
CA ASP B 293 -47.53 -20.11 -30.15
C ASP B 293 -46.29 -20.52 -29.35
N ILE B 294 -46.48 -21.42 -28.39
CA ILE B 294 -45.38 -21.89 -27.56
C ILE B 294 -44.67 -23.10 -28.17
N SER B 295 -45.31 -23.80 -29.10
CA SER B 295 -44.69 -24.99 -29.67
C SER B 295 -43.31 -24.70 -30.21
N SER B 296 -43.12 -23.52 -30.82
CA SER B 296 -41.81 -23.16 -31.34
C SER B 296 -40.76 -23.14 -30.23
N ASN B 297 -41.18 -22.94 -28.99
CA ASN B 297 -40.25 -22.98 -27.87
C ASN B 297 -39.56 -24.34 -27.82
N ARG B 298 -38.24 -24.32 -27.69
CA ARG B 298 -37.48 -25.56 -27.65
C ARG B 298 -37.89 -26.41 -26.47
N ILE B 299 -38.06 -25.79 -25.30
CA ILE B 299 -38.43 -26.54 -24.11
C ILE B 299 -39.71 -27.32 -24.36
N TYR B 300 -40.70 -26.67 -24.98
CA TYR B 300 -41.91 -27.38 -25.37
C TYR B 300 -41.58 -28.60 -26.21
N LYS B 301 -40.56 -28.48 -27.08
CA LYS B 301 -40.11 -29.63 -27.85
C LYS B 301 -39.32 -30.61 -27.00
N ILE B 302 -38.50 -30.09 -26.07
CA ILE B 302 -37.70 -30.98 -25.22
C ILE B 302 -38.60 -31.84 -24.35
N LEU B 303 -39.58 -31.22 -23.69
CA LEU B 303 -40.50 -31.97 -22.84
C LEU B 303 -41.39 -32.88 -23.69
N GLU B 304 -41.90 -32.37 -24.80
CA GLU B 304 -42.74 -33.18 -25.67
C GLU B 304 -41.96 -34.37 -26.23
N LEU B 305 -40.67 -34.18 -26.49
CA LEU B 305 -39.86 -35.27 -27.04
C LEU B 305 -39.76 -36.45 -26.09
N ASN B 306 -39.67 -36.19 -24.78
CA ASN B 306 -39.58 -37.23 -23.77
C ASN B 306 -40.94 -37.57 -23.17
N GLY B 307 -42.00 -37.43 -23.96
CA GLY B 307 -43.32 -37.87 -23.54
C GLY B 307 -43.84 -37.16 -22.32
N TYR B 308 -43.29 -35.99 -22.01
CA TYR B 308 -43.74 -35.20 -20.87
C TYR B 308 -44.86 -34.27 -21.33
N ASP B 309 -46.06 -34.45 -20.76
CA ASP B 309 -47.21 -33.61 -21.08
C ASP B 309 -46.80 -32.15 -20.97
N PRO B 310 -46.74 -31.40 -22.07
CA PRO B 310 -46.21 -30.03 -21.99
C PRO B 310 -46.90 -29.16 -20.95
N GLN B 311 -48.22 -29.31 -20.78
CA GLN B 311 -48.91 -28.48 -19.81
C GLN B 311 -48.66 -28.94 -18.38
N TYR B 312 -48.52 -30.25 -18.15
CA TYR B 312 -48.30 -30.74 -16.79
C TYR B 312 -46.95 -30.30 -16.25
N ALA B 313 -45.88 -30.58 -17.00
CA ALA B 313 -44.55 -30.19 -16.53
C ALA B 313 -44.46 -28.69 -16.33
N ALA B 314 -44.93 -27.93 -17.33
CA ALA B 314 -44.91 -26.47 -17.20
C ALA B 314 -45.61 -26.03 -15.93
N SER B 315 -46.74 -26.66 -15.60
CA SER B 315 -47.37 -26.41 -14.32
C SER B 315 -46.46 -26.84 -13.17
N VAL B 316 -45.80 -27.98 -13.32
CA VAL B 316 -44.83 -28.41 -12.31
C VAL B 316 -43.68 -27.41 -12.25
N PHE B 317 -43.27 -26.87 -13.40
CA PHE B 317 -42.18 -25.91 -13.40
C PHE B 317 -42.52 -24.68 -12.58
N LEU B 318 -43.72 -24.14 -12.78
CA LEU B 318 -44.11 -22.93 -12.08
C LEU B 318 -44.10 -23.15 -10.57
N GLY B 319 -44.66 -24.28 -10.13
CA GLY B 319 -44.73 -24.55 -8.70
C GLY B 319 -43.35 -24.66 -8.05
N TRP B 320 -42.43 -25.34 -8.73
CA TRP B 320 -41.08 -25.47 -8.21
C TRP B 320 -40.43 -24.11 -8.05
N ALA B 321 -40.61 -23.23 -9.03
CA ALA B 321 -40.04 -21.88 -8.95
C ALA B 321 -40.67 -21.09 -7.81
N THR B 322 -41.99 -21.21 -7.63
CA THR B 322 -42.70 -20.45 -6.61
C THR B 322 -42.66 -21.11 -5.25
N LYS B 323 -41.96 -22.24 -5.10
CA LYS B 323 -41.90 -23.00 -3.85
C LYS B 323 -43.26 -23.53 -3.43
N LYS B 324 -44.23 -23.54 -4.34
CA LYS B 324 -45.55 -24.08 -4.05
C LYS B 324 -45.47 -25.56 -3.69
N PHE B 325 -44.47 -26.28 -4.19
CA PHE B 325 -44.31 -27.70 -3.88
C PHE B 325 -43.40 -27.90 -2.68
N GLY B 326 -43.72 -27.18 -1.61
CA GLY B 326 -43.24 -27.49 -0.27
C GLY B 326 -41.84 -28.05 -0.18
N LYS B 327 -41.72 -29.19 0.52
CA LYS B 327 -40.41 -29.82 0.69
C LYS B 327 -39.86 -30.35 -0.62
N ARG B 328 -40.72 -30.55 -1.62
CA ARG B 328 -40.28 -31.06 -2.92
C ARG B 328 -39.67 -29.90 -3.74
N ASN B 329 -38.62 -29.32 -3.16
CA ASN B 329 -37.99 -28.12 -3.72
C ASN B 329 -36.75 -28.52 -4.52
N THR B 330 -37.00 -29.16 -5.66
CA THR B 330 -35.92 -29.53 -6.58
C THR B 330 -36.46 -30.10 -7.88
N ILE B 331 -35.76 -29.85 -8.98
CA ILE B 331 -36.05 -30.46 -10.27
C ILE B 331 -34.79 -31.21 -10.70
N TRP B 332 -34.92 -32.52 -10.87
CA TRP B 332 -33.80 -33.39 -11.22
C TRP B 332 -33.98 -33.84 -12.67
N LEU B 333 -33.32 -33.13 -13.58
CA LEU B 333 -33.26 -33.56 -14.98
C LEU B 333 -32.23 -34.68 -15.06
N PHE B 334 -32.69 -35.89 -15.35
CA PHE B 334 -31.86 -37.08 -15.26
C PHE B 334 -31.75 -37.77 -16.61
N GLY B 335 -30.63 -38.44 -16.82
CA GLY B 335 -30.39 -39.18 -18.04
C GLY B 335 -28.97 -39.01 -18.54
N PRO B 336 -28.72 -39.45 -19.77
CA PRO B 336 -27.40 -39.25 -20.37
C PRO B 336 -27.24 -37.82 -20.86
N ALA B 337 -26.03 -37.51 -21.31
CA ALA B 337 -25.74 -36.18 -21.83
C ALA B 337 -26.41 -35.99 -23.19
N THR B 338 -26.49 -34.73 -23.62
CA THR B 338 -27.07 -34.38 -24.91
C THR B 338 -28.54 -34.80 -24.98
N THR B 339 -29.28 -34.50 -23.90
CA THR B 339 -30.72 -34.78 -23.85
C THR B 339 -31.50 -33.59 -23.30
N GLY B 340 -30.93 -32.39 -23.36
CA GLY B 340 -31.58 -31.19 -22.88
C GLY B 340 -31.30 -30.82 -21.44
N LYS B 341 -30.69 -31.73 -20.67
CA LYS B 341 -30.44 -31.45 -19.26
C LYS B 341 -29.53 -30.23 -19.10
N THR B 342 -28.40 -30.22 -19.80
CA THR B 342 -27.53 -29.05 -19.77
C THR B 342 -28.22 -27.84 -20.36
N ASN B 343 -28.95 -28.03 -21.46
CA ASN B 343 -29.59 -26.91 -22.13
C ASN B 343 -30.60 -26.22 -21.20
N ILE B 344 -31.53 -27.01 -20.66
CA ILE B 344 -32.60 -26.44 -19.80
C ILE B 344 -31.97 -25.78 -18.58
N ALA B 345 -31.28 -26.56 -17.73
CA ALA B 345 -30.67 -26.00 -16.50
C ALA B 345 -30.03 -24.65 -16.84
N GLU B 346 -29.02 -24.65 -17.71
CA GLU B 346 -28.33 -23.39 -18.11
C GLU B 346 -29.39 -22.35 -18.48
N ALA B 347 -30.26 -22.65 -19.46
CA ALA B 347 -31.24 -21.63 -19.89
C ALA B 347 -31.99 -21.07 -18.68
N ILE B 348 -32.36 -21.93 -17.72
CA ILE B 348 -33.17 -21.48 -16.55
C ILE B 348 -32.25 -20.86 -15.49
N ALA B 349 -31.12 -21.50 -15.20
CA ALA B 349 -30.19 -20.99 -14.19
C ALA B 349 -29.66 -19.62 -14.59
N HIS B 350 -29.24 -19.45 -15.84
CA HIS B 350 -28.80 -18.14 -16.31
C HIS B 350 -29.94 -17.14 -16.36
N THR B 351 -31.19 -17.60 -16.38
CA THR B 351 -32.30 -16.68 -16.55
C THR B 351 -32.41 -15.71 -15.38
N VAL B 352 -32.22 -16.18 -14.16
CA VAL B 352 -32.44 -15.36 -12.97
C VAL B 352 -31.27 -14.42 -12.75
N PRO B 353 -31.48 -13.28 -12.10
CA PRO B 353 -30.38 -12.36 -11.84
C PRO B 353 -29.13 -13.01 -11.26
N PHE B 354 -29.28 -13.73 -10.16
CA PHE B 354 -28.17 -14.37 -9.47
C PHE B 354 -28.41 -15.87 -9.35
N TYR B 355 -27.35 -16.65 -9.59
CA TYR B 355 -27.43 -18.10 -9.48
C TYR B 355 -26.06 -18.64 -9.09
N GLY B 356 -26.05 -19.86 -8.56
CA GLY B 356 -24.83 -20.50 -8.16
C GLY B 356 -24.80 -21.95 -8.61
N CYS B 357 -23.59 -22.52 -8.56
CA CYS B 357 -23.35 -23.90 -8.96
C CYS B 357 -22.82 -24.66 -7.75
N VAL B 358 -23.59 -25.62 -7.26
CA VAL B 358 -23.20 -26.42 -6.11
C VAL B 358 -21.86 -27.06 -6.40
N ASN B 359 -20.86 -26.75 -5.57
CA ASN B 359 -19.51 -27.29 -5.73
C ASN B 359 -19.36 -28.54 -4.86
N TRP B 360 -20.04 -29.61 -5.29
CA TRP B 360 -20.01 -30.86 -4.55
C TRP B 360 -18.59 -31.41 -4.45
N THR B 361 -17.73 -31.07 -5.40
CA THR B 361 -16.34 -31.53 -5.36
C THR B 361 -15.62 -31.02 -4.12
N ASN B 362 -15.98 -29.81 -3.66
CA ASN B 362 -15.37 -29.23 -2.46
C ASN B 362 -16.21 -29.64 -1.26
N GLU B 363 -15.68 -30.56 -0.44
CA GLU B 363 -16.42 -31.05 0.70
C GLU B 363 -16.53 -30.01 1.81
N ASN B 364 -15.55 -29.12 1.92
CA ASN B 364 -15.54 -28.16 3.02
C ASN B 364 -16.70 -27.17 2.90
N PHE B 365 -16.86 -26.56 1.73
CA PHE B 365 -17.88 -25.54 1.49
C PHE B 365 -18.60 -25.85 0.19
N PRO B 366 -19.35 -26.96 0.14
CA PRO B 366 -20.07 -27.29 -1.10
C PRO B 366 -21.09 -26.25 -1.50
N PHE B 367 -21.73 -25.57 -0.53
CA PHE B 367 -22.76 -24.59 -0.81
C PHE B 367 -22.29 -23.16 -0.56
N ASN B 368 -21.00 -22.89 -0.79
CA ASN B 368 -20.47 -21.55 -0.54
C ASN B 368 -21.16 -20.53 -1.42
N ASP B 369 -21.35 -20.84 -2.70
CA ASP B 369 -21.96 -19.91 -3.66
C ASP B 369 -23.46 -20.14 -3.80
N CYS B 370 -24.10 -20.74 -2.79
CA CYS B 370 -25.53 -20.99 -2.82
C CYS B 370 -26.31 -20.01 -1.95
N VAL B 371 -25.66 -18.97 -1.45
CA VAL B 371 -26.30 -17.98 -0.58
C VAL B 371 -26.82 -16.83 -1.44
N ASP B 372 -28.07 -16.43 -1.19
CA ASP B 372 -28.69 -15.32 -1.92
C ASP B 372 -28.67 -15.59 -3.42
N LYS B 373 -28.94 -16.83 -3.79
CA LYS B 373 -28.98 -17.24 -5.18
C LYS B 373 -30.42 -17.54 -5.56
N MET B 374 -30.98 -16.70 -6.43
CA MET B 374 -32.37 -16.86 -6.84
C MET B 374 -32.63 -18.20 -7.51
N VAL B 375 -31.58 -18.91 -7.94
CA VAL B 375 -31.70 -20.27 -8.45
C VAL B 375 -30.38 -20.97 -8.21
N ILE B 376 -30.46 -22.25 -7.83
CA ILE B 376 -29.29 -23.07 -7.57
C ILE B 376 -29.29 -24.21 -8.57
N TRP B 377 -28.19 -24.34 -9.32
CA TRP B 377 -28.04 -25.37 -10.34
C TRP B 377 -26.98 -26.36 -9.87
N TRP B 378 -27.42 -27.57 -9.51
CA TRP B 378 -26.50 -28.64 -9.13
C TRP B 378 -26.07 -29.35 -10.40
N GLU B 379 -24.98 -28.89 -10.99
CA GLU B 379 -24.48 -29.44 -12.25
C GLU B 379 -23.77 -30.76 -12.00
N GLU B 380 -24.23 -31.82 -12.67
CA GLU B 380 -23.61 -33.13 -12.58
C GLU B 380 -23.41 -33.52 -11.12
N GLY B 381 -24.47 -33.32 -10.33
CA GLY B 381 -24.36 -33.52 -8.90
C GLY B 381 -24.07 -34.96 -8.54
N LYS B 382 -23.24 -35.16 -7.51
CA LYS B 382 -22.97 -36.47 -6.93
C LYS B 382 -22.98 -36.27 -5.41
N MET B 383 -24.17 -36.44 -4.82
CA MET B 383 -24.33 -36.20 -3.39
C MET B 383 -23.50 -37.19 -2.59
N THR B 384 -22.77 -36.68 -1.60
CA THR B 384 -21.90 -37.48 -0.75
C THR B 384 -22.49 -37.57 0.66
N ALA B 385 -21.93 -38.49 1.44
CA ALA B 385 -22.39 -38.66 2.81
C ALA B 385 -22.12 -37.44 3.67
N LYS B 386 -21.09 -36.64 3.34
CA LYS B 386 -20.78 -35.45 4.12
C LYS B 386 -21.75 -34.31 3.84
N VAL B 387 -22.46 -34.33 2.70
CA VAL B 387 -23.36 -33.26 2.31
C VAL B 387 -24.81 -33.71 2.24
N VAL B 388 -25.11 -34.96 2.57
CA VAL B 388 -26.48 -35.45 2.45
C VAL B 388 -27.40 -34.68 3.39
N GLU B 389 -26.97 -34.47 4.64
CA GLU B 389 -27.82 -33.81 5.61
C GLU B 389 -28.10 -32.36 5.20
N SER B 390 -27.03 -31.63 4.86
CA SER B 390 -27.22 -30.23 4.44
C SER B 390 -28.00 -30.15 3.14
N ALA B 391 -27.78 -31.08 2.22
CA ALA B 391 -28.50 -31.05 0.94
C ALA B 391 -29.99 -31.21 1.15
N LYS B 392 -30.40 -32.10 2.06
CA LYS B 392 -31.82 -32.33 2.29
C LYS B 392 -32.52 -31.06 2.73
N ALA B 393 -31.90 -30.31 3.65
CA ALA B 393 -32.50 -29.05 4.08
C ALA B 393 -32.61 -28.07 2.92
N ILE B 394 -31.54 -27.95 2.12
CA ILE B 394 -31.58 -27.08 0.95
C ILE B 394 -32.54 -27.66 -0.08
N LEU B 395 -32.30 -28.91 -0.48
CA LEU B 395 -33.19 -29.56 -1.44
C LEU B 395 -34.63 -29.55 -0.95
N GLY B 396 -34.82 -29.57 0.38
CA GLY B 396 -36.14 -29.41 0.95
C GLY B 396 -36.61 -27.98 1.05
N GLY B 397 -35.76 -27.02 0.71
CA GLY B 397 -36.13 -25.62 0.81
C GLY B 397 -36.22 -25.12 2.24
N SER B 398 -35.62 -25.81 3.19
CA SER B 398 -35.68 -25.43 4.59
C SER B 398 -34.52 -24.49 4.93
N LYS B 399 -34.80 -23.51 5.78
CA LYS B 399 -33.77 -22.56 6.18
C LYS B 399 -32.65 -23.28 6.93
N VAL B 400 -31.43 -23.18 6.41
CA VAL B 400 -30.28 -23.85 6.99
C VAL B 400 -29.09 -22.91 6.90
N ARG B 401 -28.19 -23.03 7.87
CA ARG B 401 -26.96 -22.24 7.91
C ARG B 401 -25.82 -23.04 7.31
N VAL B 402 -25.08 -22.41 6.39
CA VAL B 402 -23.97 -23.06 5.71
C VAL B 402 -22.71 -22.24 5.96
N ASP B 403 -21.57 -22.92 5.93
CA ASP B 403 -20.27 -22.28 6.14
C ASP B 403 -19.74 -21.73 4.83
N GLN B 404 -19.24 -20.50 4.88
CA GLN B 404 -18.65 -19.84 3.72
C GLN B 404 -17.16 -19.67 3.92
N LYS B 405 -16.41 -19.84 2.83
CA LYS B 405 -14.96 -19.72 2.90
C LYS B 405 -14.57 -18.28 3.20
N CYS B 406 -13.74 -18.09 4.23
CA CYS B 406 -13.28 -16.77 4.64
C CYS B 406 -14.45 -15.84 4.99
N LYS B 407 -15.55 -16.42 5.45
CA LYS B 407 -16.72 -15.63 5.83
C LYS B 407 -17.49 -16.38 6.91
N SER B 408 -18.31 -15.63 7.65
CA SER B 408 -19.14 -16.22 8.68
C SER B 408 -20.26 -17.04 8.06
N SER B 409 -20.78 -18.00 8.84
CA SER B 409 -21.86 -18.86 8.37
C SER B 409 -23.07 -18.02 7.99
N ALA B 410 -23.68 -18.34 6.85
CA ALA B 410 -24.84 -17.61 6.35
C ALA B 410 -26.01 -18.58 6.19
N GLN B 411 -27.21 -18.03 6.27
CA GLN B 411 -28.44 -18.79 6.17
C GLN B 411 -28.95 -18.79 4.73
N ILE B 412 -29.42 -19.94 4.27
CA ILE B 412 -29.99 -20.10 2.94
C ILE B 412 -31.50 -20.14 3.11
N ASP B 413 -32.16 -19.04 2.78
CA ASP B 413 -33.61 -18.98 2.81
C ASP B 413 -34.16 -19.99 1.82
N PRO B 414 -35.45 -20.34 1.88
CA PRO B 414 -36.00 -21.32 0.93
C PRO B 414 -35.66 -20.93 -0.51
N THR B 415 -34.84 -21.74 -1.17
CA THR B 415 -34.33 -21.45 -2.50
C THR B 415 -34.55 -22.64 -3.41
N PRO B 416 -35.19 -22.47 -4.57
CA PRO B 416 -35.36 -23.61 -5.49
C PRO B 416 -34.03 -24.22 -5.88
N VAL B 417 -34.07 -25.38 -6.52
CA VAL B 417 -32.89 -26.06 -7.02
C VAL B 417 -33.20 -26.62 -8.40
N ILE B 418 -32.15 -26.96 -9.13
CA ILE B 418 -32.27 -27.71 -10.38
C ILE B 418 -31.04 -28.58 -10.51
N VAL B 419 -31.24 -29.90 -10.63
CA VAL B 419 -30.16 -30.88 -10.59
C VAL B 419 -30.10 -31.57 -11.94
N THR B 420 -28.93 -31.51 -12.59
CA THR B 420 -28.68 -32.21 -13.84
C THR B 420 -27.52 -33.18 -13.61
N SER B 421 -27.78 -34.47 -13.83
CA SER B 421 -26.76 -35.48 -13.62
C SER B 421 -27.13 -36.73 -14.40
N ASN B 422 -26.13 -37.58 -14.61
CA ASN B 422 -26.32 -38.88 -15.25
C ASN B 422 -26.16 -40.03 -14.27
N THR B 423 -26.13 -39.75 -12.97
CA THR B 423 -26.06 -40.77 -11.93
C THR B 423 -27.23 -40.59 -10.98
N ASN B 424 -27.57 -41.67 -10.28
CA ASN B 424 -28.71 -41.66 -9.37
C ASN B 424 -28.35 -40.84 -8.13
N MET B 425 -29.13 -39.77 -7.87
CA MET B 425 -28.90 -38.94 -6.71
C MET B 425 -29.38 -39.58 -5.42
N CYS B 426 -30.27 -40.58 -5.50
CA CYS B 426 -30.76 -41.26 -4.32
C CYS B 426 -29.70 -42.11 -3.64
N ALA B 427 -28.56 -42.32 -4.29
CA ALA B 427 -27.47 -43.13 -3.75
C ALA B 427 -26.46 -42.23 -3.05
N VAL B 428 -26.02 -42.64 -1.87
CA VAL B 428 -25.03 -41.91 -1.09
C VAL B 428 -23.67 -42.52 -1.37
N ILE B 429 -22.76 -41.71 -1.92
CA ILE B 429 -21.42 -42.16 -2.24
C ILE B 429 -20.50 -41.81 -1.06
N ASP B 430 -20.05 -42.84 -0.35
CA ASP B 430 -19.16 -42.69 0.81
C ASP B 430 -17.96 -43.59 0.57
N GLY B 431 -16.88 -43.03 0.03
CA GLY B 431 -15.70 -43.81 -0.29
C GLY B 431 -15.99 -44.88 -1.33
N ASN B 432 -15.67 -46.13 -1.00
CA ASN B 432 -15.89 -47.25 -1.91
C ASN B 432 -17.23 -47.94 -1.68
N SER B 433 -18.07 -47.41 -0.79
CA SER B 433 -19.36 -48.00 -0.46
C SER B 433 -20.48 -47.06 -0.85
N THR B 434 -21.61 -47.65 -1.24
CA THR B 434 -22.80 -46.91 -1.64
C THR B 434 -23.97 -47.39 -0.81
N THR B 435 -24.72 -46.43 -0.23
CA THR B 435 -25.87 -46.75 0.61
C THR B 435 -27.07 -45.91 0.18
N PHE B 436 -28.25 -46.54 0.18
CA PHE B 436 -29.49 -45.87 -0.17
C PHE B 436 -30.34 -45.55 1.06
N GLU B 437 -29.71 -45.43 2.23
CA GLU B 437 -30.48 -45.21 3.46
C GLU B 437 -31.33 -43.95 3.37
N HIS B 438 -30.76 -42.87 2.82
CA HIS B 438 -31.47 -41.61 2.67
C HIS B 438 -32.31 -41.56 1.39
N GLN B 439 -32.61 -42.72 0.78
CA GLN B 439 -33.32 -42.72 -0.50
C GLN B 439 -34.71 -42.11 -0.36
N GLN B 440 -35.49 -42.61 0.61
CA GLN B 440 -36.88 -42.16 0.71
C GLN B 440 -36.99 -40.67 1.03
N PRO B 441 -36.29 -40.13 2.03
CA PRO B 441 -36.40 -38.68 2.27
C PRO B 441 -35.98 -37.86 1.06
N LEU B 442 -34.93 -38.28 0.35
CA LEU B 442 -34.47 -37.52 -0.81
C LEU B 442 -35.53 -37.48 -1.89
N GLN B 443 -36.15 -38.63 -2.19
CA GLN B 443 -37.18 -38.67 -3.21
C GLN B 443 -38.45 -37.94 -2.79
N ASP B 444 -38.57 -37.58 -1.52
CA ASP B 444 -39.66 -36.73 -1.05
C ASP B 444 -39.32 -35.25 -1.18
N ARG B 445 -38.13 -34.91 -1.69
CA ARG B 445 -37.71 -33.53 -1.84
C ARG B 445 -37.41 -33.13 -3.27
N MET B 446 -37.58 -34.04 -4.23
CA MET B 446 -37.21 -33.76 -5.61
C MET B 446 -38.28 -34.29 -6.56
N PHE B 447 -38.30 -33.71 -7.75
CA PHE B 447 -39.01 -34.26 -8.90
C PHE B 447 -37.99 -34.91 -9.83
N LYS B 448 -38.51 -35.74 -10.75
CA LYS B 448 -37.65 -36.46 -11.69
C LYS B 448 -38.22 -36.31 -13.10
N PHE B 449 -37.59 -35.46 -13.90
CA PHE B 449 -37.88 -35.34 -15.33
C PHE B 449 -36.78 -36.10 -16.07
N GLU B 450 -36.95 -37.43 -16.13
CA GLU B 450 -35.96 -38.26 -16.82
C GLU B 450 -35.99 -37.97 -18.30
N LEU B 451 -34.85 -37.52 -18.84
CA LEU B 451 -34.70 -37.23 -20.26
C LEU B 451 -33.72 -38.24 -20.84
N THR B 452 -34.22 -39.10 -21.73
CA THR B 452 -33.41 -40.12 -22.39
C THR B 452 -33.15 -39.81 -23.85
N ARG B 453 -34.11 -39.19 -24.54
CA ARG B 453 -33.95 -38.91 -25.96
C ARG B 453 -32.76 -37.99 -26.19
N ARG B 454 -32.04 -38.23 -27.28
CA ARG B 454 -30.89 -37.42 -27.65
C ARG B 454 -31.33 -36.33 -28.63
N LEU B 455 -30.80 -35.12 -28.42
CA LEU B 455 -31.14 -33.98 -29.25
C LEU B 455 -30.25 -33.92 -30.49
N ASP B 456 -30.75 -33.25 -31.52
CA ASP B 456 -30.00 -33.09 -32.75
C ASP B 456 -28.84 -32.11 -32.56
N HIS B 457 -27.80 -32.28 -33.38
CA HIS B 457 -26.63 -31.41 -33.29
C HIS B 457 -26.99 -29.97 -33.59
N ASP B 458 -28.01 -29.74 -34.42
CA ASP B 458 -28.43 -28.41 -34.80
C ASP B 458 -29.60 -27.90 -33.96
N PHE B 459 -29.88 -28.57 -32.83
CA PHE B 459 -30.98 -28.13 -31.98
C PHE B 459 -30.75 -26.72 -31.45
N GLY B 460 -29.52 -26.43 -31.03
CA GLY B 460 -29.17 -25.12 -30.55
C GLY B 460 -29.53 -24.90 -29.09
N LYS B 461 -28.98 -23.85 -28.52
CA LYS B 461 -29.24 -23.49 -27.13
C LYS B 461 -30.58 -22.76 -27.01
N VAL B 462 -31.14 -22.82 -25.82
CA VAL B 462 -32.39 -22.14 -25.50
C VAL B 462 -32.06 -20.72 -25.04
N THR B 463 -32.92 -19.77 -25.43
CA THR B 463 -32.66 -18.35 -25.08
C THR B 463 -33.49 -17.95 -23.85
N LYS B 464 -33.03 -16.96 -23.09
CA LYS B 464 -33.86 -16.46 -21.96
C LYS B 464 -35.16 -15.93 -22.56
N GLN B 465 -35.10 -15.38 -23.78
CA GLN B 465 -36.34 -14.92 -24.45
C GLN B 465 -37.30 -16.12 -24.50
N GLU B 466 -36.81 -17.28 -24.93
CA GLU B 466 -37.67 -18.48 -25.05
C GLU B 466 -38.07 -18.95 -23.64
N VAL B 467 -37.11 -18.98 -22.72
CA VAL B 467 -37.38 -19.42 -21.32
C VAL B 467 -38.48 -18.52 -20.75
N LYS B 468 -38.33 -17.20 -20.89
CA LYS B 468 -39.38 -16.26 -20.42
C LYS B 468 -40.73 -16.76 -20.96
N ASP B 469 -40.82 -16.93 -22.28
CA ASP B 469 -42.08 -17.37 -22.93
C ASP B 469 -42.59 -18.64 -22.24
N PHE B 470 -41.71 -19.64 -22.05
CA PHE B 470 -42.13 -20.89 -21.44
C PHE B 470 -42.79 -20.64 -20.09
N PHE B 471 -42.03 -20.08 -19.15
CA PHE B 471 -42.58 -19.85 -17.82
C PHE B 471 -43.75 -18.87 -17.84
N ARG B 472 -43.82 -17.99 -18.83
CA ARG B 472 -45.01 -17.17 -18.99
C ARG B 472 -46.19 -18.02 -19.46
N TRP B 473 -45.94 -18.91 -20.42
CA TRP B 473 -46.99 -19.83 -20.85
C TRP B 473 -47.48 -20.69 -19.69
N ALA B 474 -46.59 -21.02 -18.75
CA ALA B 474 -46.99 -21.80 -17.59
C ALA B 474 -48.06 -21.09 -16.80
N LYS B 475 -47.84 -19.81 -16.49
CA LYS B 475 -48.82 -19.04 -15.73
C LYS B 475 -50.15 -18.95 -16.47
N ASP B 476 -50.14 -19.01 -17.80
CA ASP B 476 -51.36 -19.01 -18.58
C ASP B 476 -51.89 -20.42 -18.83
N HIS B 477 -51.13 -21.45 -18.49
CA HIS B 477 -51.54 -22.84 -18.72
C HIS B 477 -51.19 -23.70 -17.51
N VAL B 478 -51.47 -23.19 -16.32
CA VAL B 478 -51.30 -23.99 -15.11
C VAL B 478 -52.38 -25.07 -15.06
N VAL B 479 -52.06 -26.16 -14.36
CA VAL B 479 -53.00 -27.24 -14.12
C VAL B 479 -52.67 -27.87 -12.79
N GLU B 480 -53.65 -28.58 -12.22
CA GLU B 480 -53.45 -29.23 -10.93
C GLU B 480 -52.28 -30.22 -11.03
N VAL B 481 -51.45 -30.23 -9.99
CA VAL B 481 -50.23 -31.01 -9.97
C VAL B 481 -50.14 -31.75 -8.65
N GLU B 482 -49.39 -32.85 -8.65
CA GLU B 482 -49.22 -33.72 -7.49
C GLU B 482 -47.80 -33.60 -6.95
N HIS B 483 -47.53 -34.36 -5.90
CA HIS B 483 -46.25 -34.28 -5.19
C HIS B 483 -45.62 -35.66 -5.05
N GLU B 484 -45.53 -36.41 -6.13
CA GLU B 484 -44.84 -37.69 -6.14
C GLU B 484 -43.36 -37.47 -6.47
N PHE B 485 -42.64 -38.53 -6.77
CA PHE B 485 -41.22 -38.43 -7.07
C PHE B 485 -40.93 -38.47 -8.55
N TYR B 486 -41.69 -39.23 -9.32
CA TYR B 486 -41.44 -39.39 -10.76
C TYR B 486 -42.55 -38.67 -11.51
N VAL B 487 -42.15 -37.76 -12.41
CA VAL B 487 -43.12 -37.02 -13.20
C VAL B 487 -43.79 -37.96 -14.19
N LYS B 488 -45.12 -37.94 -14.22
CA LYS B 488 -45.86 -38.78 -15.14
C LYS B 488 -45.67 -38.30 -16.57
N LYS B 489 -45.54 -39.26 -17.49
CA LYS B 489 -45.39 -38.98 -18.91
C LYS B 489 -46.73 -39.16 -19.62
N GLY B 490 -47.06 -38.20 -20.48
CA GLY B 490 -48.30 -38.24 -21.23
C GLY B 490 -48.43 -39.49 -22.08
N GLY B 491 -49.35 -40.37 -21.70
CA GLY B 491 -49.57 -41.62 -22.43
C GLY B 491 -49.99 -41.39 -23.86
N PRO C 215 -31.65 5.33 -20.12
CA PRO C 215 -30.59 6.10 -19.47
C PRO C 215 -29.48 6.49 -20.43
N VAL C 216 -29.58 7.68 -21.02
CA VAL C 216 -28.58 8.17 -21.98
C VAL C 216 -28.14 9.54 -21.51
N ILE C 217 -26.85 9.69 -21.20
CA ILE C 217 -26.28 10.98 -20.88
C ILE C 217 -25.79 11.61 -22.19
N ARG C 218 -26.30 12.79 -22.51
CA ARG C 218 -25.94 13.50 -23.73
C ARG C 218 -25.35 14.85 -23.38
N SER C 219 -24.20 15.15 -23.99
CA SER C 219 -23.51 16.41 -23.75
C SER C 219 -22.35 16.48 -24.73
N LYS C 220 -21.69 17.64 -24.78
CA LYS C 220 -20.55 17.80 -25.67
C LYS C 220 -19.47 16.78 -25.36
N THR C 221 -19.13 16.64 -24.07
CA THR C 221 -18.14 15.64 -23.68
C THR C 221 -18.63 14.24 -23.99
N SER C 222 -19.90 13.96 -23.67
CA SER C 222 -20.45 12.64 -23.97
C SER C 222 -20.45 12.38 -25.47
N ALA C 223 -20.83 13.36 -26.28
CA ALA C 223 -20.86 13.17 -27.72
C ALA C 223 -19.47 12.91 -28.27
N ARG C 224 -18.49 13.71 -27.85
CA ARG C 224 -17.12 13.50 -28.32
C ARG C 224 -16.60 12.14 -27.89
N TYR C 225 -16.90 11.72 -26.67
CA TYR C 225 -16.45 10.42 -26.21
C TYR C 225 -17.08 9.30 -27.02
N MET C 226 -18.38 9.42 -27.32
CA MET C 226 -19.05 8.40 -28.12
C MET C 226 -18.46 8.34 -29.52
N GLU C 227 -18.15 9.51 -30.10
CA GLU C 227 -17.49 9.54 -31.39
C GLU C 227 -16.15 8.84 -31.33
N LEU C 228 -15.35 9.12 -30.30
CA LEU C 228 -14.06 8.48 -30.19
C LEU C 228 -14.19 6.97 -30.07
N VAL C 229 -15.17 6.50 -29.29
CA VAL C 229 -15.24 5.06 -29.07
C VAL C 229 -15.77 4.37 -30.32
N GLY C 230 -16.71 4.99 -31.02
CA GLY C 230 -17.08 4.46 -32.32
C GLY C 230 -15.90 4.36 -33.26
N TRP C 231 -15.11 5.44 -33.33
CA TRP C 231 -13.86 5.44 -34.07
C TRP C 231 -13.02 4.23 -33.71
N LEU C 232 -12.69 4.10 -32.42
CA LEU C 232 -11.76 3.06 -31.99
C LEU C 232 -12.28 1.67 -32.32
N VAL C 233 -13.56 1.42 -32.04
CA VAL C 233 -14.11 0.11 -32.35
C VAL C 233 -14.15 -0.13 -33.84
N ASP C 234 -14.25 0.93 -34.65
CA ASP C 234 -14.28 0.76 -36.10
C ASP C 234 -12.90 0.42 -36.65
N LYS C 235 -11.86 1.09 -36.16
CA LYS C 235 -10.51 0.88 -36.64
C LYS C 235 -9.75 -0.19 -35.87
N GLY C 236 -10.39 -0.87 -34.92
CA GLY C 236 -9.74 -1.93 -34.19
C GLY C 236 -8.51 -1.46 -33.45
N ILE C 237 -8.71 -0.63 -32.43
CA ILE C 237 -7.62 -0.11 -31.60
C ILE C 237 -7.80 -0.65 -30.20
N THR C 238 -6.72 -1.22 -29.66
CA THR C 238 -6.77 -1.86 -28.35
C THR C 238 -5.58 -1.52 -27.47
N SER C 239 -4.62 -0.75 -27.96
CA SER C 239 -3.49 -0.31 -27.16
C SER C 239 -2.99 1.00 -27.74
N GLU C 240 -2.29 1.77 -26.90
CA GLU C 240 -1.91 3.12 -27.28
C GLU C 240 -0.99 3.10 -28.51
N LYS C 241 0.02 2.23 -28.49
CA LYS C 241 0.95 2.12 -29.60
C LYS C 241 0.21 2.08 -30.93
N GLN C 242 -0.83 1.25 -31.02
CA GLN C 242 -1.62 1.20 -32.24
C GLN C 242 -2.27 2.53 -32.53
N TRP C 243 -2.64 3.29 -31.50
CA TRP C 243 -3.26 4.59 -31.74
C TRP C 243 -2.26 5.54 -32.37
N ILE C 244 -1.06 5.61 -31.82
CA ILE C 244 -0.05 6.48 -32.41
C ILE C 244 0.23 6.05 -33.85
N GLN C 245 0.29 4.74 -34.10
CA GLN C 245 0.53 4.26 -35.45
C GLN C 245 -0.57 4.71 -36.40
N GLU C 246 -1.83 4.47 -36.03
CA GLU C 246 -2.95 4.88 -36.86
C GLU C 246 -3.11 6.40 -36.89
N ASP C 247 -2.88 7.08 -35.78
CA ASP C 247 -2.89 8.53 -35.77
C ASP C 247 -2.12 9.06 -34.57
N GLN C 248 -0.97 9.69 -34.82
CA GLN C 248 -0.23 10.35 -33.76
C GLN C 248 -0.85 11.68 -33.38
N ALA C 249 -1.44 12.38 -34.36
CA ALA C 249 -1.97 13.71 -34.07
C ALA C 249 -3.08 13.66 -33.04
N SER C 250 -3.96 12.66 -33.14
CA SER C 250 -5.07 12.55 -32.21
C SER C 250 -4.57 12.34 -30.79
N TYR C 251 -3.63 11.42 -30.62
CA TYR C 251 -3.10 11.14 -29.29
C TYR C 251 -2.40 12.36 -28.71
N ILE C 252 -1.59 13.04 -29.53
CA ILE C 252 -0.92 14.25 -29.05
C ILE C 252 -1.93 15.29 -28.62
N SER C 253 -2.99 15.48 -29.41
CA SER C 253 -3.99 16.48 -29.06
C SER C 253 -4.69 16.11 -27.75
N PHE C 254 -5.08 14.86 -27.60
CA PHE C 254 -5.83 14.47 -26.41
C PHE C 254 -4.98 14.57 -25.16
N ASN C 255 -3.72 14.21 -25.23
CA ASN C 255 -2.95 14.21 -24.00
C ASN C 255 -2.71 15.61 -23.44
N ALA C 256 -3.20 16.69 -24.05
CA ALA C 256 -2.90 18.03 -23.57
C ALA C 256 -3.40 18.28 -22.16
N ALA C 257 -4.72 18.31 -21.99
CA ALA C 257 -5.30 18.71 -20.70
C ALA C 257 -5.24 17.57 -19.71
N SER C 258 -5.21 17.92 -18.43
CA SER C 258 -5.26 16.93 -17.36
C SER C 258 -6.61 16.24 -17.27
N ASN C 259 -7.61 16.76 -17.97
CA ASN C 259 -8.93 16.14 -17.99
C ASN C 259 -8.96 14.92 -18.91
N SER C 260 -8.19 14.95 -20.00
CA SER C 260 -8.34 13.96 -21.06
C SER C 260 -7.49 12.72 -20.86
N ARG C 261 -6.60 12.68 -19.86
CA ARG C 261 -5.83 11.47 -19.61
C ARG C 261 -6.74 10.33 -19.19
N SER C 262 -7.57 10.59 -18.18
CA SER C 262 -8.54 9.59 -17.75
C SER C 262 -9.52 9.25 -18.85
N GLN C 263 -9.89 10.25 -19.66
CA GLN C 263 -10.79 9.98 -20.77
C GLN C 263 -10.15 8.99 -21.74
N ILE C 264 -8.86 9.16 -22.04
CA ILE C 264 -8.18 8.24 -22.95
C ILE C 264 -8.14 6.85 -22.35
N LYS C 265 -7.79 6.74 -21.08
CA LYS C 265 -7.69 5.41 -20.47
C LYS C 265 -9.04 4.71 -20.50
N ALA C 266 -10.10 5.41 -20.12
CA ALA C 266 -11.43 4.84 -20.12
C ALA C 266 -11.85 4.46 -21.54
N ALA C 267 -11.55 5.32 -22.50
CA ALA C 267 -11.93 5.03 -23.89
C ALA C 267 -11.27 3.74 -24.36
N LEU C 268 -9.99 3.58 -24.08
CA LEU C 268 -9.29 2.38 -24.55
C LEU C 268 -9.87 1.13 -23.89
N ASP C 269 -10.02 1.14 -22.57
CA ASP C 269 -10.55 -0.06 -21.90
C ASP C 269 -11.96 -0.38 -22.37
N ASN C 270 -12.82 0.64 -22.44
CA ASN C 270 -14.20 0.42 -22.86
C ASN C 270 -14.28 -0.08 -24.29
N ALA C 271 -13.45 0.47 -25.19
CA ALA C 271 -13.47 0.02 -26.57
C ALA C 271 -13.03 -1.42 -26.68
N GLY C 272 -11.98 -1.80 -25.94
CA GLY C 272 -11.56 -3.19 -25.95
C GLY C 272 -12.68 -4.11 -25.48
N LYS C 273 -13.32 -3.75 -24.37
CA LYS C 273 -14.40 -4.58 -23.83
C LYS C 273 -15.55 -4.70 -24.83
N ILE C 274 -15.94 -3.59 -25.44
CA ILE C 274 -17.06 -3.62 -26.38
C ILE C 274 -16.73 -4.52 -27.56
N MET C 275 -15.56 -4.34 -28.15
CA MET C 275 -15.20 -5.17 -29.30
C MET C 275 -15.12 -6.63 -28.90
N SER C 276 -14.77 -6.90 -27.65
CA SER C 276 -14.75 -8.29 -27.20
C SER C 276 -16.16 -8.88 -27.17
N LEU C 277 -17.09 -8.17 -26.53
CA LEU C 277 -18.37 -8.78 -26.16
C LEU C 277 -19.51 -8.48 -27.13
N THR C 278 -19.29 -7.69 -28.18
CA THR C 278 -20.38 -7.42 -29.11
C THR C 278 -19.94 -7.37 -30.58
N LYS C 279 -18.82 -7.98 -30.94
CA LYS C 279 -18.35 -7.96 -32.32
C LYS C 279 -17.64 -9.27 -32.63
N THR C 280 -17.62 -9.62 -33.91
CA THR C 280 -17.11 -10.90 -34.37
C THR C 280 -15.85 -10.69 -35.22
N ALA C 281 -15.25 -11.81 -35.61
CA ALA C 281 -13.94 -11.79 -36.27
C ALA C 281 -14.05 -11.38 -37.73
N PRO C 282 -15.00 -11.92 -38.49
CA PRO C 282 -15.17 -11.46 -39.89
C PRO C 282 -15.54 -9.99 -40.00
N TYR C 284 -14.01 -7.51 -39.20
CA TYR C 284 -12.83 -6.74 -39.57
C TYR C 284 -11.98 -7.40 -40.64
N LEU C 285 -11.94 -8.74 -40.70
CA LEU C 285 -11.19 -9.41 -41.76
C LEU C 285 -11.73 -9.03 -43.13
N VAL C 286 -13.01 -8.70 -43.23
CA VAL C 286 -13.63 -8.30 -44.48
C VAL C 286 -13.55 -6.79 -44.60
N GLY C 287 -12.97 -6.31 -45.70
CA GLY C 287 -12.90 -4.88 -45.94
C GLY C 287 -14.25 -4.30 -46.33
N GLN C 288 -14.29 -2.98 -46.38
CA GLN C 288 -15.51 -2.25 -46.72
C GLN C 288 -15.59 -1.92 -48.21
N GLN C 289 -14.54 -1.34 -48.79
CA GLN C 289 -14.58 -0.99 -50.20
C GLN C 289 -14.32 -2.20 -51.07
N PRO C 290 -14.93 -2.28 -52.26
CA PRO C 290 -14.70 -3.43 -53.14
C PRO C 290 -13.27 -3.46 -53.66
N VAL C 291 -12.82 -4.68 -53.98
CA VAL C 291 -11.49 -4.91 -54.50
C VAL C 291 -11.63 -5.19 -56.00
N GLU C 292 -11.21 -4.22 -56.83
CA GLU C 292 -11.25 -4.41 -58.28
C GLU C 292 -10.23 -5.44 -58.71
N ASP C 293 -9.00 -5.33 -58.22
CA ASP C 293 -7.91 -6.24 -58.56
C ASP C 293 -7.42 -6.90 -57.29
N ILE C 294 -7.31 -8.23 -57.32
CA ILE C 294 -6.71 -8.98 -56.23
C ILE C 294 -5.43 -9.70 -56.65
N SER C 295 -5.09 -9.68 -57.94
CA SER C 295 -3.86 -10.34 -58.38
C SER C 295 -2.63 -9.73 -57.72
N SER C 296 -2.72 -8.48 -57.29
CA SER C 296 -1.60 -7.79 -56.65
C SER C 296 -1.46 -8.14 -55.17
N ASN C 297 -2.19 -9.15 -54.68
CA ASN C 297 -2.19 -9.49 -53.27
C ASN C 297 -1.18 -10.60 -53.01
N ARG C 298 -0.24 -10.35 -52.10
CA ARG C 298 0.75 -11.36 -51.74
C ARG C 298 0.08 -12.67 -51.36
N ILE C 299 -0.99 -12.59 -50.57
CA ILE C 299 -1.72 -13.80 -50.19
C ILE C 299 -2.18 -14.53 -51.44
N TYR C 300 -2.72 -13.78 -52.41
CA TYR C 300 -3.12 -14.40 -53.67
C TYR C 300 -1.92 -15.06 -54.35
N LYS C 301 -0.81 -14.33 -54.44
CA LYS C 301 0.39 -14.90 -55.05
C LYS C 301 0.85 -16.14 -54.29
N ILE C 302 0.84 -16.08 -52.96
CA ILE C 302 1.26 -17.23 -52.16
C ILE C 302 0.34 -18.41 -52.43
N LEU C 303 -0.97 -18.19 -52.35
CA LEU C 303 -1.92 -19.28 -52.58
C LEU C 303 -1.83 -19.77 -54.02
N GLU C 304 -1.77 -18.84 -54.98
CA GLU C 304 -1.63 -19.23 -56.38
C GLU C 304 -0.31 -19.97 -56.59
N LEU C 305 0.77 -19.48 -55.97
CA LEU C 305 2.07 -20.13 -56.10
C LEU C 305 2.08 -21.53 -55.50
N ASN C 306 1.14 -21.84 -54.60
CA ASN C 306 1.09 -23.13 -53.93
C ASN C 306 0.01 -24.03 -54.51
N GLY C 307 -0.36 -23.80 -55.76
CA GLY C 307 -1.29 -24.67 -56.44
C GLY C 307 -2.72 -24.60 -55.93
N TYR C 308 -3.03 -23.69 -55.04
CA TYR C 308 -4.38 -23.55 -54.51
C TYR C 308 -5.13 -22.49 -55.32
N ASP C 309 -6.32 -22.84 -55.79
CA ASP C 309 -7.13 -21.93 -56.58
C ASP C 309 -7.48 -20.71 -55.74
N PRO C 310 -7.22 -19.49 -56.21
CA PRO C 310 -7.53 -18.30 -55.40
C PRO C 310 -8.99 -18.24 -54.95
N GLN C 311 -9.92 -18.69 -55.79
CA GLN C 311 -11.33 -18.67 -55.41
C GLN C 311 -11.72 -19.87 -54.55
N TYR C 312 -10.85 -20.87 -54.44
CA TYR C 312 -11.14 -22.04 -53.61
C TYR C 312 -10.62 -21.86 -52.19
N ALA C 313 -9.33 -21.51 -52.08
CA ALA C 313 -8.65 -21.28 -50.78
C ALA C 313 -9.17 -19.99 -50.14
N ALA C 314 -9.58 -19.00 -50.93
CA ALA C 314 -10.17 -17.76 -50.38
C ALA C 314 -11.57 -18.07 -49.84
N SER C 315 -12.34 -18.88 -50.56
CA SER C 315 -13.68 -19.29 -50.07
C SER C 315 -13.54 -20.06 -48.76
N VAL C 316 -12.66 -21.08 -48.75
CA VAL C 316 -12.40 -21.83 -47.50
C VAL C 316 -11.99 -20.82 -46.43
N PHE C 317 -10.99 -19.98 -46.73
CA PHE C 317 -10.55 -18.93 -45.78
C PHE C 317 -11.78 -18.21 -45.22
N LEU C 318 -12.72 -17.84 -46.11
CA LEU C 318 -13.87 -17.08 -45.62
C LEU C 318 -14.73 -17.93 -44.69
N GLY C 319 -15.05 -19.15 -45.11
CA GLY C 319 -15.83 -20.03 -44.25
C GLY C 319 -15.16 -20.29 -42.92
N TRP C 320 -13.83 -20.28 -42.87
CA TRP C 320 -13.13 -20.41 -41.60
C TRP C 320 -13.30 -19.17 -40.73
N ALA C 321 -13.34 -17.99 -41.33
CA ALA C 321 -13.52 -16.77 -40.55
C ALA C 321 -14.91 -16.71 -39.93
N THR C 322 -15.92 -17.18 -40.66
CA THR C 322 -17.31 -17.11 -40.21
C THR C 322 -17.74 -18.35 -39.44
N LYS C 323 -16.82 -19.28 -39.17
CA LYS C 323 -17.14 -20.53 -38.50
C LYS C 323 -18.09 -21.38 -39.33
N LYS C 324 -18.11 -21.16 -40.64
CA LYS C 324 -19.11 -21.77 -41.51
C LYS C 324 -18.99 -23.29 -41.59
N PHE C 325 -17.87 -23.86 -41.14
CA PHE C 325 -17.63 -25.29 -41.29
C PHE C 325 -18.01 -26.09 -40.06
N GLY C 326 -18.51 -25.44 -39.02
CA GLY C 326 -19.04 -26.16 -37.86
C GLY C 326 -17.98 -26.71 -36.94
N LYS C 327 -17.26 -27.74 -37.38
CA LYS C 327 -16.27 -28.43 -36.56
C LYS C 327 -14.84 -28.21 -37.03
N ARG C 328 -14.62 -28.15 -38.35
CA ARG C 328 -13.28 -27.92 -38.87
C ARG C 328 -12.92 -26.46 -38.62
N ASN C 329 -12.61 -26.13 -37.37
CA ASN C 329 -12.51 -24.75 -36.91
C ASN C 329 -11.15 -24.12 -37.19
N THR C 330 -10.14 -24.90 -37.57
CA THR C 330 -8.78 -24.41 -37.67
C THR C 330 -8.26 -24.56 -39.11
N ILE C 331 -7.34 -23.67 -39.47
CA ILE C 331 -6.62 -23.76 -40.73
C ILE C 331 -5.15 -24.02 -40.38
N TRP C 332 -4.71 -25.25 -40.61
CA TRP C 332 -3.32 -25.61 -40.36
C TRP C 332 -2.49 -25.26 -41.60
N LEU C 333 -1.55 -24.34 -41.44
CA LEU C 333 -0.62 -24.00 -42.50
C LEU C 333 0.62 -24.88 -42.35
N PHE C 334 0.94 -25.64 -43.39
CA PHE C 334 2.01 -26.62 -43.36
C PHE C 334 3.05 -26.30 -44.42
N GLY C 335 4.31 -26.58 -44.09
CA GLY C 335 5.39 -26.41 -45.02
C GLY C 335 6.68 -26.00 -44.33
N PRO C 336 7.78 -25.93 -45.08
CA PRO C 336 9.04 -25.47 -44.49
C PRO C 336 8.99 -24.00 -44.12
N ALA C 337 10.08 -23.49 -43.55
CA ALA C 337 10.17 -22.10 -43.17
C ALA C 337 10.32 -21.22 -44.41
N THR C 338 9.98 -19.93 -44.25
CA THR C 338 10.09 -18.95 -45.32
C THR C 338 9.17 -19.28 -46.49
N THR C 339 8.01 -19.89 -46.21
CA THR C 339 7.03 -20.20 -47.23
C THR C 339 5.75 -19.38 -47.07
N GLY C 340 5.76 -18.36 -46.21
CA GLY C 340 4.62 -17.50 -46.00
C GLY C 340 3.67 -17.95 -44.90
N LYS C 341 3.90 -19.12 -44.30
CA LYS C 341 3.02 -19.61 -43.25
C LYS C 341 2.94 -18.59 -42.13
N THR C 342 4.07 -18.30 -41.48
CA THR C 342 4.07 -17.35 -40.38
C THR C 342 3.54 -16.00 -40.82
N ASN C 343 3.96 -15.55 -42.01
CA ASN C 343 3.48 -14.28 -42.52
C ASN C 343 1.96 -14.29 -42.68
N ILE C 344 1.41 -15.36 -43.27
CA ILE C 344 -0.04 -15.44 -43.44
C ILE C 344 -0.73 -15.37 -42.09
N ALA C 345 -0.27 -16.19 -41.14
CA ALA C 345 -0.86 -16.15 -39.81
C ALA C 345 -0.55 -14.83 -39.11
N GLU C 346 0.73 -14.42 -39.12
CA GLU C 346 1.09 -13.15 -38.50
C GLU C 346 0.38 -11.99 -39.17
N ALA C 347 0.06 -12.10 -40.46
CA ALA C 347 -0.64 -11.02 -41.15
C ALA C 347 -2.11 -11.01 -40.80
N ILE C 348 -2.80 -12.13 -41.01
CA ILE C 348 -4.22 -12.21 -40.69
C ILE C 348 -4.44 -12.03 -39.20
N ALA C 349 -3.63 -12.71 -38.38
CA ALA C 349 -3.83 -12.65 -36.93
C ALA C 349 -3.73 -11.22 -36.41
N HIS C 350 -2.74 -10.47 -36.91
CA HIS C 350 -2.62 -9.06 -36.55
C HIS C 350 -3.69 -8.19 -37.21
N THR C 351 -4.60 -8.78 -37.98
CA THR C 351 -5.67 -8.00 -38.57
C THR C 351 -6.79 -7.75 -37.57
N VAL C 352 -7.32 -8.82 -36.98
CA VAL C 352 -8.45 -8.70 -36.07
C VAL C 352 -7.99 -7.97 -34.82
N PRO C 353 -8.89 -7.29 -34.11
CA PRO C 353 -8.44 -6.47 -32.97
C PRO C 353 -7.77 -7.29 -31.88
N PHE C 354 -8.50 -8.24 -31.33
CA PHE C 354 -8.00 -9.10 -30.25
C PHE C 354 -7.73 -10.49 -30.80
N TYR C 355 -6.54 -11.01 -30.51
CA TYR C 355 -6.22 -12.38 -30.88
C TYR C 355 -5.25 -12.94 -29.85
N GLY C 356 -5.25 -14.27 -29.73
CA GLY C 356 -4.44 -14.94 -28.74
C GLY C 356 -3.34 -15.80 -29.34
N CYS C 357 -2.38 -16.20 -28.50
CA CYS C 357 -1.28 -17.06 -28.91
C CYS C 357 -1.26 -18.28 -28.01
N VAL C 358 -1.24 -19.46 -28.62
CA VAL C 358 -1.24 -20.71 -27.88
C VAL C 358 0.15 -20.94 -27.33
N ASN C 359 0.27 -20.94 -26.00
CA ASN C 359 1.56 -21.17 -25.34
C ASN C 359 1.68 -22.66 -24.99
N TRP C 360 1.81 -23.47 -26.05
CA TRP C 360 1.90 -24.91 -25.87
C TRP C 360 3.09 -25.29 -25.00
N THR C 361 4.14 -24.47 -25.00
CA THR C 361 5.29 -24.76 -24.14
C THR C 361 4.90 -24.79 -22.68
N ASN C 362 3.88 -24.02 -22.29
CA ASN C 362 3.39 -24.00 -20.91
C ASN C 362 2.32 -25.08 -20.78
N GLU C 363 2.71 -26.22 -20.20
CA GLU C 363 1.77 -27.33 -20.04
C GLU C 363 0.64 -26.98 -19.07
N ASN C 364 0.94 -26.21 -18.02
CA ASN C 364 -0.07 -25.90 -17.02
C ASN C 364 -1.20 -25.07 -17.62
N PHE C 365 -0.87 -23.98 -18.32
CA PHE C 365 -1.86 -23.07 -18.88
C PHE C 365 -1.50 -22.78 -20.33
N PRO C 366 -1.66 -23.75 -21.22
CA PRO C 366 -1.32 -23.52 -22.63
C PRO C 366 -2.29 -22.57 -23.32
N PHE C 367 -3.56 -22.59 -22.96
CA PHE C 367 -4.58 -21.73 -23.56
C PHE C 367 -4.96 -20.57 -22.65
N ASN C 368 -4.00 -20.07 -21.86
CA ASN C 368 -4.30 -18.96 -20.96
C ASN C 368 -4.72 -17.72 -21.73
N ASP C 369 -4.05 -17.44 -22.85
CA ASP C 369 -4.34 -16.27 -23.66
C ASP C 369 -5.29 -16.58 -24.80
N CYS C 370 -6.19 -17.54 -24.61
CA CYS C 370 -7.15 -17.95 -25.63
C CYS C 370 -8.59 -17.71 -25.20
N VAL C 371 -8.82 -16.78 -24.27
CA VAL C 371 -10.15 -16.49 -23.73
C VAL C 371 -10.64 -15.19 -24.32
N ASP C 372 -11.84 -15.21 -24.89
CA ASP C 372 -12.46 -14.01 -25.47
C ASP C 372 -11.59 -13.43 -26.58
N LYS C 373 -10.96 -14.30 -27.36
CA LYS C 373 -10.13 -13.89 -28.48
C LYS C 373 -10.90 -14.12 -29.78
N MET C 374 -11.01 -13.07 -30.60
CA MET C 374 -11.73 -13.21 -31.86
C MET C 374 -11.02 -14.19 -32.79
N VAL C 375 -9.69 -14.25 -32.71
CA VAL C 375 -8.90 -15.23 -33.45
C VAL C 375 -7.78 -15.71 -32.55
N ILE C 376 -7.43 -16.99 -32.66
CA ILE C 376 -6.36 -17.59 -31.87
C ILE C 376 -5.31 -18.15 -32.81
N TRP C 377 -4.05 -17.99 -32.43
CA TRP C 377 -2.92 -18.45 -33.22
C TRP C 377 -2.14 -19.48 -32.43
N TRP C 378 -1.79 -20.59 -33.08
CA TRP C 378 -0.95 -21.64 -32.52
C TRP C 378 0.36 -21.62 -33.29
N GLU C 379 1.29 -20.78 -32.84
CA GLU C 379 2.55 -20.60 -33.55
C GLU C 379 3.49 -21.77 -33.29
N GLU C 380 3.95 -22.41 -34.37
CA GLU C 380 4.86 -23.54 -34.28
C GLU C 380 4.33 -24.57 -33.28
N GLY C 381 3.04 -24.88 -33.41
CA GLY C 381 2.41 -25.76 -32.46
C GLY C 381 2.93 -27.19 -32.53
N LYS C 382 2.76 -27.90 -31.42
CA LYS C 382 3.15 -29.30 -31.32
C LYS C 382 2.19 -29.99 -30.37
N MET C 383 1.34 -30.86 -30.91
CA MET C 383 0.31 -31.51 -30.10
C MET C 383 0.96 -32.37 -29.03
N THR C 384 0.43 -32.31 -27.82
CA THR C 384 0.90 -33.11 -26.70
C THR C 384 -0.28 -33.81 -26.04
N ALA C 385 0.02 -34.95 -25.40
CA ALA C 385 -1.04 -35.75 -24.81
C ALA C 385 -1.79 -34.98 -23.72
N LYS C 386 -1.06 -34.18 -22.93
CA LYS C 386 -1.70 -33.43 -21.86
C LYS C 386 -2.74 -32.46 -22.41
N VAL C 387 -2.42 -31.78 -23.52
CA VAL C 387 -3.30 -30.77 -24.09
C VAL C 387 -4.08 -31.29 -25.28
N VAL C 388 -3.95 -32.57 -25.63
CA VAL C 388 -4.65 -33.09 -26.80
C VAL C 388 -6.16 -33.03 -26.59
N GLU C 389 -6.63 -33.39 -25.39
CA GLU C 389 -8.07 -33.37 -25.13
C GLU C 389 -8.61 -31.94 -25.16
N SER C 390 -7.92 -31.01 -24.51
CA SER C 390 -8.37 -29.63 -24.51
C SER C 390 -8.27 -29.00 -25.90
N ALA C 391 -7.22 -29.36 -26.65
CA ALA C 391 -6.97 -28.82 -28.00
C ALA C 391 -8.02 -29.37 -28.96
N LYS C 392 -8.45 -30.62 -28.76
CA LYS C 392 -9.49 -31.25 -29.61
C LYS C 392 -10.82 -30.54 -29.31
N ALA C 393 -10.98 -29.98 -28.10
CA ALA C 393 -12.19 -29.24 -27.70
C ALA C 393 -12.18 -27.86 -28.36
N ILE C 394 -11.04 -27.17 -28.31
CA ILE C 394 -10.92 -25.81 -28.93
C ILE C 394 -11.03 -25.96 -30.45
N LEU C 395 -10.13 -26.74 -31.06
CA LEU C 395 -10.13 -26.90 -32.54
C LEU C 395 -11.46 -27.53 -32.98
N GLY C 396 -12.29 -27.98 -32.03
CA GLY C 396 -13.61 -28.52 -32.42
C GLY C 396 -14.68 -27.44 -32.42
N GLY C 397 -14.29 -26.17 -32.34
CA GLY C 397 -15.28 -25.11 -32.25
C GLY C 397 -16.35 -25.37 -31.21
N SER C 398 -15.96 -25.91 -30.05
CA SER C 398 -16.88 -26.23 -28.98
C SER C 398 -16.48 -25.48 -27.71
N LYS C 399 -17.48 -24.96 -27.00
CA LYS C 399 -17.22 -24.24 -25.77
C LYS C 399 -16.52 -25.15 -24.75
N VAL C 400 -15.45 -24.63 -24.15
CA VAL C 400 -14.65 -25.40 -23.20
C VAL C 400 -14.04 -24.44 -22.20
N ARG C 401 -14.03 -24.84 -20.93
CA ARG C 401 -13.44 -24.05 -19.87
C ARG C 401 -11.96 -24.41 -19.74
N VAL C 402 -11.12 -23.39 -19.56
CA VAL C 402 -9.68 -23.56 -19.46
C VAL C 402 -9.19 -22.91 -18.17
N ASP C 403 -8.04 -23.37 -17.68
CA ASP C 403 -7.45 -22.84 -16.47
C ASP C 403 -6.57 -21.64 -16.80
N GLN C 404 -6.76 -20.54 -16.07
CA GLN C 404 -5.98 -19.33 -16.23
C GLN C 404 -5.07 -19.15 -15.03
N LYS C 405 -3.88 -18.63 -15.28
CA LYS C 405 -2.90 -18.40 -14.21
C LYS C 405 -3.37 -17.25 -13.33
N CYS C 406 -3.44 -17.50 -12.03
CA CYS C 406 -3.85 -16.50 -11.05
C CYS C 406 -5.26 -15.97 -11.34
N LYS C 407 -6.10 -16.81 -11.96
CA LYS C 407 -7.46 -16.41 -12.27
C LYS C 407 -8.34 -17.66 -12.28
N SER C 408 -9.64 -17.43 -12.13
CA SER C 408 -10.60 -18.52 -12.17
C SER C 408 -10.75 -19.05 -13.60
N SER C 409 -11.16 -20.31 -13.71
CA SER C 409 -11.34 -20.92 -15.02
C SER C 409 -12.36 -20.14 -15.84
N ALA C 410 -12.04 -19.90 -17.10
CA ALA C 410 -12.88 -19.16 -18.02
C ALA C 410 -13.25 -20.01 -19.23
N GLN C 411 -14.40 -19.70 -19.81
CA GLN C 411 -14.92 -20.43 -20.95
C GLN C 411 -14.47 -19.76 -22.25
N ILE C 412 -14.09 -20.58 -23.23
CA ILE C 412 -13.65 -20.11 -24.54
C ILE C 412 -14.77 -20.39 -25.52
N ASP C 413 -15.35 -19.32 -26.07
CA ASP C 413 -16.38 -19.47 -27.09
C ASP C 413 -15.76 -19.91 -28.41
N PRO C 414 -16.56 -20.46 -29.32
CA PRO C 414 -16.01 -20.89 -30.62
C PRO C 414 -15.22 -19.80 -31.31
N THR C 415 -13.94 -20.08 -31.59
CA THR C 415 -13.04 -19.10 -32.19
C THR C 415 -12.28 -19.76 -33.33
N PRO C 416 -12.37 -19.28 -34.56
CA PRO C 416 -11.55 -19.85 -35.63
C PRO C 416 -10.07 -19.72 -35.31
N VAL C 417 -9.32 -20.73 -35.71
CA VAL C 417 -7.90 -20.83 -35.38
C VAL C 417 -7.09 -20.92 -36.67
N ILE C 418 -5.84 -20.46 -36.59
CA ILE C 418 -4.88 -20.53 -37.69
C ILE C 418 -3.55 -20.95 -37.10
N VAL C 419 -2.88 -21.89 -37.78
CA VAL C 419 -1.68 -22.53 -37.26
C VAL C 419 -0.61 -22.53 -38.34
N THR C 420 0.62 -22.22 -37.95
CA THR C 420 1.79 -22.29 -38.81
C THR C 420 2.81 -23.21 -38.15
N SER C 421 3.01 -24.39 -38.74
CA SER C 421 3.94 -25.37 -38.18
C SER C 421 4.46 -26.26 -39.29
N ASN C 422 5.59 -26.92 -39.02
CA ASN C 422 6.21 -27.84 -39.96
C ASN C 422 6.17 -29.28 -39.47
N THR C 423 5.44 -29.56 -38.40
CA THR C 423 5.29 -30.90 -37.86
C THR C 423 3.86 -31.39 -38.04
N ASN C 424 3.69 -32.71 -37.96
CA ASN C 424 2.38 -33.33 -38.12
C ASN C 424 1.59 -33.15 -36.83
N MET C 425 0.54 -32.33 -36.87
CA MET C 425 -0.29 -32.13 -35.69
C MET C 425 -1.05 -33.38 -35.30
N CYS C 426 -1.23 -34.31 -36.24
CA CYS C 426 -1.92 -35.57 -35.97
C CYS C 426 -1.04 -36.57 -35.22
N ALA C 427 0.15 -36.14 -34.78
CA ALA C 427 1.09 -36.99 -34.04
C ALA C 427 1.20 -36.43 -32.63
N VAL C 428 0.39 -36.97 -31.71
CA VAL C 428 0.42 -36.51 -30.33
C VAL C 428 1.74 -36.93 -29.70
N ILE C 429 2.44 -35.97 -29.10
CA ILE C 429 3.75 -36.20 -28.52
C ILE C 429 3.59 -36.44 -27.02
N ASP C 430 4.12 -37.56 -26.53
CA ASP C 430 4.07 -37.91 -25.11
C ASP C 430 5.45 -38.44 -24.74
N GLY C 431 6.30 -37.55 -24.23
CA GLY C 431 7.65 -37.92 -23.87
C GLY C 431 8.47 -38.38 -25.07
N ASN C 432 9.02 -39.58 -24.99
CA ASN C 432 9.81 -40.15 -26.07
C ASN C 432 8.99 -40.98 -27.04
N SER C 433 7.67 -41.03 -26.87
CA SER C 433 6.78 -41.82 -27.70
C SER C 433 5.83 -40.91 -28.46
N THR C 434 5.45 -41.33 -29.66
CA THR C 434 4.54 -40.60 -30.52
C THR C 434 3.38 -41.50 -30.90
N THR C 435 2.15 -40.99 -30.75
CA THR C 435 0.95 -41.77 -31.01
C THR C 435 0.04 -41.00 -31.98
N PHE C 436 -0.55 -41.74 -32.91
CA PHE C 436 -1.49 -41.19 -33.89
C PHE C 436 -2.94 -41.54 -33.56
N GLU C 437 -3.21 -41.93 -32.32
CA GLU C 437 -4.58 -42.34 -31.95
C GLU C 437 -5.57 -41.21 -32.16
N HIS C 438 -5.16 -39.96 -31.91
CA HIS C 438 -6.02 -38.80 -32.07
C HIS C 438 -5.90 -38.16 -33.45
N GLN C 439 -5.54 -38.94 -34.47
CA GLN C 439 -5.35 -38.39 -35.80
C GLN C 439 -6.66 -37.95 -36.42
N GLN C 440 -7.58 -38.88 -36.64
CA GLN C 440 -8.83 -38.55 -37.32
C GLN C 440 -9.63 -37.48 -36.61
N PRO C 441 -9.85 -37.55 -35.29
CA PRO C 441 -10.58 -36.45 -34.63
C PRO C 441 -9.94 -35.09 -34.86
N LEU C 442 -8.61 -35.03 -34.81
CA LEU C 442 -7.92 -33.79 -35.17
C LEU C 442 -8.10 -33.49 -36.66
N GLN C 443 -7.98 -34.51 -37.50
CA GLN C 443 -8.17 -34.32 -38.93
C GLN C 443 -9.61 -33.93 -39.27
N ASP C 444 -10.55 -34.17 -38.36
CA ASP C 444 -11.91 -33.67 -38.49
C ASP C 444 -12.07 -32.27 -37.94
N ARG C 445 -10.96 -31.56 -37.69
CA ARG C 445 -11.01 -30.26 -37.03
C ARG C 445 -10.08 -29.24 -37.69
N MET C 446 -9.65 -29.47 -38.92
CA MET C 446 -8.66 -28.61 -39.54
C MET C 446 -8.93 -28.47 -41.03
N PHE C 447 -8.47 -27.36 -41.59
CA PHE C 447 -8.42 -27.12 -43.04
C PHE C 447 -6.95 -26.96 -43.40
N LYS C 448 -6.28 -28.08 -43.67
CA LYS C 448 -4.83 -28.06 -43.85
C LYS C 448 -4.44 -27.44 -45.19
N PHE C 449 -3.30 -26.77 -45.18
CA PHE C 449 -2.69 -26.21 -46.38
C PHE C 449 -1.20 -26.48 -46.35
N GLU C 450 -0.64 -26.85 -47.51
CA GLU C 450 0.77 -27.22 -47.64
C GLU C 450 1.46 -26.18 -48.51
N LEU C 451 2.09 -25.20 -47.87
CA LEU C 451 2.85 -24.17 -48.58
C LEU C 451 4.30 -24.65 -48.68
N THR C 452 4.66 -25.21 -49.83
CA THR C 452 5.99 -25.76 -50.06
C THR C 452 6.93 -24.79 -50.76
N ARG C 453 6.44 -24.05 -51.75
CA ARG C 453 7.29 -23.13 -52.48
C ARG C 453 7.90 -22.09 -51.53
N ARG C 454 9.18 -21.81 -51.71
CA ARG C 454 9.88 -20.85 -50.88
C ARG C 454 9.70 -19.44 -51.44
N LEU C 455 9.46 -18.49 -50.54
CA LEU C 455 9.25 -17.11 -50.94
C LEU C 455 10.58 -16.40 -51.15
N ASP C 456 10.54 -15.34 -51.96
CA ASP C 456 11.73 -14.54 -52.23
C ASP C 456 12.07 -13.67 -51.02
N HIS C 457 13.34 -13.26 -50.95
CA HIS C 457 13.78 -12.42 -49.84
C HIS C 457 13.09 -11.07 -49.85
N ASP C 458 12.89 -10.47 -51.02
CA ASP C 458 12.24 -9.18 -51.14
C ASP C 458 10.72 -9.29 -51.28
N PHE C 459 10.15 -10.42 -50.87
CA PHE C 459 8.71 -10.59 -50.96
C PHE C 459 7.96 -9.59 -50.08
N GLY C 460 8.46 -9.36 -48.87
CA GLY C 460 7.85 -8.41 -47.97
C GLY C 460 6.70 -9.00 -47.18
N LYS C 461 6.34 -8.31 -46.09
CA LYS C 461 5.25 -8.73 -45.26
C LYS C 461 3.92 -8.30 -45.87
N VAL C 462 2.85 -9.01 -45.48
CA VAL C 462 1.51 -8.68 -45.94
C VAL C 462 0.98 -7.51 -45.12
N THR C 463 0.55 -6.46 -45.80
CA THR C 463 0.08 -5.25 -45.14
C THR C 463 -1.37 -5.40 -44.72
N LYS C 464 -1.74 -4.70 -43.64
CA LYS C 464 -3.09 -4.80 -43.12
C LYS C 464 -4.13 -4.49 -44.19
N GLN C 465 -3.77 -3.62 -45.14
CA GLN C 465 -4.68 -3.35 -46.24
C GLN C 465 -4.87 -4.57 -47.13
N GLU C 466 -3.82 -5.39 -47.28
CA GLU C 466 -3.91 -6.55 -48.16
C GLU C 466 -4.87 -7.59 -47.59
N VAL C 467 -4.73 -7.93 -46.31
CA VAL C 467 -5.59 -8.94 -45.71
C VAL C 467 -7.04 -8.54 -45.86
N LYS C 468 -7.36 -7.28 -45.54
CA LYS C 468 -8.73 -6.81 -45.72
C LYS C 468 -9.15 -6.90 -47.18
N ASP C 469 -8.25 -6.54 -48.10
CA ASP C 469 -8.57 -6.66 -49.52
C ASP C 469 -8.83 -8.11 -49.90
N PHE C 470 -8.00 -9.03 -49.41
CA PHE C 470 -8.16 -10.44 -49.77
C PHE C 470 -9.55 -10.94 -49.42
N PHE C 471 -9.88 -10.94 -48.12
CA PHE C 471 -11.17 -11.47 -47.69
C PHE C 471 -12.32 -10.70 -48.31
N ARG C 472 -12.12 -9.43 -48.63
CA ARG C 472 -13.17 -8.67 -49.31
C ARG C 472 -13.48 -9.29 -50.67
N TRP C 473 -12.44 -9.65 -51.43
CA TRP C 473 -12.65 -10.32 -52.71
C TRP C 473 -13.37 -11.64 -52.51
N ALA C 474 -13.03 -12.37 -51.45
CA ALA C 474 -13.65 -13.67 -51.20
C ALA C 474 -15.15 -13.52 -51.02
N LYS C 475 -15.58 -12.51 -50.24
CA LYS C 475 -17.00 -12.34 -49.99
C LYS C 475 -17.77 -12.10 -51.29
N ASP C 476 -17.13 -11.47 -52.27
CA ASP C 476 -17.77 -11.22 -53.56
C ASP C 476 -17.61 -12.39 -54.53
N HIS C 477 -16.82 -13.40 -54.19
CA HIS C 477 -16.55 -14.53 -55.07
C HIS C 477 -16.66 -15.84 -54.29
N VAL C 478 -17.74 -15.96 -53.52
CA VAL C 478 -17.96 -17.15 -52.70
C VAL C 478 -18.30 -18.32 -53.60
N VAL C 479 -17.66 -19.47 -53.35
CA VAL C 479 -17.97 -20.72 -54.04
C VAL C 479 -18.04 -21.83 -53.00
N GLU C 480 -18.68 -22.93 -53.38
CA GLU C 480 -18.88 -24.04 -52.47
C GLU C 480 -17.54 -24.64 -52.06
N VAL C 481 -17.47 -25.12 -50.83
CA VAL C 481 -16.26 -25.72 -50.28
C VAL C 481 -16.61 -27.10 -49.72
N GLU C 482 -15.62 -27.98 -49.70
CA GLU C 482 -15.78 -29.34 -49.19
C GLU C 482 -15.01 -29.49 -47.89
N HIS C 483 -15.68 -30.04 -46.87
CA HIS C 483 -15.07 -30.16 -45.55
C HIS C 483 -14.09 -31.33 -45.53
N GLU C 484 -13.05 -31.26 -46.36
CA GLU C 484 -12.05 -32.31 -46.48
C GLU C 484 -10.81 -31.96 -45.67
N PHE C 485 -10.12 -32.99 -45.19
CA PHE C 485 -8.88 -32.77 -44.46
C PHE C 485 -7.78 -32.23 -45.35
N TYR C 486 -7.91 -32.35 -46.66
CA TYR C 486 -6.95 -31.78 -47.60
C TYR C 486 -7.69 -30.88 -48.56
N VAL C 487 -7.30 -29.61 -48.60
CA VAL C 487 -7.92 -28.66 -49.52
C VAL C 487 -7.47 -28.98 -50.93
N LYS C 488 -8.43 -29.17 -51.83
CA LYS C 488 -8.11 -29.55 -53.20
C LYS C 488 -7.34 -28.43 -53.90
N LYS C 489 -6.14 -28.76 -54.37
CA LYS C 489 -5.35 -27.79 -55.12
C LYS C 489 -5.97 -27.57 -56.50
N GLY C 490 -5.60 -26.45 -57.12
CA GLY C 490 -6.07 -26.13 -58.45
C GLY C 490 -5.27 -26.85 -59.53
N GLY C 491 -5.86 -27.87 -60.12
CA GLY C 491 -5.19 -28.65 -61.15
C GLY C 491 -4.79 -27.82 -62.35
N PRO D 215 -10.95 12.19 -34.60
CA PRO D 215 -11.14 13.04 -33.41
C PRO D 215 -9.91 13.84 -33.05
N VAL D 216 -10.05 15.15 -32.92
CA VAL D 216 -8.95 16.01 -32.51
C VAL D 216 -9.50 17.20 -31.74
N ILE D 217 -9.05 17.38 -30.50
CA ILE D 217 -9.43 18.55 -29.73
C ILE D 217 -8.60 19.73 -30.18
N ARG D 218 -9.21 20.91 -30.19
CA ARG D 218 -8.53 22.11 -30.66
C ARG D 218 -8.87 23.28 -29.77
N SER D 219 -7.85 23.83 -29.11
CA SER D 219 -7.95 25.08 -28.36
C SER D 219 -6.59 25.75 -28.41
N LYS D 220 -6.36 26.73 -27.54
CA LYS D 220 -5.02 27.27 -27.37
C LYS D 220 -4.11 26.30 -26.62
N THR D 221 -4.63 25.62 -25.61
CA THR D 221 -3.83 24.63 -24.89
C THR D 221 -3.42 23.49 -25.81
N SER D 222 -4.36 23.00 -26.61
CA SER D 222 -4.04 21.91 -27.51
C SER D 222 -2.99 22.32 -28.53
N ALA D 223 -3.11 23.53 -29.07
CA ALA D 223 -2.12 24.01 -30.03
C ALA D 223 -0.75 24.14 -29.40
N ARG D 224 -0.69 24.68 -28.18
CA ARG D 224 0.60 24.83 -27.50
C ARG D 224 1.24 23.47 -27.24
N TYR D 225 0.45 22.49 -26.80
CA TYR D 225 1.00 21.17 -26.58
C TYR D 225 1.45 20.53 -27.88
N MET D 226 0.71 20.74 -28.97
CA MET D 226 1.13 20.21 -30.26
C MET D 226 2.47 20.80 -30.67
N GLU D 227 2.63 22.11 -30.50
CA GLU D 227 3.89 22.76 -30.83
C GLU D 227 5.02 22.19 -29.98
N LEU D 228 4.77 21.99 -28.68
CA LEU D 228 5.81 21.46 -27.82
C LEU D 228 6.22 20.05 -28.23
N VAL D 229 5.25 19.20 -28.56
CA VAL D 229 5.60 17.83 -28.89
C VAL D 229 6.34 17.78 -30.21
N GLY D 230 5.94 18.61 -31.17
CA GLY D 230 6.71 18.73 -32.40
C GLY D 230 8.13 19.17 -32.14
N TRP D 231 8.29 20.19 -31.27
CA TRP D 231 9.62 20.68 -30.93
C TRP D 231 10.48 19.58 -30.36
N LEU D 232 9.94 18.85 -29.37
CA LEU D 232 10.71 17.79 -28.73
C LEU D 232 11.09 16.71 -29.73
N VAL D 233 10.15 16.29 -30.57
CA VAL D 233 10.47 15.25 -31.54
C VAL D 233 11.45 15.73 -32.60
N ASP D 234 11.49 17.04 -32.87
CA ASP D 234 12.44 17.58 -33.83
C ASP D 234 13.85 17.62 -33.26
N LYS D 235 13.99 18.09 -32.02
CA LYS D 235 15.31 18.19 -31.40
C LYS D 235 15.72 16.91 -30.65
N GLY D 236 14.88 15.89 -30.66
CA GLY D 236 15.25 14.63 -30.03
C GLY D 236 15.52 14.73 -28.55
N ILE D 237 14.47 14.99 -27.76
CA ILE D 237 14.59 15.16 -26.31
C ILE D 237 13.82 14.06 -25.62
N THR D 238 14.43 13.45 -24.61
CA THR D 238 13.78 12.38 -23.85
C THR D 238 13.98 12.54 -22.35
N SER D 239 14.47 13.69 -21.89
CA SER D 239 14.65 13.95 -20.47
C SER D 239 14.86 15.43 -20.25
N GLU D 240 14.67 15.89 -19.02
CA GLU D 240 14.72 17.33 -18.75
C GLU D 240 16.09 17.89 -19.10
N LYS D 241 17.15 17.28 -18.58
CA LYS D 241 18.51 17.77 -18.79
C LYS D 241 18.70 18.22 -20.23
N GLN D 242 18.34 17.37 -21.19
CA GLN D 242 18.45 17.74 -22.59
C GLN D 242 17.60 18.96 -22.90
N TRP D 243 16.44 19.08 -22.24
CA TRP D 243 15.58 20.23 -22.47
C TRP D 243 16.29 21.52 -22.09
N ILE D 244 16.86 21.55 -20.89
CA ILE D 244 17.60 22.74 -20.47
C ILE D 244 18.77 22.99 -21.42
N GLN D 245 19.44 21.92 -21.85
CA GLN D 245 20.59 22.09 -22.73
C GLN D 245 20.20 22.77 -24.03
N GLU D 246 19.09 22.35 -24.63
CA GLU D 246 18.66 22.94 -25.89
C GLU D 246 17.90 24.24 -25.70
N ASP D 247 17.28 24.46 -24.54
CA ASP D 247 16.65 25.73 -24.25
C ASP D 247 16.32 25.78 -22.77
N GLN D 248 16.59 26.94 -22.16
CA GLN D 248 16.46 27.12 -20.71
C GLN D 248 15.19 27.85 -20.32
N ALA D 249 14.89 28.95 -21.00
CA ALA D 249 13.65 29.67 -20.71
C ALA D 249 12.43 28.78 -20.94
N SER D 250 12.54 27.81 -21.83
CA SER D 250 11.46 26.86 -22.05
C SER D 250 11.18 26.06 -20.78
N TYR D 251 12.22 25.46 -20.21
CA TYR D 251 12.03 24.60 -19.06
C TYR D 251 11.63 25.41 -17.83
N ILE D 252 12.32 26.51 -17.59
CA ILE D 252 12.01 27.31 -16.40
C ILE D 252 10.57 27.79 -16.44
N SER D 253 10.03 28.02 -17.64
CA SER D 253 8.68 28.54 -17.74
C SER D 253 7.65 27.48 -17.37
N PHE D 254 7.90 26.23 -17.76
CA PHE D 254 6.91 25.18 -17.60
C PHE D 254 6.87 24.59 -16.20
N ASN D 255 7.59 25.17 -15.25
CA ASN D 255 7.51 24.72 -13.86
C ASN D 255 6.77 25.71 -12.97
N ALA D 256 6.40 26.88 -13.49
CA ALA D 256 5.76 27.89 -12.67
C ALA D 256 4.48 27.37 -12.03
N ALA D 257 3.48 27.04 -12.84
CA ALA D 257 2.21 26.57 -12.33
C ALA D 257 2.20 25.04 -12.25
N SER D 258 1.18 24.46 -11.62
CA SER D 258 1.10 23.02 -11.55
C SER D 258 0.65 22.42 -12.88
N ASN D 259 -0.16 23.15 -13.65
CA ASN D 259 -0.59 22.63 -14.94
C ASN D 259 0.61 22.37 -15.84
N SER D 260 1.56 23.30 -15.87
CA SER D 260 2.74 23.10 -16.71
C SER D 260 3.64 22.00 -16.14
N ARG D 261 3.75 21.93 -14.81
CA ARG D 261 4.56 20.91 -14.18
C ARG D 261 3.96 19.52 -14.32
N SER D 262 2.71 19.43 -14.75
CA SER D 262 2.12 18.16 -15.14
C SER D 262 2.13 17.94 -16.66
N GLN D 263 2.14 19.02 -17.44
CA GLN D 263 2.29 18.87 -18.88
C GLN D 263 3.70 18.42 -19.26
N ILE D 264 4.69 18.75 -18.44
CA ILE D 264 6.07 18.38 -18.77
C ILE D 264 6.21 16.86 -18.85
N LYS D 265 5.72 16.16 -17.82
CA LYS D 265 5.86 14.71 -17.79
C LYS D 265 5.16 14.07 -18.98
N ALA D 266 3.93 14.50 -19.26
CA ALA D 266 3.18 13.94 -20.38
C ALA D 266 3.86 14.23 -21.70
N ALA D 267 4.39 15.44 -21.86
CA ALA D 267 5.08 15.78 -23.10
C ALA D 267 6.29 14.89 -23.32
N LEU D 268 7.09 14.69 -22.27
CA LEU D 268 8.25 13.82 -22.41
C LEU D 268 7.82 12.40 -22.76
N ASP D 269 6.77 11.89 -22.10
CA ASP D 269 6.33 10.53 -22.38
C ASP D 269 5.84 10.39 -23.82
N ASN D 270 5.01 11.32 -24.29
CA ASN D 270 4.48 11.23 -25.65
C ASN D 270 5.58 11.37 -26.69
N ALA D 271 6.51 12.31 -26.48
CA ALA D 271 7.62 12.44 -27.41
C ALA D 271 8.46 11.17 -27.44
N GLY D 272 8.75 10.60 -26.27
CA GLY D 272 9.52 9.37 -26.23
C GLY D 272 8.83 8.25 -27.00
N LYS D 273 7.52 8.11 -26.79
CA LYS D 273 6.77 7.09 -27.52
C LYS D 273 6.89 7.34 -29.02
N ILE D 274 6.38 8.47 -29.49
CA ILE D 274 6.32 8.76 -30.92
C ILE D 274 7.67 8.49 -31.55
N MET D 275 8.76 8.83 -30.85
CA MET D 275 10.08 8.54 -31.39
C MET D 275 10.33 7.04 -31.45
N SER D 276 10.08 6.32 -30.36
CA SER D 276 10.35 4.89 -30.34
C SER D 276 9.52 4.14 -31.37
N LEU D 277 8.43 4.74 -31.83
CA LEU D 277 7.55 4.08 -32.78
C LEU D 277 7.90 4.44 -34.23
N THR D 278 8.00 5.72 -34.53
CA THR D 278 8.07 6.18 -35.92
C THR D 278 9.48 6.49 -36.40
N LYS D 279 10.46 6.54 -35.52
CA LYS D 279 11.82 6.89 -35.91
C LYS D 279 12.78 5.76 -35.57
N THR D 280 13.79 5.59 -36.41
CA THR D 280 14.74 4.49 -36.32
C THR D 280 16.13 5.03 -36.03
N ALA D 281 17.06 4.09 -35.80
CA ALA D 281 18.39 4.48 -35.34
C ALA D 281 19.10 5.40 -36.33
N PRO D 282 19.15 5.09 -37.62
CA PRO D 282 19.87 6.00 -38.55
C PRO D 282 19.29 7.39 -38.57
N ASP D 283 18.01 7.56 -38.23
CA ASP D 283 17.37 8.86 -38.38
C ASP D 283 18.02 9.93 -37.53
N TYR D 284 18.78 9.54 -36.50
CA TYR D 284 19.50 10.50 -35.66
C TYR D 284 21.02 10.30 -35.66
N LEU D 285 21.51 9.09 -35.92
CA LEU D 285 22.95 8.90 -35.98
C LEU D 285 23.55 9.64 -37.18
N VAL D 286 22.90 9.56 -38.33
CA VAL D 286 23.32 10.32 -39.51
C VAL D 286 22.81 11.75 -39.32
N GLY D 287 23.72 12.66 -38.97
CA GLY D 287 23.33 14.03 -38.65
C GLY D 287 22.59 14.69 -39.80
N GLN D 288 22.02 15.85 -39.49
CA GLN D 288 21.24 16.60 -40.46
C GLN D 288 22.05 17.63 -41.23
N GLN D 289 23.22 18.04 -40.68
CA GLN D 289 24.05 19.03 -41.35
C GLN D 289 25.22 18.36 -42.06
N PRO D 290 25.75 18.96 -43.13
CA PRO D 290 26.88 18.35 -43.84
C PRO D 290 28.11 18.29 -42.95
N VAL D 291 29.09 17.52 -43.40
CA VAL D 291 30.37 17.37 -42.71
C VAL D 291 31.47 17.70 -43.71
N GLU D 292 32.37 18.62 -43.33
CA GLU D 292 33.43 19.09 -44.21
C GLU D 292 34.76 18.41 -43.90
N ASP D 293 35.23 18.51 -42.65
CA ASP D 293 36.50 17.95 -42.23
C ASP D 293 36.22 16.73 -41.37
N ILE D 294 36.77 15.58 -41.76
CA ILE D 294 36.62 14.33 -41.03
C ILE D 294 37.96 13.81 -40.52
N SER D 295 38.99 14.64 -40.54
CA SER D 295 40.29 14.22 -40.01
C SER D 295 40.34 14.29 -38.50
N SER D 296 39.60 15.22 -37.88
CA SER D 296 39.75 15.52 -36.46
C SER D 296 38.91 14.61 -35.57
N ASN D 297 37.78 14.10 -36.08
CA ASN D 297 36.84 13.35 -35.25
C ASN D 297 37.56 12.29 -34.43
N ARG D 298 37.19 12.22 -33.14
CA ARG D 298 37.89 11.33 -32.23
C ARG D 298 37.73 9.87 -32.63
N ILE D 299 36.51 9.46 -33.00
CA ILE D 299 36.31 8.10 -33.47
C ILE D 299 37.17 7.86 -34.70
N TYR D 300 37.23 8.85 -35.59
CA TYR D 300 38.04 8.72 -36.80
C TYR D 300 39.51 8.49 -36.45
N LYS D 301 40.04 9.30 -35.54
CA LYS D 301 41.43 9.14 -35.14
C LYS D 301 41.67 7.77 -34.50
N ILE D 302 40.77 7.35 -33.62
CA ILE D 302 40.93 6.06 -32.96
C ILE D 302 40.96 4.95 -34.00
N LEU D 303 40.00 4.97 -34.92
CA LEU D 303 39.93 3.93 -35.95
C LEU D 303 41.16 3.93 -36.82
N GLU D 304 41.67 5.10 -37.19
CA GLU D 304 42.89 5.18 -37.97
C GLU D 304 44.13 4.84 -37.16
N LEU D 305 44.01 4.76 -35.84
CA LEU D 305 45.12 4.42 -34.96
C LEU D 305 45.21 2.93 -34.67
N ASN D 306 44.35 2.11 -35.27
CA ASN D 306 44.37 0.67 -35.08
C ASN D 306 44.73 -0.10 -36.34
N GLY D 307 44.34 0.41 -37.52
CA GLY D 307 44.61 -0.27 -38.77
C GLY D 307 43.40 -0.30 -39.69
N TYR D 308 42.29 0.27 -39.23
CA TYR D 308 41.06 0.29 -40.01
C TYR D 308 41.04 1.50 -40.94
N ASP D 309 40.62 1.28 -42.17
CA ASP D 309 40.30 2.41 -43.04
C ASP D 309 39.12 3.15 -42.43
N PRO D 310 39.27 4.42 -42.07
CA PRO D 310 38.14 5.12 -41.42
C PRO D 310 36.85 5.06 -42.22
N GLN D 311 36.92 5.18 -43.55
CA GLN D 311 35.71 5.12 -44.36
C GLN D 311 35.06 3.75 -44.29
N TYR D 312 35.86 2.68 -44.32
CA TYR D 312 35.30 1.33 -44.29
C TYR D 312 34.69 1.02 -42.93
N ALA D 313 35.40 1.37 -41.85
CA ALA D 313 34.83 1.17 -40.52
C ALA D 313 33.56 1.98 -40.36
N ALA D 314 33.54 3.21 -40.88
CA ALA D 314 32.33 4.01 -40.85
C ALA D 314 31.20 3.33 -41.60
N SER D 315 31.49 2.74 -42.76
CA SER D 315 30.47 2.05 -43.52
C SER D 315 29.93 0.85 -42.75
N VAL D 316 30.80 0.09 -42.10
CA VAL D 316 30.34 -1.08 -41.35
C VAL D 316 29.50 -0.65 -40.16
N PHE D 317 29.93 0.40 -39.46
CA PHE D 317 29.11 0.95 -38.38
C PHE D 317 27.75 1.40 -38.90
N LEU D 318 27.74 2.07 -40.05
CA LEU D 318 26.49 2.54 -40.65
C LEU D 318 25.57 1.37 -40.93
N GLY D 319 26.10 0.32 -41.57
CA GLY D 319 25.30 -0.86 -41.80
C GLY D 319 24.77 -1.45 -40.51
N TRP D 320 25.60 -1.47 -39.47
CA TRP D 320 25.14 -1.90 -38.16
C TRP D 320 24.04 -1.00 -37.62
N ALA D 321 23.97 0.24 -38.11
CA ALA D 321 22.94 1.17 -37.67
C ALA D 321 21.64 0.97 -38.44
N THR D 322 21.72 0.99 -39.77
CA THR D 322 20.54 0.83 -40.61
C THR D 322 20.11 -0.63 -40.75
N LYS D 323 20.72 -1.55 -40.01
CA LYS D 323 20.29 -2.94 -40.01
C LYS D 323 20.47 -3.57 -41.39
N LYS D 324 21.69 -3.44 -41.91
CA LYS D 324 21.98 -3.79 -43.30
C LYS D 324 22.58 -5.18 -43.47
N PHE D 325 23.30 -5.69 -42.47
CA PHE D 325 24.00 -6.96 -42.61
C PHE D 325 23.19 -8.14 -42.05
N GLY D 326 21.88 -7.98 -41.91
CA GLY D 326 21.03 -9.10 -41.57
C GLY D 326 21.43 -9.76 -40.27
N LYS D 327 21.74 -11.05 -40.32
CA LYS D 327 22.06 -11.79 -39.11
C LYS D 327 23.19 -11.14 -38.32
N ARG D 328 24.14 -10.51 -39.02
CA ARG D 328 25.21 -9.77 -38.35
C ARG D 328 24.69 -8.43 -37.87
N ASN D 329 23.81 -8.50 -36.85
CA ASN D 329 23.14 -7.34 -36.28
C ASN D 329 23.78 -6.87 -34.98
N THR D 330 25.10 -6.98 -34.87
CA THR D 330 25.81 -6.54 -33.68
C THR D 330 27.24 -6.15 -34.05
N ILE D 331 27.76 -5.12 -33.38
CA ILE D 331 29.15 -4.74 -33.49
C ILE D 331 29.77 -4.85 -32.10
N TRP D 332 30.99 -5.37 -32.06
CA TRP D 332 31.64 -5.76 -30.82
C TRP D 332 32.90 -4.94 -30.62
N LEU D 333 33.03 -4.28 -29.45
CA LEU D 333 34.27 -3.51 -29.16
C LEU D 333 35.14 -4.32 -28.21
N PHE D 334 36.13 -5.03 -28.75
CA PHE D 334 37.04 -5.84 -27.90
C PHE D 334 38.38 -5.11 -27.73
N GLY D 335 39.14 -5.47 -26.69
CA GLY D 335 40.45 -4.84 -26.45
C GLY D 335 40.74 -4.70 -24.96
N PRO D 336 42.02 -4.50 -24.58
CA PRO D 336 42.40 -4.40 -23.16
C PRO D 336 41.90 -3.12 -22.50
N ALA D 337 42.26 -2.92 -21.24
CA ALA D 337 41.78 -1.77 -20.49
C ALA D 337 42.40 -0.47 -21.03
N THR D 338 41.73 0.64 -20.75
CA THR D 338 42.20 1.97 -21.14
C THR D 338 42.26 2.14 -22.65
N THR D 339 41.59 1.26 -23.40
CA THR D 339 41.59 1.36 -24.85
C THR D 339 40.49 2.27 -25.39
N GLY D 340 39.63 2.79 -24.54
CA GLY D 340 38.58 3.70 -24.96
C GLY D 340 37.25 3.07 -25.32
N LYS D 341 37.00 1.83 -24.89
CA LYS D 341 35.72 1.20 -25.19
C LYS D 341 34.57 2.06 -24.70
N THR D 342 34.68 2.58 -23.47
CA THR D 342 33.63 3.44 -22.95
C THR D 342 33.50 4.70 -23.79
N ASN D 343 34.63 5.35 -24.11
CA ASN D 343 34.56 6.61 -24.83
C ASN D 343 33.83 6.47 -26.17
N ILE D 344 33.83 5.27 -26.75
CA ILE D 344 33.15 5.03 -28.01
C ILE D 344 31.69 4.66 -27.74
N ALA D 345 31.48 3.58 -26.98
CA ALA D 345 30.13 3.08 -26.78
C ALA D 345 29.23 4.14 -26.16
N GLU D 346 29.71 4.79 -25.09
CA GLU D 346 28.95 5.86 -24.45
C GLU D 346 28.78 7.06 -25.36
N ALA D 347 29.53 7.15 -26.45
CA ALA D 347 29.35 8.22 -27.42
C ALA D 347 28.25 7.88 -28.42
N ILE D 348 28.34 6.72 -29.05
CA ILE D 348 27.30 6.26 -29.96
C ILE D 348 26.01 6.07 -29.18
N ALA D 349 26.07 5.31 -28.09
CA ALA D 349 24.87 4.98 -27.33
C ALA D 349 24.17 6.22 -26.80
N HIS D 350 24.89 7.34 -26.66
CA HIS D 350 24.28 8.60 -26.27
C HIS D 350 23.79 9.39 -27.47
N THR D 351 24.05 8.93 -28.70
CA THR D 351 23.69 9.67 -29.89
C THR D 351 22.34 9.25 -30.45
N VAL D 352 21.67 8.29 -29.81
CA VAL D 352 20.30 7.93 -30.18
C VAL D 352 19.41 8.30 -29.01
N PRO D 353 18.14 8.65 -29.25
CA PRO D 353 17.28 9.09 -28.14
C PRO D 353 17.29 8.14 -26.95
N PHE D 354 16.95 6.88 -27.18
CA PHE D 354 16.89 5.88 -26.12
C PHE D 354 18.00 4.86 -26.30
N TYR D 355 18.37 4.21 -25.20
CA TYR D 355 19.28 3.09 -25.26
C TYR D 355 19.15 2.30 -23.98
N GLY D 356 19.63 1.06 -24.00
CA GLY D 356 19.58 0.18 -22.86
C GLY D 356 20.93 -0.45 -22.59
N CYS D 357 21.06 -1.05 -21.41
CA CYS D 357 22.28 -1.70 -20.98
C CYS D 357 21.97 -3.14 -20.62
N VAL D 358 22.66 -4.08 -21.25
CA VAL D 358 22.45 -5.50 -20.97
C VAL D 358 22.85 -5.75 -19.52
N ASN D 359 21.87 -6.06 -18.69
CA ASN D 359 22.07 -6.20 -17.24
C ASN D 359 22.12 -7.69 -16.91
N TRP D 360 23.31 -8.27 -17.04
CA TRP D 360 23.49 -9.69 -16.72
C TRP D 360 23.41 -9.97 -15.23
N THR D 361 23.46 -8.94 -14.37
CA THR D 361 23.26 -9.16 -12.96
C THR D 361 21.84 -9.61 -12.64
N ASN D 362 20.90 -9.43 -13.57
CA ASN D 362 19.53 -9.90 -13.44
C ASN D 362 19.37 -11.06 -14.42
N GLU D 363 19.68 -12.27 -13.93
CA GLU D 363 19.63 -13.44 -14.79
C GLU D 363 18.21 -13.74 -15.26
N ASN D 364 17.21 -13.43 -14.44
CA ASN D 364 15.82 -13.68 -14.82
C ASN D 364 15.42 -12.85 -16.03
N PHE D 365 15.79 -11.57 -16.05
CA PHE D 365 15.46 -10.65 -17.14
C PHE D 365 16.70 -9.85 -17.51
N PRO D 366 17.69 -10.50 -18.14
CA PRO D 366 18.91 -9.78 -18.52
C PRO D 366 18.65 -8.60 -19.44
N PHE D 367 17.64 -8.70 -20.30
CA PHE D 367 17.35 -7.67 -21.30
C PHE D 367 16.16 -6.79 -20.90
N ASN D 368 15.80 -6.78 -19.62
CA ASN D 368 14.64 -6.00 -19.18
C ASN D 368 14.77 -4.52 -19.50
N ASP D 369 16.01 -4.03 -19.69
CA ASP D 369 16.25 -2.65 -20.06
C ASP D 369 16.51 -2.48 -21.55
N CYS D 370 16.35 -3.55 -22.33
CA CYS D 370 16.61 -3.54 -23.77
C CYS D 370 15.33 -3.66 -24.57
N VAL D 371 14.26 -3.01 -24.11
CA VAL D 371 12.95 -3.10 -24.75
C VAL D 371 12.63 -1.74 -25.37
N ASP D 372 12.24 -1.76 -26.65
CA ASP D 372 11.87 -0.55 -27.38
C ASP D 372 13.03 0.45 -27.41
N LYS D 373 14.25 -0.06 -27.47
CA LYS D 373 15.43 0.79 -27.53
C LYS D 373 15.96 0.84 -28.96
N MET D 374 16.42 2.03 -29.36
CA MET D 374 17.03 2.18 -30.67
C MET D 374 18.46 1.65 -30.70
N VAL D 375 19.10 1.50 -29.55
CA VAL D 375 20.42 0.87 -29.45
C VAL D 375 20.52 0.22 -28.08
N ILE D 376 21.30 -0.86 -28.01
CA ILE D 376 21.45 -1.64 -26.79
C ILE D 376 22.94 -1.75 -26.45
N TRP D 377 23.28 -1.53 -25.19
CA TRP D 377 24.66 -1.47 -24.72
C TRP D 377 24.97 -2.72 -23.89
N TRP D 378 25.72 -3.65 -24.48
CA TRP D 378 26.22 -4.81 -23.75
C TRP D 378 27.53 -4.41 -23.08
N GLU D 379 27.40 -3.61 -22.03
CA GLU D 379 28.57 -3.00 -21.40
C GLU D 379 29.41 -4.05 -20.66
N GLU D 380 28.78 -4.85 -19.80
CA GLU D 380 29.49 -5.84 -19.01
C GLU D 380 28.60 -7.06 -18.82
N GLY D 381 29.21 -8.11 -18.28
CA GLY D 381 28.49 -9.34 -18.00
C GLY D 381 28.63 -10.36 -19.10
N LYS D 382 28.72 -11.64 -18.74
CA LYS D 382 28.82 -12.73 -19.70
C LYS D 382 27.45 -13.33 -19.97
N MET D 383 27.39 -14.17 -21.00
CA MET D 383 26.14 -14.74 -21.46
C MET D 383 25.89 -16.08 -20.78
N THR D 384 24.68 -16.26 -20.26
CA THR D 384 24.29 -17.50 -19.60
C THR D 384 23.62 -18.44 -20.59
N ALA D 385 23.79 -19.74 -20.34
CA ALA D 385 23.24 -20.75 -21.25
C ALA D 385 21.73 -20.63 -21.36
N LYS D 386 21.06 -20.19 -20.31
CA LYS D 386 19.61 -20.15 -20.28
C LYS D 386 19.01 -19.15 -21.28
N VAL D 387 19.78 -18.17 -21.73
CA VAL D 387 19.26 -17.14 -22.64
C VAL D 387 20.11 -17.04 -23.89
N VAL D 388 20.75 -18.16 -24.28
CA VAL D 388 21.57 -18.15 -25.48
C VAL D 388 20.72 -17.93 -26.72
N GLU D 389 19.56 -18.59 -26.79
CA GLU D 389 18.69 -18.42 -27.96
C GLU D 389 18.20 -16.98 -28.06
N SER D 390 17.75 -16.42 -26.93
CA SER D 390 17.32 -15.03 -26.93
C SER D 390 18.49 -14.09 -27.23
N ALA D 391 19.68 -14.44 -26.74
CA ALA D 391 20.86 -13.62 -27.04
C ALA D 391 21.16 -13.62 -28.53
N LYS D 392 21.07 -14.79 -29.18
CA LYS D 392 21.26 -14.83 -30.62
C LYS D 392 20.18 -14.02 -31.33
N ALA D 393 18.93 -14.13 -30.87
CA ALA D 393 17.85 -13.36 -31.48
C ALA D 393 18.13 -11.87 -31.40
N ILE D 394 18.56 -11.40 -30.23
CA ILE D 394 18.84 -9.98 -30.04
C ILE D 394 20.01 -9.56 -30.92
N LEU D 395 21.11 -10.32 -30.85
CA LEU D 395 22.30 -9.97 -31.62
C LEU D 395 22.10 -10.19 -33.11
N GLY D 396 21.13 -11.02 -33.49
CA GLY D 396 20.84 -11.33 -34.88
C GLY D 396 19.76 -10.49 -35.51
N GLY D 397 19.28 -9.46 -34.83
CA GLY D 397 18.21 -8.64 -35.36
C GLY D 397 16.96 -9.45 -35.63
N SER D 398 16.58 -10.29 -34.66
CA SER D 398 15.42 -11.15 -34.79
C SER D 398 14.51 -10.93 -33.58
N LYS D 399 13.21 -10.86 -33.83
CA LYS D 399 12.25 -10.65 -32.75
C LYS D 399 12.32 -11.80 -31.75
N VAL D 400 12.17 -11.46 -30.48
CA VAL D 400 12.24 -12.45 -29.40
C VAL D 400 11.47 -11.93 -28.19
N ARG D 401 10.70 -12.80 -27.56
CA ARG D 401 9.96 -12.44 -26.36
C ARG D 401 10.81 -12.73 -25.14
N VAL D 402 11.07 -11.69 -24.35
CA VAL D 402 11.89 -11.80 -23.15
C VAL D 402 11.03 -11.51 -21.94
N ASP D 403 11.40 -12.12 -20.81
CA ASP D 403 10.66 -11.92 -19.57
C ASP D 403 11.11 -10.64 -18.90
N GLN D 404 10.15 -9.80 -18.51
CA GLN D 404 10.40 -8.55 -17.82
C GLN D 404 10.03 -8.68 -16.36
N LYS D 405 10.84 -8.10 -15.49
CA LYS D 405 10.60 -8.17 -14.06
C LYS D 405 9.32 -7.41 -13.71
N CYS D 406 8.39 -8.08 -13.03
CA CYS D 406 7.12 -7.49 -12.63
C CYS D 406 6.33 -6.99 -13.84
N LYS D 407 6.52 -7.63 -15.00
CA LYS D 407 5.81 -7.25 -16.21
C LYS D 407 5.66 -8.48 -17.10
N SER D 408 4.70 -8.40 -18.02
CA SER D 408 4.50 -9.47 -18.98
C SER D 408 5.64 -9.50 -20.00
N SER D 409 5.83 -10.66 -20.61
CA SER D 409 6.89 -10.82 -21.59
C SER D 409 6.70 -9.84 -22.74
N ALA D 410 7.79 -9.18 -23.12
CA ALA D 410 7.79 -8.21 -24.20
C ALA D 410 8.70 -8.66 -25.34
N GLN D 411 8.35 -8.25 -26.55
CA GLN D 411 9.09 -8.63 -27.75
C GLN D 411 10.15 -7.58 -28.04
N ILE D 412 11.40 -8.04 -28.15
CA ILE D 412 12.51 -7.17 -28.51
C ILE D 412 12.69 -7.24 -30.02
N ASP D 413 12.32 -6.17 -30.71
CA ASP D 413 12.42 -6.12 -32.16
C ASP D 413 13.89 -6.17 -32.57
N PRO D 414 14.19 -6.27 -33.86
CA PRO D 414 15.59 -6.19 -34.29
C PRO D 414 16.19 -4.84 -33.96
N THR D 415 17.14 -4.83 -33.03
CA THR D 415 17.78 -3.59 -32.59
C THR D 415 19.29 -3.76 -32.63
N PRO D 416 20.04 -2.79 -33.15
CA PRO D 416 21.49 -2.91 -33.14
C PRO D 416 22.03 -2.99 -31.71
N VAL D 417 23.11 -3.76 -31.54
CA VAL D 417 23.70 -4.00 -30.23
C VAL D 417 25.16 -3.59 -30.27
N ILE D 418 25.63 -2.97 -29.19
CA ILE D 418 27.02 -2.57 -29.03
C ILE D 418 27.56 -3.21 -27.77
N VAL D 419 28.73 -3.84 -27.88
CA VAL D 419 29.30 -4.67 -26.83
C VAL D 419 30.67 -4.13 -26.48
N THR D 420 30.93 -3.99 -25.18
CA THR D 420 32.23 -3.53 -24.68
C THR D 420 32.79 -4.61 -23.77
N SER D 421 33.84 -5.29 -24.23
CA SER D 421 34.43 -6.40 -23.49
C SER D 421 35.94 -6.41 -23.66
N ASN D 422 36.64 -6.73 -22.58
CA ASN D 422 38.06 -7.00 -22.63
C ASN D 422 38.37 -8.49 -22.81
N THR D 423 37.33 -9.33 -22.90
CA THR D 423 37.50 -10.76 -23.08
C THR D 423 36.59 -11.24 -24.20
N ASN D 424 36.47 -12.56 -24.37
CA ASN D 424 35.66 -13.14 -25.43
C ASN D 424 34.24 -13.31 -24.90
N MET D 425 33.34 -12.42 -25.33
CA MET D 425 31.94 -12.51 -24.94
C MET D 425 31.28 -13.77 -25.47
N CYS D 426 31.84 -14.38 -26.52
CA CYS D 426 31.29 -15.63 -27.04
C CYS D 426 31.27 -16.73 -25.98
N ALA D 427 32.10 -16.61 -24.95
CA ALA D 427 32.06 -17.55 -23.84
C ALA D 427 30.66 -17.56 -23.23
N VAL D 428 30.12 -18.76 -23.05
CA VAL D 428 28.76 -18.95 -22.56
C VAL D 428 28.83 -19.69 -21.24
N ILE D 429 28.24 -19.11 -20.20
CA ILE D 429 28.25 -19.70 -18.87
C ILE D 429 27.06 -20.65 -18.74
N ASP D 430 27.34 -21.90 -18.40
CA ASP D 430 26.31 -22.90 -18.12
C ASP D 430 26.61 -23.50 -16.74
N GLY D 431 26.12 -22.84 -15.70
CA GLY D 431 26.49 -23.22 -14.35
C GLY D 431 27.95 -22.96 -14.08
N ASN D 432 28.70 -24.04 -13.84
CA ASN D 432 30.15 -23.94 -13.66
C ASN D 432 30.93 -24.16 -14.95
N SER D 433 30.25 -24.40 -16.06
CA SER D 433 30.91 -24.71 -17.33
C SER D 433 30.83 -23.51 -18.26
N THR D 434 31.96 -23.16 -18.86
CA THR D 434 32.05 -22.09 -19.85
C THR D 434 32.33 -22.71 -21.21
N THR D 435 31.37 -22.64 -22.11
CA THR D 435 31.44 -23.30 -23.40
C THR D 435 31.49 -22.27 -24.52
N PHE D 436 32.31 -22.57 -25.53
CA PHE D 436 32.45 -21.73 -26.71
C PHE D 436 31.70 -22.30 -27.91
N GLU D 437 30.81 -23.26 -27.69
CA GLU D 437 30.10 -23.88 -28.81
C GLU D 437 29.28 -22.87 -29.60
N HIS D 438 28.87 -21.78 -28.96
CA HIS D 438 28.05 -20.77 -29.59
C HIS D 438 28.86 -19.67 -30.27
N GLN D 439 30.19 -19.80 -30.27
CA GLN D 439 31.03 -18.78 -30.89
C GLN D 439 30.74 -18.65 -32.38
N GLN D 440 30.77 -19.77 -33.10
CA GLN D 440 30.58 -19.71 -34.55
C GLN D 440 29.21 -19.14 -34.91
N PRO D 441 28.10 -19.58 -34.31
CA PRO D 441 26.83 -18.88 -34.57
C PRO D 441 26.89 -17.40 -34.26
N LEU D 442 27.63 -17.01 -33.21
CA LEU D 442 27.75 -15.60 -32.86
C LEU D 442 28.67 -14.86 -33.82
N GLN D 443 29.79 -15.48 -34.19
CA GLN D 443 30.73 -14.82 -35.09
C GLN D 443 30.10 -14.55 -36.45
N ASP D 444 29.17 -15.41 -36.87
CA ASP D 444 28.36 -15.11 -38.04
C ASP D 444 27.33 -14.03 -37.77
N ARG D 445 27.25 -13.53 -36.54
CA ARG D 445 26.27 -12.53 -36.14
C ARG D 445 26.91 -11.24 -35.64
N MET D 446 28.23 -11.13 -35.68
CA MET D 446 28.92 -9.97 -35.10
C MET D 446 30.07 -9.54 -36.01
N PHE D 447 30.11 -8.25 -36.31
CA PHE D 447 31.31 -7.62 -36.87
C PHE D 447 32.14 -7.11 -35.70
N LYS D 448 33.32 -7.69 -35.50
CA LYS D 448 34.12 -7.42 -34.31
C LYS D 448 35.18 -6.37 -34.59
N PHE D 449 35.46 -5.57 -33.55
CA PHE D 449 36.56 -4.63 -33.54
C PHE D 449 37.47 -4.95 -32.37
N GLU D 450 38.79 -4.99 -32.61
CA GLU D 450 39.80 -5.36 -31.57
C GLU D 450 40.77 -4.20 -31.32
N LEU D 451 40.42 -3.24 -30.45
CA LEU D 451 41.32 -2.14 -30.03
C LEU D 451 42.73 -2.70 -29.86
N THR D 452 43.75 -2.03 -30.41
CA THR D 452 45.14 -2.55 -30.43
C THR D 452 45.92 -2.25 -29.15
N ARG D 453 45.95 -0.99 -28.68
CA ARG D 453 46.81 -0.60 -27.57
C ARG D 453 46.06 0.41 -26.71
N ARG D 454 46.77 1.04 -25.77
CA ARG D 454 46.17 1.96 -24.82
C ARG D 454 46.11 3.36 -25.41
N LEU D 455 44.99 4.03 -25.20
CA LEU D 455 44.83 5.41 -25.63
C LEU D 455 45.54 6.34 -24.67
N ASP D 456 45.73 7.59 -25.11
CA ASP D 456 46.29 8.63 -24.26
C ASP D 456 45.19 9.18 -23.35
N HIS D 457 45.52 9.31 -22.06
CA HIS D 457 44.52 9.78 -21.09
C HIS D 457 44.06 11.21 -21.38
N ASP D 458 44.80 11.97 -22.19
CA ASP D 458 44.41 13.31 -22.58
C ASP D 458 43.81 13.34 -23.99
N PHE D 459 43.14 12.25 -24.38
CA PHE D 459 42.58 12.15 -25.73
C PHE D 459 41.25 12.88 -25.87
N GLY D 460 40.59 13.22 -24.76
CA GLY D 460 39.30 13.89 -24.81
C GLY D 460 38.16 12.89 -24.87
N LYS D 461 36.96 13.45 -25.00
CA LYS D 461 35.73 12.68 -25.03
C LYS D 461 35.03 12.90 -26.37
N VAL D 462 34.55 11.81 -26.97
CA VAL D 462 33.86 11.90 -28.26
C VAL D 462 32.53 12.59 -28.07
N THR D 463 32.44 13.84 -28.53
CA THR D 463 31.23 14.61 -28.33
C THR D 463 30.10 14.07 -29.19
N LYS D 464 28.87 14.39 -28.79
CA LYS D 464 27.71 14.01 -29.57
C LYS D 464 27.82 14.53 -31.00
N GLN D 465 28.30 15.78 -31.14
CA GLN D 465 28.46 16.33 -32.47
C GLN D 465 29.50 15.57 -33.28
N GLU D 466 30.55 15.07 -32.63
CA GLU D 466 31.52 14.25 -33.35
C GLU D 466 30.88 12.98 -33.87
N VAL D 467 30.03 12.35 -33.06
CA VAL D 467 29.34 11.15 -33.53
C VAL D 467 28.44 11.48 -34.71
N LYS D 468 27.71 12.60 -34.62
CA LYS D 468 26.85 13.00 -35.72
C LYS D 468 27.66 13.23 -36.98
N ASP D 469 28.81 13.88 -36.86
CA ASP D 469 29.65 14.13 -38.02
C ASP D 469 30.15 12.82 -38.61
N PHE D 470 30.57 11.88 -37.77
CA PHE D 470 31.08 10.60 -38.27
C PHE D 470 30.00 9.84 -39.02
N PHE D 471 28.81 9.74 -38.42
CA PHE D 471 27.73 8.96 -39.02
C PHE D 471 26.97 9.73 -40.09
N ARG D 472 27.32 10.99 -40.32
CA ARG D 472 26.86 11.72 -41.49
C ARG D 472 27.83 11.57 -42.65
N TRP D 473 29.13 11.76 -42.40
CA TRP D 473 30.13 11.55 -43.42
C TRP D 473 30.15 10.10 -43.90
N ALA D 474 29.76 9.15 -43.04
CA ALA D 474 29.68 7.76 -43.48
C ALA D 474 28.69 7.60 -44.63
N LYS D 475 27.48 8.14 -44.47
CA LYS D 475 26.48 8.01 -45.53
C LYS D 475 26.92 8.71 -46.81
N ASP D 476 27.48 9.91 -46.68
CA ASP D 476 27.97 10.64 -47.85
C ASP D 476 29.08 9.90 -48.58
N HIS D 477 29.77 8.98 -47.90
CA HIS D 477 30.92 8.30 -48.49
C HIS D 477 30.89 6.81 -48.16
N VAL D 478 29.69 6.21 -48.19
CA VAL D 478 29.57 4.78 -47.94
C VAL D 478 30.52 4.02 -48.86
N VAL D 479 31.04 2.89 -48.36
CA VAL D 479 31.84 1.99 -49.16
C VAL D 479 31.30 0.58 -48.98
N GLU D 480 31.59 -0.26 -49.96
CA GLU D 480 31.07 -1.62 -49.95
C GLU D 480 31.72 -2.43 -48.84
N VAL D 481 30.95 -3.37 -48.29
CA VAL D 481 31.36 -4.16 -47.15
C VAL D 481 31.35 -5.63 -47.56
N GLU D 482 32.09 -6.44 -46.80
CA GLU D 482 32.20 -7.87 -47.05
C GLU D 482 31.91 -8.60 -45.75
N HIS D 483 31.16 -9.69 -45.86
CA HIS D 483 30.47 -10.28 -44.71
C HIS D 483 31.38 -11.22 -43.91
N GLU D 484 32.69 -11.06 -44.03
CA GLU D 484 33.59 -11.81 -43.18
C GLU D 484 33.26 -11.52 -41.72
N PHE D 485 33.68 -12.43 -40.83
CA PHE D 485 33.44 -12.22 -39.42
C PHE D 485 34.11 -10.94 -38.92
N TYR D 486 35.34 -10.70 -39.36
CA TYR D 486 36.08 -9.50 -38.98
C TYR D 486 35.91 -8.42 -40.04
N VAL D 487 35.97 -7.16 -39.59
CA VAL D 487 35.95 -6.02 -40.51
C VAL D 487 37.31 -5.93 -41.18
N LYS D 488 37.30 -5.81 -42.51
CA LYS D 488 38.56 -5.82 -43.25
C LYS D 488 39.45 -4.67 -42.79
N LYS D 489 40.73 -4.98 -42.59
CA LYS D 489 41.71 -4.02 -42.07
C LYS D 489 42.40 -3.28 -43.20
N GLY D 490 41.61 -2.69 -44.09
CA GLY D 490 42.16 -1.98 -45.23
C GLY D 490 41.10 -1.14 -45.90
N GLY D 491 41.51 -0.45 -46.97
CA GLY D 491 40.61 0.40 -47.73
C GLY D 491 39.81 -0.37 -48.74
N PRO E 215 8.85 27.21 -27.42
CA PRO E 215 7.74 27.28 -26.46
C PRO E 215 8.15 27.91 -25.14
N VAL E 216 7.66 29.12 -24.89
CA VAL E 216 7.94 29.83 -23.64
C VAL E 216 6.62 30.32 -23.05
N ILE E 217 6.15 29.65 -22.01
CA ILE E 217 4.91 30.07 -21.35
C ILE E 217 5.13 31.45 -20.76
N ARG E 218 4.46 32.45 -21.31
CA ARG E 218 4.63 33.84 -20.89
C ARG E 218 3.37 34.28 -20.16
N SER E 219 3.44 34.28 -18.84
CA SER E 219 2.36 34.76 -17.98
C SER E 219 3.01 35.54 -16.85
N LYS E 220 2.20 35.96 -15.87
CA LYS E 220 2.75 36.66 -14.72
C LYS E 220 3.51 35.70 -13.81
N THR E 221 2.92 34.52 -13.56
CA THR E 221 3.59 33.56 -12.70
C THR E 221 4.88 33.07 -13.32
N SER E 222 4.89 32.88 -14.65
CA SER E 222 6.12 32.48 -15.31
C SER E 222 7.19 33.57 -15.20
N ALA E 223 6.79 34.84 -15.28
CA ALA E 223 7.75 35.92 -15.10
C ALA E 223 8.34 35.91 -13.70
N ARG E 224 7.49 35.73 -12.68
CA ARG E 224 7.99 35.66 -11.31
C ARG E 224 8.95 34.49 -11.15
N TYR E 225 8.60 33.33 -11.68
CA TYR E 225 9.45 32.16 -11.54
C TYR E 225 10.78 32.35 -12.27
N MET E 226 10.75 32.93 -13.46
CA MET E 226 11.99 33.17 -14.19
C MET E 226 12.88 34.14 -13.42
N GLU E 227 12.30 35.21 -12.88
CA GLU E 227 13.10 36.12 -12.06
C GLU E 227 13.70 35.39 -10.87
N LEU E 228 12.92 34.54 -10.21
CA LEU E 228 13.43 33.83 -9.05
C LEU E 228 14.61 32.94 -9.43
N VAL E 229 14.48 32.18 -10.52
CA VAL E 229 15.54 31.24 -10.86
C VAL E 229 16.78 31.98 -11.34
N GLY E 230 16.60 33.04 -12.12
CA GLY E 230 17.75 33.84 -12.51
C GLY E 230 18.47 34.42 -11.31
N TRP E 231 17.70 34.93 -10.33
CA TRP E 231 18.30 35.48 -9.14
C TRP E 231 19.06 34.42 -8.35
N LEU E 232 18.48 33.23 -8.21
CA LEU E 232 19.15 32.17 -7.48
C LEU E 232 20.45 31.78 -8.16
N VAL E 233 20.44 31.67 -9.49
CA VAL E 233 21.65 31.30 -10.19
C VAL E 233 22.70 32.41 -10.08
N ASP E 234 22.28 33.67 -10.15
CA ASP E 234 23.23 34.76 -10.03
C ASP E 234 23.86 34.82 -8.64
N LYS E 235 23.09 34.53 -7.59
CA LYS E 235 23.63 34.57 -6.24
C LYS E 235 24.35 33.29 -5.87
N GLY E 236 23.76 32.14 -6.17
CA GLY E 236 24.41 30.88 -5.91
C GLY E 236 23.80 30.11 -4.76
N ILE E 237 22.49 30.21 -4.59
CA ILE E 237 21.79 29.51 -3.53
C ILE E 237 21.36 28.14 -4.03
N THR E 238 21.60 27.12 -3.21
CA THR E 238 21.25 25.76 -3.57
C THR E 238 20.49 25.03 -2.47
N SER E 239 20.20 25.67 -1.35
CA SER E 239 19.41 25.08 -0.28
C SER E 239 18.66 26.18 0.44
N GLU E 240 17.62 25.79 1.17
CA GLU E 240 16.75 26.78 1.80
C GLU E 240 17.51 27.60 2.82
N LYS E 241 18.42 26.97 3.57
CA LYS E 241 19.13 27.68 4.62
C LYS E 241 19.86 28.89 4.06
N GLN E 242 20.58 28.70 2.96
CA GLN E 242 21.28 29.83 2.35
C GLN E 242 20.29 30.87 1.86
N TRP E 243 19.14 30.44 1.33
CA TRP E 243 18.14 31.39 0.86
C TRP E 243 17.72 32.32 2.00
N ILE E 244 17.41 31.75 3.16
CA ILE E 244 17.08 32.59 4.32
C ILE E 244 18.27 33.46 4.69
N GLN E 245 19.46 32.86 4.69
CA GLN E 245 20.66 33.58 5.12
C GLN E 245 20.96 34.78 4.24
N GLU E 246 20.45 34.80 3.01
CA GLU E 246 20.70 35.93 2.12
C GLU E 246 19.62 36.99 2.22
N ASP E 247 18.34 36.59 2.12
CA ASP E 247 17.24 37.53 2.20
C ASP E 247 16.07 36.83 2.87
N GLN E 248 15.82 37.15 4.14
CA GLN E 248 14.77 36.46 4.89
C GLN E 248 13.39 36.75 4.33
N ALA E 249 13.16 37.99 3.90
CA ALA E 249 11.85 38.36 3.37
C ALA E 249 11.46 37.42 2.23
N SER E 250 12.39 37.13 1.34
CA SER E 250 12.09 36.27 0.20
C SER E 250 11.57 34.92 0.66
N TYR E 251 12.29 34.26 1.57
CA TYR E 251 11.89 32.92 2.00
C TYR E 251 10.56 32.95 2.73
N ILE E 252 10.39 33.89 3.67
CA ILE E 252 9.15 33.95 4.43
C ILE E 252 7.97 34.16 3.48
N SER E 253 8.09 35.13 2.58
CA SER E 253 7.01 35.40 1.64
C SER E 253 6.72 34.18 0.78
N PHE E 254 7.75 33.56 0.23
CA PHE E 254 7.55 32.45 -0.70
C PHE E 254 7.19 31.19 0.06
N ASN E 255 7.11 31.28 1.38
CA ASN E 255 6.54 30.19 2.17
C ASN E 255 5.11 30.46 2.62
N ALA E 256 4.69 31.72 2.66
CA ALA E 256 3.35 32.07 3.12
C ALA E 256 2.25 31.26 2.46
N ALA E 257 2.11 31.37 1.15
CA ALA E 257 0.94 30.84 0.43
C ALA E 257 0.89 29.32 0.42
N SER E 258 -0.10 28.75 -0.26
CA SER E 258 -0.23 27.30 -0.39
C SER E 258 0.50 26.75 -1.60
N ASN E 259 0.64 27.54 -2.68
CA ASN E 259 1.50 27.15 -3.79
C ASN E 259 2.97 27.39 -3.46
N SER E 260 3.24 28.12 -2.37
CA SER E 260 4.59 28.45 -1.94
C SER E 260 5.54 27.26 -2.00
N ARG E 261 5.27 26.20 -1.24
CA ARG E 261 6.26 25.13 -1.09
C ARG E 261 6.58 24.48 -2.42
N SER E 262 5.56 24.25 -3.24
CA SER E 262 5.80 23.66 -4.55
C SER E 262 6.76 24.51 -5.37
N GLN E 263 6.52 25.82 -5.39
CA GLN E 263 7.37 26.72 -6.16
C GLN E 263 8.79 26.75 -5.61
N ILE E 264 8.95 26.77 -4.29
CA ILE E 264 10.28 26.79 -3.70
C ILE E 264 11.05 25.53 -4.08
N LYS E 265 10.41 24.37 -3.91
CA LYS E 265 11.09 23.12 -4.23
C LYS E 265 11.47 23.07 -5.70
N ALA E 266 10.55 23.43 -6.58
CA ALA E 266 10.83 23.41 -8.01
C ALA E 266 11.94 24.38 -8.35
N ALA E 267 11.93 25.57 -7.76
CA ALA E 267 12.96 26.57 -8.06
C ALA E 267 14.32 26.07 -7.63
N LEU E 268 14.42 25.48 -6.44
CA LEU E 268 15.72 24.99 -5.99
C LEU E 268 16.22 23.88 -6.90
N ASP E 269 15.36 22.92 -7.25
CA ASP E 269 15.80 21.84 -8.11
C ASP E 269 16.23 22.35 -9.48
N ASN E 270 15.45 23.27 -10.05
CA ASN E 270 15.76 23.78 -11.39
C ASN E 270 17.05 24.59 -11.39
N ALA E 271 17.25 25.43 -10.37
CA ALA E 271 18.48 26.20 -10.28
C ALA E 271 19.69 25.31 -10.11
N GLY E 272 19.56 24.28 -9.26
CA GLY E 272 20.65 23.32 -9.13
C GLY E 272 20.96 22.62 -10.44
N LYS E 273 19.92 22.25 -11.19
CA LYS E 273 20.14 21.61 -12.49
C LYS E 273 20.88 22.55 -13.43
N ILE E 274 20.47 23.82 -13.47
CA ILE E 274 21.12 24.79 -14.36
C ILE E 274 22.60 24.91 -14.01
N MET E 275 22.90 25.10 -12.73
CA MET E 275 24.29 25.25 -12.32
C MET E 275 25.09 23.98 -12.63
N SER E 276 24.48 22.81 -12.39
CA SER E 276 25.19 21.56 -12.65
C SER E 276 25.52 21.39 -14.12
N LEU E 277 24.59 21.76 -15.01
CA LEU E 277 24.86 21.62 -16.43
C LEU E 277 25.83 22.67 -16.94
N THR E 278 25.90 23.84 -16.29
CA THR E 278 26.77 24.90 -16.76
C THR E 278 28.20 24.78 -16.24
N LYS E 279 28.48 23.87 -15.30
CA LYS E 279 29.82 23.66 -14.79
C LYS E 279 29.96 22.20 -14.35
N THR E 280 31.20 21.78 -14.14
CA THR E 280 31.48 20.41 -13.73
C THR E 280 32.49 20.46 -12.58
N ALA E 281 32.88 19.27 -12.11
CA ALA E 281 33.75 19.21 -10.93
C ALA E 281 35.09 19.89 -11.14
N PRO E 282 35.83 19.65 -12.23
CA PRO E 282 37.12 20.32 -12.38
C PRO E 282 37.04 21.82 -12.39
N ASP E 283 35.91 22.39 -12.86
CA ASP E 283 35.79 23.83 -12.88
C ASP E 283 35.83 24.42 -11.47
N TYR E 284 35.20 23.74 -10.51
CA TYR E 284 35.22 24.20 -9.12
C TYR E 284 36.50 23.80 -8.40
N LEU E 285 36.94 22.54 -8.55
CA LEU E 285 38.06 22.07 -7.74
C LEU E 285 39.36 22.75 -8.15
N VAL E 286 39.66 22.79 -9.44
CA VAL E 286 40.90 23.43 -9.88
C VAL E 286 40.83 24.93 -9.64
N GLY E 287 41.99 25.53 -9.48
CA GLY E 287 42.06 26.94 -9.13
C GLY E 287 42.51 27.82 -10.28
N GLN E 288 42.13 29.09 -10.25
CA GLN E 288 42.49 30.03 -11.30
C GLN E 288 43.74 30.84 -10.97
N GLN E 289 44.14 30.87 -9.71
CA GLN E 289 45.41 31.50 -9.35
C GLN E 289 46.44 30.43 -9.04
N PRO E 290 47.72 30.69 -9.29
CA PRO E 290 48.73 29.66 -9.05
C PRO E 290 49.09 29.51 -7.58
N VAL E 291 50.09 28.69 -7.27
CA VAL E 291 50.52 28.45 -5.91
C VAL E 291 51.96 28.91 -5.78
N GLU E 292 52.21 29.87 -4.88
CA GLU E 292 53.57 30.34 -4.65
C GLU E 292 54.42 29.21 -4.08
N ASP E 293 53.93 28.56 -3.03
CA ASP E 293 54.62 27.43 -2.42
C ASP E 293 53.59 26.51 -1.80
N ILE E 294 53.58 25.25 -2.24
CA ILE E 294 52.57 24.30 -1.78
C ILE E 294 52.97 23.62 -0.47
N SER E 295 54.24 23.73 -0.07
CA SER E 295 54.68 23.02 1.13
C SER E 295 53.93 23.46 2.38
N SER E 296 53.18 24.56 2.31
CA SER E 296 52.38 24.99 3.45
C SER E 296 51.02 24.30 3.47
N ASN E 297 50.44 24.06 2.30
CA ASN E 297 49.12 23.44 2.22
C ASN E 297 49.13 22.11 2.95
N ARG E 298 48.06 21.86 3.70
CA ARG E 298 48.04 20.73 4.61
C ARG E 298 47.86 19.38 3.92
N ILE E 299 47.22 19.35 2.74
CA ILE E 299 47.10 18.07 2.05
C ILE E 299 48.47 17.55 1.67
N TYR E 300 49.36 18.44 1.24
CA TYR E 300 50.72 18.05 0.92
C TYR E 300 51.38 17.40 2.13
N LYS E 301 51.23 18.01 3.32
CA LYS E 301 51.86 17.46 4.51
C LYS E 301 51.25 16.13 4.90
N ILE E 302 49.92 16.01 4.81
CA ILE E 302 49.28 14.73 5.11
C ILE E 302 49.86 13.65 4.21
N LEU E 303 49.99 13.94 2.92
CA LEU E 303 50.44 12.92 1.98
C LEU E 303 51.94 12.69 2.03
N GLU E 304 52.70 13.60 2.65
CA GLU E 304 54.14 13.41 2.77
C GLU E 304 54.53 12.71 4.06
N LEU E 305 53.84 12.97 5.16
CA LEU E 305 54.10 12.23 6.38
C LEU E 305 53.90 10.74 6.17
N ASN E 306 52.81 10.37 5.51
CA ASN E 306 52.52 8.95 5.28
C ASN E 306 53.52 8.33 4.33
N GLY E 307 54.07 9.11 3.40
CA GLY E 307 55.09 8.61 2.50
C GLY E 307 54.84 8.96 1.05
N TYR E 308 53.58 9.04 0.65
CA TYR E 308 53.26 9.23 -0.77
C TYR E 308 53.94 10.47 -1.31
N ASP E 309 54.62 10.32 -2.44
CA ASP E 309 55.22 11.46 -3.10
C ASP E 309 54.13 12.41 -3.58
N PRO E 310 54.14 13.67 -3.16
CA PRO E 310 52.96 14.52 -3.40
C PRO E 310 52.68 14.78 -4.87
N GLN E 311 53.68 14.67 -5.74
CA GLN E 311 53.44 14.85 -7.17
C GLN E 311 52.62 13.69 -7.73
N TYR E 312 53.01 12.46 -7.40
CA TYR E 312 52.27 11.29 -7.86
C TYR E 312 50.84 11.29 -7.32
N ALA E 313 50.70 11.54 -6.02
CA ALA E 313 49.37 11.55 -5.42
C ALA E 313 48.54 12.71 -5.98
N ALA E 314 49.17 13.85 -6.24
CA ALA E 314 48.44 14.96 -6.84
C ALA E 314 47.95 14.61 -8.23
N SER E 315 48.77 13.91 -9.02
CA SER E 315 48.32 13.46 -10.33
C SER E 315 47.13 12.51 -10.19
N VAL E 316 47.20 11.59 -9.22
CA VAL E 316 46.10 10.66 -9.03
C VAL E 316 44.83 11.41 -8.66
N PHE E 317 44.94 12.38 -7.74
CA PHE E 317 43.76 13.13 -7.31
C PHE E 317 43.17 13.92 -8.47
N LEU E 318 44.02 14.57 -9.25
CA LEU E 318 43.54 15.35 -10.39
C LEU E 318 42.86 14.45 -11.41
N GLY E 319 43.39 13.26 -11.64
CA GLY E 319 42.77 12.34 -12.57
C GLY E 319 41.40 11.90 -12.12
N TRP E 320 41.28 11.54 -10.84
CA TRP E 320 39.99 11.10 -10.31
C TRP E 320 38.95 12.20 -10.42
N ALA E 321 39.34 13.45 -10.19
CA ALA E 321 38.39 14.56 -10.27
C ALA E 321 37.82 14.70 -11.67
N THR E 322 38.67 14.58 -12.69
CA THR E 322 38.28 14.81 -14.07
C THR E 322 37.84 13.55 -14.79
N LYS E 323 37.50 12.49 -14.05
CA LYS E 323 36.87 11.30 -14.61
C LYS E 323 37.66 10.80 -15.82
N LYS E 324 38.91 10.42 -15.57
CA LYS E 324 39.87 10.15 -16.63
C LYS E 324 40.50 8.77 -16.57
N PHE E 325 40.36 8.04 -15.47
CA PHE E 325 41.00 6.74 -15.33
C PHE E 325 40.07 5.58 -15.64
N GLY E 326 38.84 5.86 -16.06
CA GLY E 326 37.95 4.82 -16.53
C GLY E 326 37.19 4.11 -15.43
N LYS E 327 37.60 2.89 -15.10
CA LYS E 327 36.84 2.06 -14.19
C LYS E 327 37.20 2.30 -12.73
N ARG E 328 38.40 2.80 -12.45
CA ARG E 328 38.78 3.19 -11.10
C ARG E 328 38.40 4.65 -10.91
N ASN E 329 37.13 4.85 -10.58
CA ASN E 329 36.50 6.16 -10.51
C ASN E 329 36.43 6.69 -9.09
N THR E 330 37.03 6.00 -8.12
CA THR E 330 36.90 6.36 -6.72
C THR E 330 38.26 6.33 -6.04
N ILE E 331 38.37 7.11 -4.96
CA ILE E 331 39.55 7.14 -4.12
C ILE E 331 39.15 6.67 -2.73
N TRP E 332 39.86 5.69 -2.20
CA TRP E 332 39.54 5.10 -0.91
C TRP E 332 40.63 5.52 0.08
N LEU E 333 40.22 6.24 1.12
CA LEU E 333 41.11 6.60 2.21
C LEU E 333 40.83 5.69 3.40
N PHE E 334 41.86 5.00 3.88
CA PHE E 334 41.70 4.02 4.93
C PHE E 334 42.90 4.11 5.86
N GLY E 335 42.63 4.17 7.16
CA GLY E 335 43.69 4.24 8.15
C GLY E 335 43.18 4.29 9.57
N PRO E 336 44.01 3.90 10.53
CA PRO E 336 43.61 3.99 11.94
C PRO E 336 43.10 5.37 12.33
N ALA E 337 42.53 5.47 13.52
CA ALA E 337 41.77 6.64 13.92
C ALA E 337 42.65 7.89 13.93
N THR E 338 41.99 9.04 13.84
CA THR E 338 42.62 10.36 13.81
C THR E 338 43.88 10.40 12.95
N THR E 339 43.72 10.15 11.65
CA THR E 339 44.84 10.26 10.72
C THR E 339 44.67 11.35 9.66
N GLY E 340 43.46 11.72 9.28
CA GLY E 340 43.27 12.83 8.36
C GLY E 340 42.28 12.57 7.24
N LYS E 341 41.61 11.44 7.29
CA LYS E 341 40.70 11.05 6.23
C LYS E 341 39.54 12.03 6.06
N THR E 342 38.73 12.17 7.10
CA THR E 342 37.52 12.98 6.99
C THR E 342 37.84 14.42 6.65
N ASN E 343 39.00 14.92 7.06
CA ASN E 343 39.35 16.30 6.77
C ASN E 343 39.46 16.53 5.27
N ILE E 344 40.26 15.69 4.60
CA ILE E 344 40.40 15.79 3.15
C ILE E 344 39.06 15.55 2.48
N ALA E 345 38.34 14.54 2.93
CA ALA E 345 37.08 14.19 2.27
C ALA E 345 36.11 15.35 2.33
N GLU E 346 35.94 15.95 3.50
CA GLU E 346 34.98 17.04 3.64
C GLU E 346 35.46 18.28 2.91
N ALA E 347 36.76 18.55 2.91
CA ALA E 347 37.25 19.69 2.15
C ALA E 347 36.92 19.54 0.67
N ILE E 348 37.20 18.36 0.10
CA ILE E 348 36.89 18.12 -1.31
C ILE E 348 35.39 18.22 -1.55
N ALA E 349 34.60 17.60 -0.68
CA ALA E 349 33.16 17.57 -0.89
C ALA E 349 32.56 18.95 -0.85
N HIS E 350 32.99 19.81 0.07
CA HIS E 350 32.42 21.14 0.19
C HIS E 350 33.06 22.14 -0.77
N THR E 351 34.19 21.81 -1.38
CA THR E 351 34.71 22.68 -2.42
C THR E 351 33.77 22.73 -3.61
N VAL E 352 33.03 21.65 -3.86
CA VAL E 352 32.07 21.60 -4.95
C VAL E 352 30.69 21.96 -4.39
N PRO E 353 29.89 22.76 -5.10
CA PRO E 353 28.61 23.19 -4.51
C PRO E 353 27.69 22.04 -4.19
N PHE E 354 27.69 20.99 -4.99
CA PHE E 354 26.81 19.84 -4.80
C PHE E 354 27.64 18.62 -4.41
N TYR E 355 27.19 17.90 -3.40
CA TYR E 355 27.86 16.68 -2.96
C TYR E 355 26.84 15.78 -2.29
N GLY E 356 26.90 14.50 -2.60
CA GLY E 356 26.01 13.52 -2.01
C GLY E 356 26.68 12.76 -0.88
N CYS E 357 25.86 12.04 -0.13
CA CYS E 357 26.34 11.19 0.95
C CYS E 357 25.39 10.02 1.11
N VAL E 358 25.96 8.82 1.23
CA VAL E 358 25.15 7.61 1.31
C VAL E 358 24.45 7.55 2.66
N ASN E 359 23.20 7.12 2.65
CA ASN E 359 22.42 6.97 3.89
C ASN E 359 22.89 5.70 4.58
N TRP E 360 23.53 5.85 5.75
CA TRP E 360 24.15 4.70 6.39
C TRP E 360 23.09 3.69 6.84
N THR E 361 22.03 4.18 7.49
CA THR E 361 21.10 3.28 8.15
C THR E 361 19.94 2.89 7.24
N ASN E 362 19.32 3.87 6.59
CA ASN E 362 18.12 3.61 5.82
C ASN E 362 18.38 2.55 4.77
N GLU E 363 17.45 1.59 4.66
CA GLU E 363 17.60 0.45 3.78
C GLU E 363 16.64 0.46 2.60
N ASN E 364 15.50 1.12 2.71
CA ASN E 364 14.55 1.18 1.60
C ASN E 364 14.90 2.25 0.58
N PHE E 365 15.85 3.13 0.88
CA PHE E 365 16.29 4.17 -0.06
C PHE E 365 17.76 4.46 0.20
N PRO E 366 18.63 3.48 -0.04
CA PRO E 366 20.03 3.62 0.40
C PRO E 366 20.77 4.76 -0.28
N PHE E 367 20.79 4.79 -1.60
CA PHE E 367 21.61 5.73 -2.35
C PHE E 367 20.87 7.00 -2.73
N ASN E 368 19.75 7.29 -2.08
CA ASN E 368 19.11 8.58 -2.26
C ASN E 368 20.11 9.69 -1.95
N ASP E 369 19.86 10.88 -2.53
CA ASP E 369 20.71 12.04 -2.32
C ASP E 369 22.00 11.95 -3.12
N CYS E 370 22.22 10.83 -3.80
CA CYS E 370 23.36 10.68 -4.69
C CYS E 370 22.99 10.84 -6.16
N VAL E 371 21.80 11.38 -6.44
CA VAL E 371 21.27 11.49 -7.79
C VAL E 371 21.58 12.88 -8.31
N ASP E 372 22.33 12.95 -9.41
CA ASP E 372 22.64 14.20 -10.08
C ASP E 372 23.51 15.12 -9.21
N LYS E 373 24.45 14.53 -8.48
CA LYS E 373 25.43 15.29 -7.73
C LYS E 373 26.76 15.28 -8.48
N MET E 374 27.68 16.13 -8.04
CA MET E 374 29.00 16.20 -8.66
C MET E 374 30.01 15.26 -8.02
N VAL E 375 29.99 15.13 -6.70
CA VAL E 375 30.90 14.25 -5.98
C VAL E 375 30.11 13.45 -4.96
N ILE E 376 30.34 12.16 -4.88
CA ILE E 376 29.71 11.28 -3.90
C ILE E 376 30.72 11.00 -2.80
N TRP E 377 30.30 11.16 -1.55
CA TRP E 377 31.18 11.04 -0.39
C TRP E 377 30.56 10.02 0.57
N TRP E 378 31.11 8.82 0.59
CA TRP E 378 30.66 7.77 1.50
C TRP E 378 31.50 7.89 2.76
N GLU E 379 30.91 8.51 3.79
CA GLU E 379 31.70 8.98 4.94
C GLU E 379 32.40 7.84 5.67
N GLU E 380 31.63 6.93 6.26
CA GLU E 380 32.22 5.84 7.03
C GLU E 380 31.49 4.54 6.71
N GLY E 381 31.18 4.34 5.43
CA GLY E 381 30.27 3.27 5.06
C GLY E 381 30.86 1.90 5.26
N LYS E 382 29.95 0.94 5.40
CA LYS E 382 30.27 -0.48 5.43
C LYS E 382 29.47 -1.16 4.32
N MET E 383 30.14 -1.96 3.52
CA MET E 383 29.54 -2.54 2.31
C MET E 383 28.61 -3.67 2.73
N THR E 384 27.33 -3.37 2.90
CA THR E 384 26.36 -4.37 3.27
C THR E 384 25.86 -5.12 2.04
N ALA E 385 25.43 -6.36 2.26
CA ALA E 385 25.01 -7.20 1.14
C ALA E 385 23.79 -6.64 0.42
N LYS E 386 23.02 -5.77 1.07
CA LYS E 386 21.82 -5.24 0.44
C LYS E 386 22.15 -4.39 -0.78
N VAL E 387 23.23 -3.61 -0.73
CA VAL E 387 23.51 -2.59 -1.72
C VAL E 387 24.86 -2.85 -2.40
N VAL E 388 25.25 -4.10 -2.53
CA VAL E 388 26.57 -4.42 -3.06
C VAL E 388 26.58 -4.31 -4.58
N GLU E 389 25.44 -4.62 -5.22
CA GLU E 389 25.37 -4.52 -6.67
C GLU E 389 25.30 -3.07 -7.13
N SER E 390 24.33 -2.32 -6.61
CA SER E 390 24.23 -0.91 -6.95
C SER E 390 25.51 -0.17 -6.60
N ALA E 391 26.18 -0.57 -5.51
CA ALA E 391 27.43 0.05 -5.15
C ALA E 391 28.54 -0.33 -6.12
N LYS E 392 28.63 -1.61 -6.46
CA LYS E 392 29.63 -2.06 -7.42
C LYS E 392 29.46 -1.38 -8.76
N ALA E 393 28.26 -0.87 -9.04
CA ALA E 393 28.03 -0.13 -10.28
C ALA E 393 28.27 1.37 -10.15
N ILE E 394 27.86 1.99 -9.04
CA ILE E 394 28.10 3.42 -8.86
C ILE E 394 29.58 3.70 -8.69
N LEU E 395 30.31 2.79 -8.04
CA LEU E 395 31.72 2.98 -7.78
C LEU E 395 32.56 2.62 -9.01
N GLY E 396 31.92 2.52 -10.17
CA GLY E 396 32.62 2.07 -11.36
C GLY E 396 32.43 2.96 -12.57
N GLY E 397 31.88 4.16 -12.35
CA GLY E 397 31.68 5.07 -13.45
C GLY E 397 30.69 4.59 -14.48
N SER E 398 29.63 3.89 -14.06
CA SER E 398 28.61 3.39 -14.95
C SER E 398 27.26 3.95 -14.52
N LYS E 399 26.20 3.45 -15.14
CA LYS E 399 24.83 3.90 -14.89
C LYS E 399 24.08 2.83 -14.12
N VAL E 400 23.31 3.26 -13.11
CA VAL E 400 22.58 2.35 -12.24
C VAL E 400 21.16 2.86 -12.05
N ARG E 401 20.29 1.95 -11.62
CA ARG E 401 18.90 2.26 -11.33
C ARG E 401 18.73 2.33 -9.81
N VAL E 402 18.48 3.52 -9.29
CA VAL E 402 18.45 3.75 -7.86
C VAL E 402 17.04 4.16 -7.45
N ASP E 403 16.73 3.91 -6.18
CA ASP E 403 15.46 4.30 -5.61
C ASP E 403 15.52 5.74 -5.12
N GLN E 404 14.35 6.35 -4.99
CA GLN E 404 14.27 7.72 -4.52
C GLN E 404 12.95 7.93 -3.79
N LYS E 405 12.90 9.00 -3.01
CA LYS E 405 11.69 9.34 -2.25
C LYS E 405 10.73 10.08 -3.15
N CYS E 406 9.51 9.55 -3.29
CA CYS E 406 8.46 10.21 -4.05
C CYS E 406 8.92 10.56 -5.46
N LYS E 407 9.62 9.61 -6.08
CA LYS E 407 10.08 9.79 -7.45
C LYS E 407 10.13 8.41 -8.10
N SER E 408 10.04 8.41 -9.44
CA SER E 408 9.87 7.17 -10.19
C SER E 408 11.23 6.67 -10.68
N SER E 409 11.93 5.98 -9.80
CA SER E 409 13.12 5.21 -10.17
C SER E 409 14.09 6.04 -11.01
N ALA E 410 14.66 7.09 -10.42
CA ALA E 410 15.60 7.94 -11.12
C ALA E 410 16.88 7.15 -11.40
N GLN E 411 17.87 7.81 -12.02
CA GLN E 411 19.07 7.16 -12.50
C GLN E 411 20.29 7.97 -12.08
N ILE E 412 21.39 7.28 -11.80
CA ILE E 412 22.61 7.91 -11.32
C ILE E 412 23.60 8.04 -12.46
N ASP E 413 24.04 9.27 -12.72
CA ASP E 413 25.11 9.51 -13.67
C ASP E 413 26.43 9.07 -13.07
N PRO E 414 27.44 8.79 -13.91
CA PRO E 414 28.73 8.33 -13.39
C PRO E 414 29.52 9.48 -12.81
N THR E 415 29.71 9.45 -11.50
CA THR E 415 30.34 10.54 -10.76
C THR E 415 31.45 10.00 -9.88
N PRO E 416 32.45 10.82 -9.56
CA PRO E 416 33.52 10.37 -8.68
C PRO E 416 33.00 10.08 -7.27
N VAL E 417 33.69 9.17 -6.59
CA VAL E 417 33.32 8.75 -5.25
C VAL E 417 34.56 8.76 -4.37
N ILE E 418 34.40 9.21 -3.14
CA ILE E 418 35.52 9.31 -2.20
C ILE E 418 35.12 8.69 -0.88
N VAL E 419 35.54 7.45 -0.66
CA VAL E 419 35.21 6.71 0.55
C VAL E 419 36.30 6.95 1.59
N THR E 420 35.88 7.05 2.86
CA THR E 420 36.80 7.32 3.96
C THR E 420 36.48 6.46 5.17
N SER E 421 36.11 5.21 4.93
CA SER E 421 35.84 4.30 6.02
C SER E 421 37.16 3.75 6.58
N ASN E 422 37.20 3.60 7.90
CA ASN E 422 38.37 3.06 8.57
C ASN E 422 38.27 1.56 8.81
N THR E 423 37.19 0.93 8.37
CA THR E 423 37.04 -0.51 8.35
C THR E 423 36.98 -0.99 6.91
N ASN E 424 37.36 -2.24 6.69
CA ASN E 424 37.52 -2.74 5.34
C ASN E 424 36.23 -2.57 4.56
N MET E 425 36.35 -2.04 3.34
CA MET E 425 35.21 -1.70 2.50
C MET E 425 35.01 -2.67 1.34
N CYS E 426 35.96 -3.56 1.08
CA CYS E 426 35.85 -4.54 0.01
C CYS E 426 35.47 -5.92 0.52
N ALA E 427 34.96 -6.02 1.75
CA ALA E 427 34.52 -7.28 2.33
C ALA E 427 33.08 -7.11 2.80
N VAL E 428 32.15 -7.79 2.12
CA VAL E 428 30.74 -7.64 2.44
C VAL E 428 30.43 -8.38 3.74
N ILE E 429 29.42 -7.89 4.46
CA ILE E 429 29.00 -8.46 5.72
C ILE E 429 27.58 -9.00 5.55
N ASP E 430 27.37 -10.24 5.98
CA ASP E 430 26.06 -10.88 5.92
C ASP E 430 25.69 -11.32 7.34
N GLY E 431 24.76 -10.59 7.96
CA GLY E 431 24.34 -10.92 9.30
C GLY E 431 25.50 -10.92 10.26
N ASN E 432 25.91 -12.11 10.70
CA ASN E 432 27.08 -12.28 11.56
C ASN E 432 28.19 -13.01 10.80
N SER E 433 28.22 -12.84 9.48
CA SER E 433 29.23 -13.49 8.64
C SER E 433 29.79 -12.47 7.66
N THR E 434 31.02 -12.73 7.21
CA THR E 434 31.71 -11.86 6.26
C THR E 434 32.15 -12.71 5.08
N THR E 435 31.57 -12.45 3.91
CA THR E 435 31.87 -13.20 2.70
C THR E 435 32.81 -12.40 1.82
N PHE E 436 33.99 -12.97 1.55
CA PHE E 436 34.99 -12.34 0.70
C PHE E 436 34.71 -12.54 -0.79
N GLU E 437 33.50 -12.95 -1.17
CA GLU E 437 33.23 -13.19 -2.58
C GLU E 437 33.42 -11.93 -3.41
N HIS E 438 32.99 -10.79 -2.91
CA HIS E 438 33.08 -9.53 -3.65
C HIS E 438 34.32 -8.75 -3.24
N GLN E 439 35.48 -9.27 -3.65
CA GLN E 439 36.74 -8.56 -3.49
C GLN E 439 37.24 -8.00 -4.82
N GLN E 440 37.40 -8.85 -5.82
CA GLN E 440 37.86 -8.42 -7.15
C GLN E 440 36.91 -7.42 -7.78
N PRO E 441 35.60 -7.64 -7.76
CA PRO E 441 34.70 -6.64 -8.38
C PRO E 441 34.82 -5.26 -7.78
N LEU E 442 35.19 -5.18 -6.50
CA LEU E 442 35.24 -3.86 -5.81
C LEU E 442 36.63 -3.24 -5.93
N GLN E 443 37.69 -4.05 -5.82
CA GLN E 443 39.07 -3.49 -5.84
C GLN E 443 39.43 -3.01 -7.25
N ASP E 444 38.84 -3.61 -8.28
CA ASP E 444 39.23 -3.25 -9.67
C ASP E 444 38.63 -1.89 -10.06
N ARG E 445 38.14 -1.13 -9.08
CA ARG E 445 37.55 0.16 -9.39
C ARG E 445 37.71 1.12 -8.22
N MET E 446 38.89 1.11 -7.61
CA MET E 446 39.19 2.07 -6.56
C MET E 446 40.68 2.07 -6.26
N PHE E 447 41.24 3.27 -6.09
CA PHE E 447 42.66 3.37 -5.66
C PHE E 447 42.65 3.41 -4.14
N LYS E 448 43.77 3.08 -3.50
CA LYS E 448 43.74 2.99 -2.01
C LYS E 448 44.87 3.82 -1.39
N PHE E 449 44.51 4.75 -0.48
CA PHE E 449 45.54 5.48 0.24
C PHE E 449 45.55 4.99 1.68
N GLU E 450 46.63 4.32 2.07
CA GLU E 450 46.73 3.73 3.40
C GLU E 450 47.44 4.71 4.32
N LEU E 451 46.68 5.59 4.96
CA LEU E 451 47.24 6.54 5.89
C LEU E 451 47.39 5.91 7.27
N THR E 452 48.52 6.16 7.92
CA THR E 452 48.80 5.54 9.22
C THR E 452 49.18 6.55 10.29
N ARG E 453 49.92 7.59 9.93
CA ARG E 453 50.47 8.51 10.91
C ARG E 453 49.36 9.24 11.66
N ARG E 454 49.63 9.62 12.91
CA ARG E 454 48.62 10.15 13.81
C ARG E 454 48.79 11.66 13.92
N LEU E 455 47.87 12.40 13.30
CA LEU E 455 47.89 13.85 13.41
C LEU E 455 47.55 14.27 14.83
N ASP E 456 48.16 15.36 15.26
CA ASP E 456 47.93 15.91 16.59
C ASP E 456 46.90 17.03 16.51
N HIS E 457 46.24 17.29 17.64
CA HIS E 457 45.34 18.43 17.74
C HIS E 457 46.11 19.70 17.46
N ASP E 458 45.41 20.82 17.31
CA ASP E 458 46.04 22.08 16.95
C ASP E 458 46.80 21.94 15.63
N PHE E 459 46.19 21.20 14.71
CA PHE E 459 46.70 20.99 13.37
C PHE E 459 45.83 21.63 12.31
N GLY E 460 44.56 21.89 12.62
CA GLY E 460 43.70 22.66 11.75
C GLY E 460 43.07 21.81 10.67
N LYS E 461 41.97 22.32 10.12
CA LYS E 461 41.24 21.65 9.07
C LYS E 461 41.61 22.24 7.72
N VAL E 462 41.53 21.41 6.68
CA VAL E 462 41.90 21.82 5.34
C VAL E 462 40.84 22.73 4.77
N THR E 463 41.12 24.03 4.73
CA THR E 463 40.16 24.98 4.20
C THR E 463 40.03 24.80 2.69
N LYS E 464 38.91 25.30 2.15
CA LYS E 464 38.64 25.13 0.72
C LYS E 464 39.77 25.67 -0.14
N GLN E 465 40.34 26.81 0.26
CA GLN E 465 41.43 27.39 -0.50
C GLN E 465 42.56 26.38 -0.67
N GLU E 466 42.83 25.59 0.37
CA GLU E 466 43.92 24.61 0.26
C GLU E 466 43.58 23.54 -0.76
N VAL E 467 42.32 23.11 -0.82
CA VAL E 467 41.94 22.11 -1.82
C VAL E 467 42.14 22.66 -3.22
N LYS E 468 41.67 23.88 -3.45
CA LYS E 468 41.84 24.47 -4.78
C LYS E 468 43.32 24.59 -5.11
N ASP E 469 44.12 25.06 -4.16
CA ASP E 469 45.53 25.27 -4.43
C ASP E 469 46.22 23.96 -4.75
N PHE E 470 45.89 22.89 -4.01
CA PHE E 470 46.54 21.61 -4.25
C PHE E 470 46.16 21.06 -5.62
N PHE E 471 44.86 21.03 -5.92
CA PHE E 471 44.45 20.50 -7.22
C PHE E 471 45.04 21.32 -8.36
N ARG E 472 45.18 22.63 -8.17
CA ARG E 472 45.85 23.46 -9.18
C ARG E 472 47.32 23.07 -9.32
N TRP E 473 48.00 22.90 -8.19
CA TRP E 473 49.39 22.48 -8.23
C TRP E 473 49.54 21.12 -8.90
N ALA E 474 48.46 20.35 -8.98
CA ALA E 474 48.51 19.08 -9.69
C ALA E 474 48.56 19.29 -11.20
N LYS E 475 47.59 20.02 -11.73
CA LYS E 475 47.48 20.20 -13.18
C LYS E 475 48.76 20.75 -13.79
N ASP E 476 49.52 21.54 -13.03
CA ASP E 476 50.75 22.13 -13.52
C ASP E 476 51.96 21.22 -13.35
N HIS E 477 51.81 20.07 -12.69
CA HIS E 477 52.94 19.19 -12.45
C HIS E 477 52.60 17.73 -12.68
N VAL E 478 51.53 17.43 -13.42
CA VAL E 478 50.99 16.08 -13.52
C VAL E 478 52.07 15.11 -13.99
N VAL E 479 51.95 13.84 -13.58
CA VAL E 479 52.81 12.76 -14.06
C VAL E 479 51.94 11.51 -14.19
N GLU E 480 52.48 10.50 -14.87
CA GLU E 480 51.72 9.30 -15.15
C GLU E 480 51.44 8.52 -13.87
N VAL E 481 50.57 7.51 -13.96
CA VAL E 481 50.27 6.64 -12.83
C VAL E 481 49.70 5.34 -13.33
N GLU E 482 50.21 4.22 -12.82
CA GLU E 482 49.74 2.91 -13.24
C GLU E 482 48.38 2.64 -12.63
N HIS E 483 47.54 1.92 -13.37
CA HIS E 483 46.27 1.49 -12.80
C HIS E 483 46.51 0.39 -11.79
N GLU E 484 46.68 0.77 -10.52
CA GLU E 484 46.96 -0.18 -9.46
C GLU E 484 46.12 0.16 -8.24
N PHE E 485 45.61 -0.88 -7.59
CA PHE E 485 44.78 -0.68 -6.41
C PHE E 485 45.57 0.01 -5.30
N TYR E 486 46.78 -0.45 -5.05
CA TYR E 486 47.65 0.15 -4.05
C TYR E 486 48.44 1.28 -4.70
N VAL E 487 48.12 2.53 -4.34
CA VAL E 487 48.84 3.65 -4.90
C VAL E 487 50.33 3.49 -4.61
N LYS E 488 51.15 3.73 -5.62
CA LYS E 488 52.59 3.54 -5.50
C LYS E 488 53.11 4.30 -4.28
N LYS E 489 53.58 3.56 -3.28
CA LYS E 489 53.93 4.15 -1.99
C LYS E 489 55.40 4.54 -2.01
N GLY E 490 55.68 5.69 -2.60
CA GLY E 490 57.03 6.20 -2.63
C GLY E 490 57.20 7.21 -3.76
N GLY E 491 58.44 7.65 -3.91
CA GLY E 491 58.78 8.61 -4.96
C GLY E 491 60.22 8.46 -5.43
N ALA F 214 15.41 38.74 -5.23
CA ALA F 214 14.68 37.98 -4.19
C ALA F 214 13.21 38.42 -4.19
N PRO F 215 12.36 37.91 -5.11
CA PRO F 215 10.97 38.37 -5.19
C PRO F 215 10.32 38.31 -3.79
N VAL F 216 9.87 39.45 -3.29
CA VAL F 216 9.16 39.47 -1.97
C VAL F 216 7.66 39.53 -2.24
N ILE F 217 6.95 38.43 -2.01
CA ILE F 217 5.48 38.38 -2.29
C ILE F 217 4.79 39.46 -1.45
N ARG F 218 4.00 40.32 -2.10
CA ARG F 218 3.29 41.37 -1.39
C ARG F 218 1.80 41.20 -1.62
N SER F 219 1.10 40.80 -0.57
CA SER F 219 -0.34 40.58 -0.60
C SER F 219 -0.87 40.70 0.82
N LYS F 220 -2.10 40.25 1.06
CA LYS F 220 -2.61 40.18 2.42
C LYS F 220 -2.08 38.99 3.19
N THR F 221 -2.10 37.80 2.57
CA THR F 221 -1.64 36.60 3.27
C THR F 221 -0.16 36.70 3.61
N SER F 222 0.66 37.19 2.68
CA SER F 222 2.08 37.31 2.94
C SER F 222 2.36 38.29 4.07
N ALA F 223 1.65 39.42 4.09
CA ALA F 223 1.84 40.38 5.17
C ALA F 223 1.47 39.79 6.52
N ARG F 224 0.34 39.07 6.58
CA ARG F 224 -0.06 38.47 7.84
C ARG F 224 0.95 37.42 8.29
N TYR F 225 1.48 36.63 7.36
CA TYR F 225 2.47 35.62 7.72
C TYR F 225 3.75 36.27 8.23
N MET F 226 4.17 37.37 7.60
CA MET F 226 5.39 38.11 8.00
C MET F 226 5.14 38.74 9.37
N GLU F 227 3.89 39.02 9.71
CA GLU F 227 3.51 39.61 11.03
C GLU F 227 3.51 38.50 12.09
N LEU F 228 3.09 37.29 11.73
CA LEU F 228 3.07 36.14 12.64
C LEU F 228 4.48 35.68 12.96
N VAL F 229 5.34 35.57 11.94
CA VAL F 229 6.69 35.09 12.19
C VAL F 229 7.48 36.10 13.00
N GLY F 230 7.26 37.39 12.77
CA GLY F 230 7.91 38.39 13.60
C GLY F 230 7.51 38.27 15.05
N TRP F 231 6.20 38.09 15.29
CA TRP F 231 5.73 37.93 16.67
C TRP F 231 6.30 36.66 17.31
N LEU F 232 6.40 35.58 16.54
CA LEU F 232 6.95 34.34 17.09
C LEU F 232 8.42 34.50 17.44
N VAL F 233 9.21 35.08 16.55
CA VAL F 233 10.63 35.24 16.82
C VAL F 233 10.85 36.18 18.00
N ASP F 234 10.13 37.30 18.04
CA ASP F 234 10.36 38.29 19.08
C ASP F 234 9.93 37.82 20.47
N LYS F 235 9.22 36.70 20.57
CA LYS F 235 8.75 36.18 21.85
C LYS F 235 9.35 34.82 22.19
N GLY F 236 10.31 34.37 21.39
CA GLY F 236 10.98 33.12 21.70
C GLY F 236 10.08 31.90 21.60
N ILE F 237 8.91 32.05 21.01
CA ILE F 237 8.02 30.92 20.82
C ILE F 237 8.63 29.97 19.81
N THR F 238 8.69 28.69 20.16
CA THR F 238 9.18 27.66 19.26
C THR F 238 8.28 26.44 19.18
N SER F 239 7.37 26.24 20.11
CA SER F 239 6.44 25.12 20.10
C SER F 239 5.04 25.61 20.39
N GLU F 240 4.06 24.79 20.02
CA GLU F 240 2.67 25.19 20.14
C GLU F 240 2.29 25.51 21.58
N LYS F 241 2.75 24.67 22.51
CA LYS F 241 2.45 24.87 23.92
C LYS F 241 2.83 26.28 24.36
N GLN F 242 4.03 26.73 23.96
CA GLN F 242 4.45 28.07 24.29
C GLN F 242 3.53 29.10 23.65
N TRP F 243 3.03 28.80 22.46
CA TRP F 243 2.10 29.72 21.80
C TRP F 243 0.83 29.87 22.61
N ILE F 244 0.28 28.75 23.11
CA ILE F 244 -0.93 28.82 23.93
C ILE F 244 -0.65 29.62 25.19
N GLN F 245 0.47 29.33 25.85
CA GLN F 245 0.78 30.01 27.10
C GLN F 245 0.94 31.50 26.90
N GLU F 246 1.60 31.92 25.82
CA GLU F 246 1.81 33.34 25.58
C GLU F 246 0.52 34.03 25.16
N ASP F 247 -0.32 33.35 24.38
CA ASP F 247 -1.60 33.91 23.97
C ASP F 247 -2.53 32.81 23.48
N GLN F 248 -3.74 32.76 24.03
CA GLN F 248 -4.65 31.65 23.79
C GLN F 248 -5.55 31.90 22.58
N ALA F 249 -6.14 33.10 22.50
CA ALA F 249 -7.00 33.43 21.37
C ALA F 249 -6.26 33.33 20.06
N SER F 250 -4.97 33.67 20.05
CA SER F 250 -4.20 33.59 18.82
C SER F 250 -4.15 32.16 18.30
N TYR F 251 -3.85 31.20 19.17
CA TYR F 251 -3.73 29.82 18.71
C TYR F 251 -5.08 29.21 18.39
N ILE F 252 -6.08 29.43 19.24
CA ILE F 252 -7.39 28.83 18.97
C ILE F 252 -7.93 29.28 17.63
N SER F 253 -7.48 30.43 17.14
CA SER F 253 -7.96 30.91 15.84
C SER F 253 -7.30 30.16 14.70
N PHE F 254 -6.00 29.95 14.77
CA PHE F 254 -5.28 29.45 13.61
C PHE F 254 -5.49 27.99 13.36
N ASN F 255 -6.33 27.29 14.11
CA ASN F 255 -6.68 25.90 13.77
C ASN F 255 -7.99 25.81 13.02
N ALA F 256 -8.61 26.94 12.70
CA ALA F 256 -9.94 26.94 12.08
C ALA F 256 -9.94 26.24 10.73
N ALA F 257 -9.25 26.80 9.74
CA ALA F 257 -9.27 26.25 8.40
C ALA F 257 -7.95 25.56 8.07
N SER F 258 -7.97 24.76 7.01
CA SER F 258 -6.77 23.99 6.65
C SER F 258 -5.61 24.92 6.31
N ASN F 259 -5.88 26.01 5.60
CA ASN F 259 -4.85 26.98 5.27
C ASN F 259 -4.06 27.36 6.51
N SER F 260 -4.76 27.89 7.52
CA SER F 260 -4.08 28.31 8.74
C SER F 260 -3.50 27.13 9.50
N ARG F 261 -4.14 25.96 9.40
CA ARG F 261 -3.64 24.80 10.12
C ARG F 261 -2.26 24.37 9.62
N SER F 262 -1.99 24.56 8.33
CA SER F 262 -0.65 24.31 7.81
C SER F 262 0.27 25.51 8.00
N GLN F 263 -0.31 26.72 7.95
CA GLN F 263 0.47 27.92 8.18
C GLN F 263 1.09 27.92 9.57
N ILE F 264 0.44 27.28 10.54
CA ILE F 264 1.02 27.20 11.89
C ILE F 264 2.35 26.47 11.86
N LYS F 265 2.36 25.28 11.24
CA LYS F 265 3.60 24.50 11.18
C LYS F 265 4.66 25.23 10.38
N ALA F 266 4.26 25.83 9.25
CA ALA F 266 5.23 26.58 8.46
C ALA F 266 5.84 27.72 9.27
N ALA F 267 5.01 28.46 10.00
CA ALA F 267 5.49 29.59 10.77
C ALA F 267 6.44 29.13 11.87
N LEU F 268 6.11 28.03 12.55
CA LEU F 268 6.99 27.55 13.61
C LEU F 268 8.35 27.15 13.03
N ASP F 269 8.36 26.44 11.90
CA ASP F 269 9.64 26.05 11.32
C ASP F 269 10.45 27.27 10.90
N ASN F 270 9.81 28.26 10.27
CA ASN F 270 10.55 29.44 9.82
C ASN F 270 11.07 30.25 10.99
N ALA F 271 10.29 30.36 12.06
CA ALA F 271 10.78 31.05 13.25
C ALA F 271 11.98 30.31 13.83
N GLY F 272 11.91 28.99 13.88
CA GLY F 272 13.05 28.22 14.36
C GLY F 272 14.30 28.49 13.54
N LYS F 273 14.17 28.49 12.22
CA LYS F 273 15.34 28.76 11.38
C LYS F 273 15.86 30.17 11.60
N ILE F 274 14.97 31.15 11.69
CA ILE F 274 15.42 32.53 11.84
C ILE F 274 16.16 32.72 13.16
N MET F 275 15.67 32.11 14.24
CA MET F 275 16.37 32.26 15.52
C MET F 275 17.77 31.68 15.46
N SER F 276 17.93 30.52 14.80
CA SER F 276 19.24 29.88 14.73
C SER F 276 20.24 30.69 13.92
N LEU F 277 19.81 31.36 12.85
CA LEU F 277 20.75 32.12 12.04
C LEU F 277 20.96 33.52 12.62
N THR F 278 21.10 33.62 13.93
CA THR F 278 21.71 34.78 14.56
C THR F 278 22.54 34.38 15.78
N LYS F 279 22.21 33.24 16.38
CA LYS F 279 22.70 32.85 17.70
C LYS F 279 23.36 31.48 17.62
N THR F 280 23.78 31.00 18.80
CA THR F 280 24.40 29.70 18.94
C THR F 280 24.35 29.33 20.42
N ALA F 281 24.83 28.13 20.75
CA ALA F 281 24.75 27.65 22.12
C ALA F 281 25.44 28.57 23.12
N PRO F 282 26.66 29.07 22.87
CA PRO F 282 27.32 29.91 23.87
C PRO F 282 26.58 31.20 24.19
N ASP F 283 25.64 31.63 23.36
CA ASP F 283 24.93 32.87 23.61
C ASP F 283 23.76 32.71 24.56
N TYR F 284 23.34 31.48 24.84
CA TYR F 284 22.27 31.22 25.80
C TYR F 284 22.77 30.65 27.12
N LEU F 285 23.84 29.86 27.10
CA LEU F 285 24.29 29.15 28.29
C LEU F 285 25.16 29.99 29.21
N VAL F 286 25.56 31.19 28.81
CA VAL F 286 26.32 32.09 29.65
C VAL F 286 25.43 33.27 30.02
N GLY F 287 25.28 33.51 31.31
CA GLY F 287 24.36 34.53 31.79
C GLY F 287 24.89 35.92 31.55
N GLN F 288 24.00 36.89 31.75
CA GLN F 288 24.31 38.30 31.54
C GLN F 288 24.66 39.02 32.83
N GLN F 289 24.73 38.31 33.96
CA GLN F 289 25.09 38.88 35.24
C GLN F 289 26.14 38.04 35.92
N PRO F 290 26.99 38.64 36.75
CA PRO F 290 28.04 37.88 37.42
C PRO F 290 27.50 36.94 38.48
N VAL F 291 28.39 36.25 39.21
CA VAL F 291 28.00 35.21 40.16
C VAL F 291 28.06 35.73 41.60
N GLU F 292 29.21 36.24 42.02
CA GLU F 292 29.40 36.80 43.35
C GLU F 292 29.31 35.75 44.46
N ASP F 293 28.97 34.51 44.12
CA ASP F 293 28.99 33.40 45.06
C ASP F 293 28.78 32.10 44.31
N ILE F 294 29.65 31.11 44.54
CA ILE F 294 29.66 29.88 43.76
C ILE F 294 29.33 28.66 44.60
N SER F 295 29.78 28.63 45.86
CA SER F 295 29.63 27.42 46.66
C SER F 295 28.17 26.99 46.77
N SER F 296 27.23 27.91 46.63
CA SER F 296 25.82 27.58 46.65
C SER F 296 25.35 26.89 45.37
N ASN F 297 26.13 26.98 44.30
CA ASN F 297 25.73 26.38 43.03
C ASN F 297 25.70 24.86 43.16
N ARG F 298 24.93 24.23 42.27
CA ARG F 298 24.74 22.80 42.32
C ARG F 298 25.56 22.02 41.30
N ILE F 299 25.89 22.62 40.15
CA ILE F 299 26.83 21.96 39.25
C ILE F 299 28.22 21.97 39.87
N TYR F 300 28.60 23.08 40.49
CA TYR F 300 29.88 23.15 41.18
C TYR F 300 29.97 22.08 42.25
N LYS F 301 28.90 21.89 43.02
CA LYS F 301 28.91 20.89 44.07
C LYS F 301 29.02 19.49 43.49
N ILE F 302 28.29 19.23 42.40
CA ILE F 302 28.35 17.91 41.77
C ILE F 302 29.78 17.61 41.32
N LEU F 303 30.44 18.60 40.71
CA LEU F 303 31.79 18.38 40.23
C LEU F 303 32.83 18.38 41.35
N GLU F 304 32.53 19.00 42.49
CA GLU F 304 33.49 19.04 43.57
C GLU F 304 33.42 17.80 44.46
N LEU F 305 32.24 17.21 44.60
CA LEU F 305 32.12 15.98 45.38
C LEU F 305 32.98 14.88 44.80
N ASN F 306 32.95 14.73 43.47
CA ASN F 306 33.67 13.65 42.81
C ASN F 306 35.17 13.87 42.80
N GLY F 307 35.64 15.10 43.09
CA GLY F 307 37.05 15.41 43.20
C GLY F 307 37.57 16.32 42.10
N TYR F 308 36.84 16.43 41.00
CA TYR F 308 37.28 17.27 39.88
C TYR F 308 37.48 18.70 40.36
N ASP F 309 38.60 19.29 39.96
CA ASP F 309 38.81 20.69 40.24
C ASP F 309 37.70 21.49 39.56
N PRO F 310 37.03 22.39 40.27
CA PRO F 310 35.85 23.03 39.68
C PRO F 310 36.15 23.80 38.41
N GLN F 311 37.17 24.66 38.41
CA GLN F 311 37.37 25.56 37.27
C GLN F 311 37.98 24.83 36.07
N TYR F 312 38.76 23.78 36.29
CA TYR F 312 39.26 23.00 35.16
C TYR F 312 38.12 22.35 34.38
N ALA F 313 37.23 21.66 35.09
CA ALA F 313 36.07 21.07 34.43
C ALA F 313 35.15 22.14 33.88
N ALA F 314 35.08 23.29 34.55
CA ALA F 314 34.27 24.39 34.02
C ALA F 314 34.83 24.89 32.70
N SER F 315 36.16 24.96 32.59
CA SER F 315 36.77 25.34 31.33
C SER F 315 36.49 24.29 30.25
N VAL F 316 36.51 23.01 30.64
CA VAL F 316 36.14 21.97 29.69
C VAL F 316 34.73 22.20 29.16
N PHE F 317 33.79 22.48 30.07
CA PHE F 317 32.42 22.74 29.66
C PHE F 317 32.33 23.95 28.73
N LEU F 318 32.98 25.05 29.12
CA LEU F 318 32.89 26.27 28.35
C LEU F 318 33.43 26.05 26.94
N GLY F 319 34.58 25.40 26.82
CA GLY F 319 35.12 25.11 25.50
C GLY F 319 34.24 24.16 24.72
N TRP F 320 33.61 23.20 25.40
CA TRP F 320 32.69 22.30 24.74
C TRP F 320 31.51 23.06 24.17
N ALA F 321 31.11 24.16 24.80
CA ALA F 321 29.97 24.93 24.31
C ALA F 321 30.31 25.76 23.08
N THR F 322 31.55 26.25 22.99
CA THR F 322 31.97 27.11 21.90
C THR F 322 32.58 26.35 20.73
N LYS F 323 32.75 25.02 20.83
CA LYS F 323 33.36 24.22 19.78
C LYS F 323 34.83 24.56 19.62
N LYS F 324 35.53 24.81 20.73
CA LYS F 324 36.92 25.20 20.67
C LYS F 324 37.88 24.01 20.59
N PHE F 325 37.39 22.78 20.76
CA PHE F 325 38.26 21.62 20.82
C PHE F 325 38.27 20.80 19.54
N GLY F 326 37.34 21.03 18.64
CA GLY F 326 37.39 20.40 17.33
C GLY F 326 36.65 19.08 17.33
N LYS F 327 37.34 18.02 16.91
CA LYS F 327 36.71 16.72 16.76
C LYS F 327 36.11 16.22 18.06
N ARG F 328 36.60 16.71 19.20
CA ARG F 328 36.19 16.23 20.52
C ARG F 328 35.19 17.23 21.09
N ASN F 329 33.93 17.07 20.68
CA ASN F 329 32.87 17.97 21.11
C ASN F 329 31.72 17.21 21.75
N THR F 330 32.02 16.23 22.60
CA THR F 330 30.98 15.50 23.31
C THR F 330 31.44 15.22 24.72
N ILE F 331 30.65 15.61 25.70
CA ILE F 331 30.95 15.32 27.11
C ILE F 331 30.16 14.09 27.51
N TRP F 332 30.86 13.10 28.04
CA TRP F 332 30.26 11.81 28.40
C TRP F 332 30.26 11.71 29.92
N LEU F 333 29.09 11.90 30.51
CA LEU F 333 28.90 11.75 31.96
C LEU F 333 28.50 10.31 32.24
N PHE F 334 29.37 9.58 32.92
CA PHE F 334 29.19 8.14 33.12
C PHE F 334 29.44 7.80 34.58
N GLY F 335 28.45 7.16 35.21
CA GLY F 335 28.56 6.79 36.60
C GLY F 335 27.41 5.93 37.09
N PRO F 336 27.54 5.40 38.30
CA PRO F 336 26.47 4.57 38.86
C PRO F 336 25.19 5.35 39.10
N ALA F 337 24.17 4.65 39.59
CA ALA F 337 22.84 5.23 39.72
C ALA F 337 22.84 6.36 40.76
N THR F 338 21.95 7.32 40.53
CA THR F 338 21.78 8.45 41.44
C THR F 338 23.11 9.13 41.75
N THR F 339 23.75 9.71 40.73
CA THR F 339 24.97 10.47 40.92
C THR F 339 24.90 11.90 40.42
N GLY F 340 23.97 12.23 39.53
CA GLY F 340 23.80 13.62 39.13
C GLY F 340 24.08 13.90 37.67
N LYS F 341 23.81 12.93 36.82
CA LYS F 341 24.11 13.06 35.39
C LYS F 341 22.96 13.72 34.65
N THR F 342 21.79 13.09 34.68
CA THR F 342 20.64 13.65 33.98
C THR F 342 20.31 15.03 34.48
N ASN F 343 20.65 15.34 35.74
CA ASN F 343 20.40 16.67 36.26
C ASN F 343 21.14 17.72 35.43
N ILE F 344 22.47 17.59 35.33
CA ILE F 344 23.26 18.53 34.55
C ILE F 344 22.84 18.48 33.09
N ALA F 345 22.66 17.29 32.55
CA ALA F 345 22.35 17.17 31.13
C ALA F 345 21.06 17.89 30.79
N GLU F 346 20.02 17.70 31.60
CA GLU F 346 18.73 18.32 31.32
C GLU F 346 18.79 19.81 31.56
N ALA F 347 19.52 20.25 32.59
CA ALA F 347 19.66 21.68 32.80
C ALA F 347 20.31 22.34 31.59
N ILE F 348 21.39 21.76 31.08
CA ILE F 348 22.07 22.33 29.92
C ILE F 348 21.18 22.26 28.69
N ALA F 349 20.51 21.14 28.48
CA ALA F 349 19.70 20.97 27.28
C ALA F 349 18.49 21.88 27.26
N HIS F 350 17.93 22.21 28.42
CA HIS F 350 16.78 23.08 28.46
C HIS F 350 17.14 24.55 28.61
N THR F 351 18.36 24.87 29.02
CA THR F 351 18.79 26.25 29.00
C THR F 351 18.81 26.80 27.58
N VAL F 352 18.99 25.95 26.58
CA VAL F 352 18.99 26.35 25.18
C VAL F 352 17.58 26.26 24.64
N PRO F 353 17.20 27.05 23.64
CA PRO F 353 15.82 26.95 23.13
C PRO F 353 15.55 25.68 22.35
N PHE F 354 16.49 25.27 21.50
CA PHE F 354 16.33 24.07 20.69
C PHE F 354 17.33 23.01 21.14
N TYR F 355 16.84 21.78 21.29
CA TYR F 355 17.69 20.67 21.69
C TYR F 355 17.10 19.39 21.13
N GLY F 356 17.97 18.47 20.72
CA GLY F 356 17.56 17.20 20.17
C GLY F 356 17.81 16.07 21.15
N CYS F 357 17.33 14.89 20.78
CA CYS F 357 17.54 13.70 21.58
C CYS F 357 17.63 12.51 20.65
N VAL F 358 18.75 11.78 20.71
CA VAL F 358 18.94 10.64 19.83
C VAL F 358 17.91 9.58 20.16
N ASN F 359 17.13 9.19 19.15
CA ASN F 359 16.07 8.21 19.37
C ASN F 359 16.66 6.86 19.72
N TRP F 360 16.14 6.25 20.79
CA TRP F 360 16.66 4.97 21.25
C TRP F 360 16.15 3.84 20.35
N THR F 361 14.84 3.70 20.28
CA THR F 361 14.23 2.81 19.30
C THR F 361 14.28 3.48 17.93
N ASN F 362 13.65 2.87 16.94
CA ASN F 362 13.63 3.40 15.59
C ASN F 362 15.05 3.51 15.03
N GLU F 363 15.69 2.35 14.89
CA GLU F 363 17.08 2.28 14.47
C GLU F 363 17.26 2.50 12.97
N ASN F 364 16.22 2.95 12.28
CA ASN F 364 16.33 3.34 10.88
C ASN F 364 16.45 4.83 10.66
N PHE F 365 15.93 5.65 11.58
CA PHE F 365 16.08 7.10 11.53
C PHE F 365 16.53 7.64 12.89
N PRO F 366 17.66 7.16 13.41
CA PRO F 366 18.06 7.54 14.76
C PRO F 366 18.22 9.05 14.94
N PHE F 367 19.09 9.67 14.16
CA PHE F 367 19.37 11.10 14.30
C PHE F 367 18.45 11.92 13.41
N ASN F 368 17.15 11.79 13.66
CA ASN F 368 16.16 12.58 12.95
C ASN F 368 15.89 13.91 13.62
N ASP F 369 16.08 14.00 14.94
CA ASP F 369 15.83 15.22 15.70
C ASP F 369 17.08 16.02 15.97
N CYS F 370 18.11 15.88 15.13
CA CYS F 370 19.40 16.55 15.34
C CYS F 370 19.87 17.17 14.04
N VAL F 371 18.98 17.90 13.36
CA VAL F 371 19.27 18.47 12.05
C VAL F 371 19.64 19.94 12.14
N ASP F 372 18.90 20.73 12.91
CA ASP F 372 19.16 22.15 13.05
C ASP F 372 19.04 22.55 14.52
N LYS F 373 19.60 21.73 15.41
CA LYS F 373 19.52 21.95 16.84
C LYS F 373 20.86 22.44 17.36
N MET F 374 20.82 23.11 18.53
CA MET F 374 22.01 23.73 19.08
C MET F 374 22.79 22.82 20.01
N VAL F 375 22.10 21.98 20.79
CA VAL F 375 22.78 21.08 21.72
C VAL F 375 22.05 19.75 21.77
N ILE F 376 22.69 18.69 21.29
CA ILE F 376 22.11 17.37 21.32
C ILE F 376 22.29 16.79 22.72
N TRP F 377 21.43 15.82 23.06
CA TRP F 377 21.45 15.21 24.39
C TRP F 377 21.08 13.74 24.22
N TRP F 378 22.10 12.86 24.11
CA TRP F 378 21.92 11.40 23.97
C TRP F 378 21.73 10.82 25.38
N GLU F 379 20.50 10.48 25.77
CA GLU F 379 20.17 10.03 27.11
C GLU F 379 20.16 8.51 27.17
N GLU F 380 20.87 7.96 28.16
CA GLU F 380 20.85 6.52 28.41
C GLU F 380 21.14 5.73 27.15
N GLY F 381 22.12 6.20 26.39
CA GLY F 381 22.43 5.60 25.11
C GLY F 381 23.38 4.42 25.21
N LYS F 382 23.17 3.45 24.33
CA LYS F 382 24.09 2.33 24.15
C LYS F 382 24.46 2.23 22.68
N MET F 383 25.72 1.90 22.43
CA MET F 383 26.28 1.97 21.08
C MET F 383 26.06 0.62 20.40
N THR F 384 24.97 0.52 19.65
CA THR F 384 24.71 -0.65 18.82
C THR F 384 25.32 -0.45 17.44
N ALA F 385 25.52 -1.57 16.74
CA ALA F 385 26.20 -1.53 15.46
C ALA F 385 25.40 -0.80 14.39
N LYS F 386 24.13 -0.49 14.63
CA LYS F 386 23.31 0.20 13.67
C LYS F 386 23.43 1.72 13.77
N VAL F 387 24.15 2.24 14.76
CA VAL F 387 24.25 3.68 14.97
C VAL F 387 25.70 4.10 15.13
N VAL F 388 26.61 3.13 15.26
CA VAL F 388 28.02 3.47 15.44
C VAL F 388 28.54 4.24 14.24
N GLU F 389 28.25 3.76 13.03
CA GLU F 389 28.77 4.41 11.84
C GLU F 389 28.17 5.79 11.64
N SER F 390 26.94 6.01 12.14
CA SER F 390 26.33 7.32 12.06
C SER F 390 26.69 8.20 13.25
N ALA F 391 26.90 7.62 14.43
CA ALA F 391 27.29 8.35 15.66
C ALA F 391 28.75 8.78 15.51
N LYS F 392 29.48 8.20 14.57
CA LYS F 392 30.90 8.55 14.30
C LYS F 392 30.95 9.86 13.50
N ALA F 393 29.80 10.43 13.11
CA ALA F 393 29.72 11.69 12.34
C ALA F 393 29.24 12.85 13.23
N ILE F 394 28.15 12.68 13.99
CA ILE F 394 27.58 13.77 14.78
C ILE F 394 28.42 14.04 16.02
N LEU F 395 28.97 12.99 16.63
CA LEU F 395 29.82 13.18 17.80
C LEU F 395 31.16 13.81 17.47
N GLY F 396 31.44 14.09 16.20
CA GLY F 396 32.70 14.68 15.81
C GLY F 396 32.52 16.01 15.10
N GLY F 397 31.29 16.52 15.07
CA GLY F 397 31.02 17.80 14.46
C GLY F 397 31.24 17.80 12.96
N SER F 398 31.41 16.63 12.37
CA SER F 398 31.65 16.54 10.95
C SER F 398 30.42 17.02 10.19
N LYS F 399 30.65 17.84 9.17
CA LYS F 399 29.56 18.34 8.34
C LYS F 399 29.13 17.24 7.39
N VAL F 400 28.02 16.58 7.70
CA VAL F 400 27.50 15.49 6.89
C VAL F 400 26.01 15.70 6.66
N ARG F 401 25.50 15.09 5.60
CA ARG F 401 24.08 15.11 5.29
C ARG F 401 23.45 13.85 5.85
N VAL F 402 22.46 14.00 6.72
CA VAL F 402 21.84 12.88 7.41
C VAL F 402 20.50 12.58 6.77
N ASP F 403 20.01 11.37 7.00
CA ASP F 403 18.71 10.95 6.48
C ASP F 403 17.59 11.49 7.37
N GLN F 404 16.56 12.04 6.73
CA GLN F 404 15.38 12.53 7.49
C GLN F 404 14.19 11.60 7.17
N LYS F 405 13.11 11.69 7.95
CA LYS F 405 11.90 10.88 7.66
C LYS F 405 10.99 11.66 6.70
N CYS F 406 10.36 10.94 5.77
CA CYS F 406 9.35 11.52 4.84
C CYS F 406 9.82 12.90 4.35
N LYS F 407 11.12 13.05 4.05
CA LYS F 407 11.64 14.32 3.56
C LYS F 407 13.02 14.07 2.97
N SER F 408 13.50 15.05 2.21
CA SER F 408 14.83 14.95 1.59
C SER F 408 15.90 15.13 2.65
N SER F 409 17.09 14.62 2.36
CA SER F 409 18.18 14.68 3.32
C SER F 409 18.59 16.13 3.58
N ALA F 410 19.08 16.38 4.78
CA ALA F 410 19.45 17.72 5.21
C ALA F 410 20.83 17.69 5.83
N GLN F 411 21.39 18.88 6.04
CA GLN F 411 22.75 19.04 6.51
C GLN F 411 22.77 19.38 8.00
N ILE F 412 23.69 18.76 8.73
CA ILE F 412 23.86 18.99 10.16
C ILE F 412 25.16 19.75 10.35
N ASP F 413 25.05 21.00 10.78
CA ASP F 413 26.22 21.76 11.16
C ASP F 413 26.77 21.23 12.48
N PRO F 414 28.02 21.55 12.81
CA PRO F 414 28.60 21.02 14.04
C PRO F 414 27.76 21.39 15.24
N THR F 415 27.55 20.43 16.14
CA THR F 415 26.71 20.62 17.30
C THR F 415 27.28 19.88 18.50
N PRO F 416 27.39 20.52 19.66
CA PRO F 416 27.82 19.79 20.86
C PRO F 416 26.84 18.70 21.24
N VAL F 417 27.35 17.67 21.89
CA VAL F 417 26.54 16.52 22.29
C VAL F 417 26.88 16.15 23.73
N ILE F 418 25.84 15.94 24.54
CA ILE F 418 25.99 15.43 25.90
C ILE F 418 25.47 14.00 25.92
N VAL F 419 26.25 13.10 26.51
CA VAL F 419 25.91 11.69 26.62
C VAL F 419 25.91 11.31 28.08
N THR F 420 24.81 10.70 28.53
CA THR F 420 24.66 10.26 29.91
C THR F 420 24.23 8.80 29.90
N SER F 421 25.18 7.90 30.18
CA SER F 421 24.93 6.47 30.08
C SER F 421 25.56 5.77 31.26
N ASN F 422 24.82 4.84 31.85
CA ASN F 422 25.32 4.06 32.97
C ASN F 422 26.19 2.90 32.55
N THR F 423 26.23 2.57 31.25
CA THR F 423 27.01 1.46 30.73
C THR F 423 28.04 1.99 29.74
N ASN F 424 29.10 1.22 29.58
CA ASN F 424 30.21 1.66 28.73
C ASN F 424 29.70 1.97 27.33
N MET F 425 30.15 3.10 26.78
CA MET F 425 29.62 3.60 25.52
C MET F 425 30.66 3.73 24.42
N CYS F 426 31.91 3.39 24.68
CA CYS F 426 32.95 3.38 23.65
C CYS F 426 33.24 1.98 23.15
N ALA F 427 32.24 1.10 23.17
CA ALA F 427 32.39 -0.27 22.70
C ALA F 427 31.08 -0.71 22.07
N VAL F 428 31.16 -1.21 20.84
CA VAL F 428 29.97 -1.62 20.11
C VAL F 428 29.60 -3.05 20.50
N ILE F 429 28.32 -3.29 20.73
CA ILE F 429 27.82 -4.63 21.03
C ILE F 429 26.45 -4.78 20.39
N PHE F 436 35.20 -4.59 19.53
CA PHE F 436 35.78 -3.41 20.15
C PHE F 436 36.68 -2.68 19.16
N GLU F 437 36.41 -2.83 17.86
CA GLU F 437 37.25 -2.24 16.84
C GLU F 437 37.09 -0.73 16.75
N HIS F 438 36.02 -0.18 17.31
CA HIS F 438 35.75 1.25 17.26
C HIS F 438 35.97 1.90 18.62
N GLN F 439 36.93 1.40 19.38
CA GLN F 439 37.22 1.98 20.69
C GLN F 439 38.04 3.26 20.55
N GLN F 440 39.14 3.19 19.80
CA GLN F 440 40.03 4.32 19.61
C GLN F 440 39.34 5.47 18.88
N PRO F 441 38.63 5.23 17.78
CA PRO F 441 37.97 6.34 17.08
C PRO F 441 36.83 6.96 17.84
N LEU F 442 36.28 6.27 18.84
CA LEU F 442 35.18 6.84 19.64
C LEU F 442 35.68 7.54 20.89
N GLN F 443 36.70 7.00 21.55
CA GLN F 443 37.23 7.66 22.74
C GLN F 443 38.20 8.79 22.40
N ASP F 444 38.23 9.21 21.13
CA ASP F 444 38.97 10.40 20.73
C ASP F 444 38.05 11.53 20.32
N ARG F 445 36.74 11.39 20.53
CA ARG F 445 35.80 12.48 20.29
C ARG F 445 34.82 12.58 21.44
N MET F 446 35.32 12.47 22.67
CA MET F 446 34.48 12.68 23.84
C MET F 446 35.34 12.81 25.08
N PHE F 447 35.02 13.78 25.93
CA PHE F 447 35.52 13.80 27.28
C PHE F 447 34.76 12.79 28.13
N LYS F 448 35.28 12.50 29.32
CA LYS F 448 34.67 11.50 30.20
C LYS F 448 34.75 11.99 31.64
N PHE F 449 33.60 12.35 32.23
CA PHE F 449 33.53 12.78 33.65
C PHE F 449 32.93 11.63 34.45
N GLU F 450 33.76 10.79 35.08
CA GLU F 450 33.33 9.61 35.89
C GLU F 450 32.76 10.02 37.25
N LEU F 451 31.51 10.46 37.32
CA LEU F 451 30.79 10.80 38.54
C LEU F 451 30.44 9.52 39.29
N THR F 452 30.77 9.47 40.58
CA THR F 452 30.63 8.23 41.33
C THR F 452 30.08 8.41 42.74
N ARG F 453 29.64 9.60 43.13
CA ARG F 453 29.16 9.83 44.49
C ARG F 453 27.64 9.80 44.52
N ARG F 454 27.08 8.95 45.37
CA ARG F 454 25.63 8.86 45.51
C ARG F 454 25.10 10.09 46.22
N LEU F 455 24.11 10.74 45.63
CA LEU F 455 23.56 11.95 46.19
C LEU F 455 22.42 11.62 47.15
N ASP F 456 21.80 12.67 47.69
CA ASP F 456 20.64 12.55 48.57
C ASP F 456 19.40 13.01 47.83
N HIS F 457 18.25 12.82 48.44
CA HIS F 457 16.98 13.24 47.87
C HIS F 457 16.62 14.67 48.19
N ASP F 458 17.33 15.31 49.13
CA ASP F 458 17.14 16.73 49.38
C ASP F 458 17.84 17.58 48.33
N PHE F 459 19.02 17.17 47.89
CA PHE F 459 19.72 17.80 46.78
C PHE F 459 18.75 18.03 45.63
N GLY F 460 18.56 19.29 45.26
CA GLY F 460 17.53 19.66 44.32
C GLY F 460 17.96 19.54 42.88
N LYS F 461 17.11 20.03 42.00
CA LYS F 461 17.35 20.01 40.56
C LYS F 461 18.26 21.18 40.19
N VAL F 462 19.07 20.99 39.15
CA VAL F 462 19.92 22.06 38.66
C VAL F 462 19.02 23.04 37.92
N THR F 463 18.65 24.12 38.59
CA THR F 463 17.71 25.07 38.05
C THR F 463 18.20 25.60 36.71
N LYS F 464 17.27 26.10 35.88
CA LYS F 464 17.63 26.66 34.58
C LYS F 464 18.51 27.88 34.71
N GLN F 465 18.60 28.49 35.89
CA GLN F 465 19.43 29.66 36.10
C GLN F 465 20.77 29.33 36.73
N GLU F 466 20.93 28.14 37.30
CA GLU F 466 22.22 27.75 37.86
C GLU F 466 23.22 27.36 36.77
N VAL F 467 22.73 26.81 35.66
CA VAL F 467 23.63 26.51 34.53
C VAL F 467 24.27 27.79 34.02
N LYS F 468 23.48 28.85 33.86
CA LYS F 468 24.02 30.11 33.39
C LYS F 468 25.08 30.62 34.33
N ASP F 469 24.83 30.55 35.64
CA ASP F 469 25.81 31.04 36.60
C ASP F 469 27.10 30.24 36.53
N PHE F 470 26.99 28.92 36.34
CA PHE F 470 28.20 28.11 36.26
C PHE F 470 29.01 28.44 35.02
N PHE F 471 28.37 28.43 33.85
CA PHE F 471 29.11 28.70 32.62
C PHE F 471 29.66 30.13 32.60
N ARG F 472 28.95 31.08 33.21
CA ARG F 472 29.41 32.46 33.27
C ARG F 472 30.51 32.68 34.29
N TRP F 473 30.53 31.90 35.37
CA TRP F 473 31.69 31.88 36.24
C TRP F 473 32.88 31.23 35.58
N ALA F 474 32.65 30.38 34.57
CA ALA F 474 33.73 29.73 33.87
C ALA F 474 34.44 30.69 32.92
N LYS F 475 33.67 31.51 32.21
CA LYS F 475 34.24 32.40 31.21
C LYS F 475 35.23 33.38 31.82
N ASP F 476 35.15 33.63 33.13
CA ASP F 476 36.03 34.58 33.79
C ASP F 476 37.14 33.89 34.59
N HIS F 477 37.21 32.57 34.56
CA HIS F 477 38.28 31.86 35.24
C HIS F 477 38.76 30.70 34.38
N VAL F 478 38.72 30.86 33.06
CA VAL F 478 39.10 29.78 32.16
C VAL F 478 40.55 29.42 32.39
N VAL F 479 40.87 28.15 32.16
CA VAL F 479 42.23 27.64 32.30
C VAL F 479 42.47 26.64 31.19
N GLU F 480 43.70 26.59 30.70
CA GLU F 480 44.02 25.67 29.62
C GLU F 480 43.70 24.25 30.06
N VAL F 481 43.02 23.50 29.19
CA VAL F 481 42.61 22.13 29.47
C VAL F 481 43.43 21.19 28.61
N GLU F 482 44.09 20.24 29.25
CA GLU F 482 44.90 19.27 28.53
C GLU F 482 43.99 18.38 27.69
N HIS F 483 44.13 18.46 26.38
CA HIS F 483 43.33 17.64 25.48
C HIS F 483 43.53 16.18 25.82
N GLU F 484 42.50 15.53 26.37
CA GLU F 484 42.61 14.14 26.78
C GLU F 484 41.23 13.53 26.92
N PHE F 485 41.18 12.20 26.88
CA PHE F 485 39.93 11.48 27.02
C PHE F 485 39.44 11.47 28.46
N TYR F 486 40.35 11.27 29.41
CA TYR F 486 40.00 11.17 30.83
C TYR F 486 40.35 12.49 31.49
N VAL F 487 39.33 13.32 31.76
CA VAL F 487 39.55 14.59 32.41
C VAL F 487 40.18 14.34 33.78
N LYS F 488 41.33 14.96 34.02
CA LYS F 488 42.15 14.58 35.17
C LYS F 488 41.51 15.07 36.46
N LYS F 489 41.45 14.18 37.45
CA LYS F 489 40.95 14.54 38.77
C LYS F 489 41.93 15.49 39.45
N GLY F 490 41.57 15.99 40.62
CA GLY F 490 42.49 16.87 41.32
C GLY F 490 42.74 18.13 40.52
N ALA G 214 0.28 39.15 18.24
CA ALA G 214 -0.41 37.86 18.06
C ALA G 214 -1.58 38.03 17.09
N PRO G 215 -1.43 37.67 15.81
CA PRO G 215 -2.56 37.76 14.86
C PRO G 215 -3.70 36.85 15.33
N VAL G 216 -4.94 37.35 15.24
CA VAL G 216 -6.12 36.50 15.59
C VAL G 216 -7.08 36.52 14.41
N ILE G 217 -7.15 35.42 13.67
CA ILE G 217 -8.04 35.34 12.51
C ILE G 217 -9.46 35.63 12.96
N ARG G 218 -10.20 36.37 12.15
CA ARG G 218 -11.53 36.85 12.51
C ARG G 218 -12.53 36.55 11.40
N SER G 219 -12.48 35.32 10.88
CA SER G 219 -13.45 34.85 9.92
C SER G 219 -14.66 34.30 10.66
N LYS G 220 -15.68 33.88 9.90
CA LYS G 220 -16.84 33.24 10.53
C LYS G 220 -16.47 31.88 11.09
N THR G 221 -15.71 31.09 10.32
CA THR G 221 -15.27 29.80 10.83
C THR G 221 -14.44 29.97 12.10
N SER G 222 -13.61 31.01 12.15
CA SER G 222 -12.83 31.27 13.34
C SER G 222 -13.72 31.54 14.54
N ALA G 223 -14.76 32.34 14.37
CA ALA G 223 -15.66 32.65 15.48
C ALA G 223 -16.38 31.40 15.96
N ARG G 224 -16.90 30.60 15.03
CA ARG G 224 -17.59 29.39 15.44
C ARG G 224 -16.65 28.45 16.18
N TYR G 225 -15.42 28.30 15.68
CA TYR G 225 -14.46 27.40 16.31
C TYR G 225 -14.08 27.89 17.70
N MET G 226 -13.86 29.19 17.85
CA MET G 226 -13.53 29.73 19.17
C MET G 226 -14.66 29.49 20.15
N GLU G 227 -15.91 29.72 19.71
CA GLU G 227 -17.03 29.45 20.60
C GLU G 227 -17.10 27.98 20.96
N LEU G 228 -16.89 27.09 19.99
CA LEU G 228 -16.95 25.67 20.28
C LEU G 228 -15.91 25.26 21.31
N VAL G 229 -14.68 25.73 21.13
CA VAL G 229 -13.63 25.29 22.05
C VAL G 229 -13.84 25.91 23.42
N GLY G 230 -14.38 27.13 23.48
CA GLY G 230 -14.73 27.70 24.77
C GLY G 230 -15.76 26.87 25.50
N TRP G 231 -16.83 26.49 24.79
CA TRP G 231 -17.85 25.66 25.40
C TRP G 231 -17.27 24.33 25.85
N LEU G 232 -16.43 23.72 25.03
CA LEU G 232 -15.88 22.42 25.36
C LEU G 232 -14.97 22.51 26.59
N VAL G 233 -14.14 23.55 26.67
CA VAL G 233 -13.26 23.67 27.83
C VAL G 233 -14.07 23.92 29.08
N ASP G 234 -15.16 24.69 28.98
CA ASP G 234 -16.01 24.90 30.15
C ASP G 234 -16.63 23.59 30.63
N LYS G 235 -17.25 22.84 29.72
CA LYS G 235 -18.01 21.66 30.12
C LYS G 235 -17.13 20.43 30.29
N GLY G 236 -15.81 20.61 30.18
CA GLY G 236 -14.90 19.53 30.48
C GLY G 236 -14.97 18.36 29.52
N ILE G 237 -15.68 18.52 28.41
CA ILE G 237 -15.78 17.46 27.42
C ILE G 237 -14.40 17.20 26.84
N THR G 238 -13.94 15.95 26.94
CA THR G 238 -12.62 15.57 26.41
C THR G 238 -12.72 14.36 25.50
N SER G 239 -13.90 14.09 24.95
CA SER G 239 -14.09 12.98 24.03
C SER G 239 -15.47 13.10 23.43
N GLU G 240 -15.63 12.54 22.22
CA GLU G 240 -16.92 12.62 21.55
C GLU G 240 -18.02 12.04 22.43
N LYS G 241 -17.80 10.82 22.95
CA LYS G 241 -18.81 10.15 23.74
C LYS G 241 -19.45 11.11 24.76
N GLN G 242 -18.63 11.86 25.48
CA GLN G 242 -19.17 12.81 26.43
C GLN G 242 -19.99 13.87 25.72
N TRP G 243 -19.56 14.29 24.53
CA TRP G 243 -20.29 15.30 23.79
C TRP G 243 -21.68 14.80 23.43
N ILE G 244 -21.75 13.62 22.82
CA ILE G 244 -23.03 13.05 22.42
C ILE G 244 -23.89 12.78 23.65
N GLN G 245 -23.28 12.54 24.80
CA GLN G 245 -24.05 12.40 26.03
C GLN G 245 -24.57 13.74 26.53
N GLU G 246 -23.86 14.84 26.21
CA GLU G 246 -24.22 16.15 26.72
C GLU G 246 -25.20 16.87 25.80
N ASP G 247 -24.80 17.10 24.55
CA ASP G 247 -25.65 17.79 23.58
C ASP G 247 -25.63 17.02 22.26
N GLN G 248 -26.76 16.40 21.94
CA GLN G 248 -26.87 15.59 20.73
C GLN G 248 -26.95 16.46 19.48
N ALA G 249 -27.70 17.56 19.56
CA ALA G 249 -27.90 18.41 18.40
C ALA G 249 -26.58 18.93 17.88
N SER G 250 -25.71 19.40 18.76
CA SER G 250 -24.44 19.97 18.33
C SER G 250 -23.62 18.96 17.54
N TYR G 251 -23.48 17.74 18.08
CA TYR G 251 -22.65 16.74 17.42
C TYR G 251 -23.26 16.33 16.08
N ILE G 252 -24.55 16.03 16.06
CA ILE G 252 -25.19 15.62 14.81
C ILE G 252 -25.01 16.71 13.77
N SER G 253 -25.16 17.97 14.19
CA SER G 253 -24.99 19.07 13.24
C SER G 253 -23.55 19.12 12.73
N PHE G 254 -22.58 18.95 13.62
CA PHE G 254 -21.19 19.08 13.22
C PHE G 254 -20.68 17.90 12.42
N ASN G 255 -21.43 16.81 12.34
CA ASN G 255 -21.07 15.71 11.46
C ASN G 255 -21.77 15.79 10.11
N ALA G 256 -22.46 16.90 9.83
CA ALA G 256 -23.32 17.02 8.66
C ALA G 256 -22.64 17.75 7.51
N ALA G 257 -21.35 17.54 7.32
CA ALA G 257 -20.59 18.18 6.26
C ALA G 257 -19.26 17.46 6.16
N SER G 258 -18.33 18.05 5.42
CA SER G 258 -16.96 17.55 5.36
C SER G 258 -15.94 18.55 5.90
N ASN G 259 -16.25 19.85 5.93
CA ASN G 259 -15.38 20.80 6.62
C ASN G 259 -15.34 20.51 8.11
N SER G 260 -16.51 20.31 8.72
CA SER G 260 -16.60 20.20 10.16
C SER G 260 -16.22 18.82 10.68
N ARG G 261 -16.13 17.82 9.82
CA ARG G 261 -15.76 16.49 10.31
C ARG G 261 -14.35 16.48 10.89
N SER G 262 -13.40 17.15 10.23
CA SER G 262 -12.08 17.33 10.80
C SER G 262 -12.04 18.43 11.85
N GLN G 263 -12.96 19.39 11.77
CA GLN G 263 -13.05 20.42 12.78
C GLN G 263 -13.37 19.83 14.14
N ILE G 264 -14.15 18.75 14.16
CA ILE G 264 -14.46 18.08 15.43
C ILE G 264 -13.18 17.56 16.08
N LYS G 265 -12.37 16.83 15.29
CA LYS G 265 -11.11 16.31 15.83
C LYS G 265 -10.19 17.43 16.28
N ALA G 266 -10.09 18.49 15.48
CA ALA G 266 -9.26 19.63 15.87
C ALA G 266 -9.74 20.25 17.16
N ALA G 267 -11.06 20.41 17.31
CA ALA G 267 -11.61 21.02 18.52
C ALA G 267 -11.31 20.16 19.73
N LEU G 268 -11.48 18.84 19.61
CA LEU G 268 -11.19 17.97 20.74
C LEU G 268 -9.71 18.04 21.12
N ASP G 269 -8.83 18.06 20.13
CA ASP G 269 -7.40 18.15 20.44
C ASP G 269 -7.07 19.47 21.11
N ASN G 270 -7.64 20.58 20.63
CA ASN G 270 -7.38 21.87 21.26
C ASN G 270 -7.91 21.92 22.68
N ALA G 271 -9.09 21.35 22.92
CA ALA G 271 -9.60 21.30 24.28
C ALA G 271 -8.69 20.49 25.18
N GLY G 272 -8.19 19.36 24.67
CA GLY G 272 -7.26 18.56 25.45
C GLY G 272 -6.01 19.33 25.81
N LYS G 273 -5.44 20.05 24.83
CA LYS G 273 -4.25 20.84 25.10
C LYS G 273 -4.53 21.92 26.14
N ILE G 274 -5.62 22.67 25.96
CA ILE G 274 -5.88 23.77 26.86
C ILE G 274 -6.18 23.29 28.27
N MET G 275 -6.81 22.13 28.42
CA MET G 275 -7.03 21.59 29.76
C MET G 275 -5.72 21.09 30.37
N SER G 276 -4.93 20.37 29.58
CA SER G 276 -3.70 19.79 30.12
C SER G 276 -2.75 20.86 30.64
N LEU G 277 -2.85 22.09 30.13
CA LEU G 277 -1.96 23.17 30.51
C LEU G 277 -2.57 24.10 31.56
N THR G 278 -3.66 23.70 32.19
CA THR G 278 -4.26 24.50 33.26
C THR G 278 -4.62 23.65 34.47
N LYS G 279 -4.78 22.35 34.27
CA LYS G 279 -5.15 21.43 35.35
C LYS G 279 -4.28 20.19 35.28
N THR G 280 -3.65 19.85 36.40
CA THR G 280 -2.81 18.67 36.52
C THR G 280 -3.63 17.54 37.15
N ALA G 281 -2.96 16.44 37.50
CA ALA G 281 -3.62 15.25 38.02
C ALA G 281 -4.40 15.51 39.30
N PRO G 282 -3.84 16.23 40.27
CA PRO G 282 -4.55 16.37 41.56
C PRO G 282 -5.92 17.00 41.44
N ASP G 283 -6.17 17.81 40.42
CA ASP G 283 -7.45 18.51 40.32
C ASP G 283 -8.60 17.53 40.20
N TYR G 284 -8.44 16.48 39.39
CA TYR G 284 -9.52 15.53 39.20
C TYR G 284 -9.54 14.45 40.29
N LEU G 285 -8.38 13.88 40.60
CA LEU G 285 -8.31 12.78 41.57
C LEU G 285 -8.89 13.19 42.91
N VAL G 286 -8.28 14.17 43.57
CA VAL G 286 -8.73 14.57 44.89
C VAL G 286 -10.16 15.08 44.82
N GLY G 287 -10.99 14.65 45.76
CA GLY G 287 -12.37 15.07 45.81
C GLY G 287 -12.52 16.40 46.51
N GLN G 288 -13.78 16.77 46.76
CA GLN G 288 -14.12 18.05 47.35
C GLN G 288 -14.82 17.95 48.71
N GLN G 289 -15.25 16.76 49.12
CA GLN G 289 -15.84 16.57 50.43
C GLN G 289 -15.24 15.33 51.09
N PRO G 290 -15.14 15.32 52.44
CA PRO G 290 -14.63 14.12 53.10
C PRO G 290 -15.62 12.96 53.03
N VAL G 291 -15.28 11.83 53.65
CA VAL G 291 -16.15 10.67 53.65
C VAL G 291 -16.82 10.38 55.00
N GLU G 292 -16.19 10.73 56.12
CA GLU G 292 -16.74 10.60 57.47
C GLU G 292 -16.84 9.15 57.94
N ASP G 293 -16.68 8.17 57.05
CA ASP G 293 -16.59 6.78 57.46
C ASP G 293 -15.81 5.99 56.42
N ILE G 294 -14.52 5.80 56.65
CA ILE G 294 -13.70 5.13 55.65
C ILE G 294 -13.45 3.69 56.08
N SER G 295 -14.37 2.81 55.73
CA SER G 295 -14.09 1.37 55.67
C SER G 295 -14.70 0.69 54.47
N SER G 296 -15.75 1.26 53.88
CA SER G 296 -16.36 0.65 52.70
C SER G 296 -15.48 0.81 51.48
N ASN G 297 -14.63 1.83 51.47
CA ASN G 297 -13.69 2.02 50.37
C ASN G 297 -12.97 0.73 50.07
N ARG G 298 -13.10 0.25 48.84
CA ARG G 298 -12.39 -0.96 48.44
C ARG G 298 -10.89 -0.76 48.53
N ILE G 299 -10.40 0.43 48.18
CA ILE G 299 -8.97 0.70 48.19
C ILE G 299 -8.42 0.56 49.61
N TYR G 300 -9.10 1.17 50.57
CA TYR G 300 -8.65 1.09 51.95
C TYR G 300 -8.65 -0.35 52.43
N LYS G 301 -9.68 -1.11 52.09
CA LYS G 301 -9.76 -2.48 52.58
C LYS G 301 -8.67 -3.35 51.98
N ILE G 302 -8.37 -3.18 50.70
CA ILE G 302 -7.31 -3.97 50.08
C ILE G 302 -5.96 -3.60 50.69
N LEU G 303 -5.67 -2.29 50.82
CA LEU G 303 -4.38 -1.89 51.37
C LEU G 303 -4.26 -2.20 52.85
N GLU G 304 -5.37 -2.40 53.55
CA GLU G 304 -5.30 -2.78 54.96
C GLU G 304 -5.09 -4.29 55.10
N LEU G 305 -5.96 -5.08 54.46
CA LEU G 305 -5.82 -6.53 54.54
C LEU G 305 -4.50 -7.00 53.98
N ASN G 306 -3.89 -6.26 53.06
CA ASN G 306 -2.58 -6.65 52.55
C ASN G 306 -1.49 -6.49 53.61
N GLY G 307 -1.66 -5.56 54.54
CA GLY G 307 -0.70 -5.39 55.61
C GLY G 307 -0.28 -3.95 55.82
N TYR G 308 -0.22 -3.17 54.74
CA TYR G 308 0.22 -1.78 54.86
C TYR G 308 -0.78 -0.98 55.70
N ASP G 309 -0.26 -0.03 56.44
CA ASP G 309 -1.17 0.85 57.14
C ASP G 309 -1.79 1.85 56.17
N PRO G 310 -3.03 2.29 56.40
CA PRO G 310 -3.67 3.17 55.43
C PRO G 310 -3.07 4.55 55.37
N GLN G 311 -2.63 5.09 56.51
CA GLN G 311 -2.03 6.42 56.52
C GLN G 311 -0.87 6.51 55.54
N TYR G 312 0.19 5.70 55.79
CA TYR G 312 1.44 5.78 55.02
C TYR G 312 1.17 5.43 53.58
N ALA G 313 0.27 4.51 53.31
CA ALA G 313 -0.04 4.07 51.95
C ALA G 313 -0.71 5.22 51.23
N ALA G 314 -1.55 5.97 51.89
CA ALA G 314 -2.32 7.06 51.29
C ALA G 314 -1.42 8.27 51.11
N SER G 315 -0.52 8.56 52.03
CA SER G 315 0.46 9.62 51.88
C SER G 315 1.33 9.39 50.66
N VAL G 316 1.75 8.14 50.44
CA VAL G 316 2.58 7.84 49.27
C VAL G 316 1.80 8.09 47.99
N PHE G 317 0.53 7.68 47.95
CA PHE G 317 -0.26 7.92 46.75
C PHE G 317 -0.41 9.40 46.48
N LEU G 318 -0.67 10.20 47.53
CA LEU G 318 -0.86 11.62 47.32
C LEU G 318 0.43 12.29 46.88
N GLY G 319 1.56 11.91 47.49
CA GLY G 319 2.84 12.43 47.06
C GLY G 319 3.28 11.96 45.69
N TRP G 320 2.53 11.03 45.10
CA TRP G 320 2.80 10.54 43.76
C TRP G 320 1.92 11.20 42.71
N ALA G 321 0.77 11.73 43.11
CA ALA G 321 -0.04 12.53 42.19
C ALA G 321 0.61 13.88 41.97
N THR G 322 0.75 14.66 43.03
CA THR G 322 1.71 15.75 43.03
C THR G 322 3.10 15.15 43.01
N LYS G 323 4.02 15.78 42.28
CA LYS G 323 5.29 15.14 42.01
C LYS G 323 6.30 15.48 43.10
N LYS G 324 5.82 15.73 44.32
CA LYS G 324 6.68 16.16 45.45
C LYS G 324 7.89 15.23 45.63
N PHE G 325 7.88 14.00 45.12
CA PHE G 325 8.95 13.05 45.39
C PHE G 325 10.03 13.03 44.33
N GLY G 326 9.93 13.86 43.30
CA GLY G 326 11.01 13.98 42.34
C GLY G 326 11.19 12.76 41.47
N LYS G 327 12.34 12.09 41.59
CA LYS G 327 12.67 11.01 40.67
C LYS G 327 11.71 9.85 40.81
N ARG G 328 11.29 9.52 42.03
CA ARG G 328 10.38 8.41 42.26
C ARG G 328 9.01 8.83 41.76
N ASN G 329 8.73 8.47 40.51
CA ASN G 329 7.53 8.92 39.82
C ASN G 329 6.68 7.75 39.33
N THR G 330 6.79 6.59 39.96
CA THR G 330 5.95 5.46 39.59
C THR G 330 5.72 4.56 40.79
N ILE G 331 4.49 4.05 40.91
CA ILE G 331 4.11 3.12 41.95
C ILE G 331 3.93 1.76 41.30
N TRP G 332 4.69 0.78 41.76
CA TRP G 332 4.76 -0.53 41.15
C TRP G 332 4.00 -1.52 42.00
N LEU G 333 2.87 -2.00 41.48
CA LEU G 333 2.02 -2.96 42.17
C LEU G 333 2.39 -4.35 41.67
N PHE G 334 2.88 -5.20 42.57
CA PHE G 334 3.43 -6.50 42.22
C PHE G 334 2.79 -7.54 43.12
N GLY G 335 1.88 -8.33 42.57
CA GLY G 335 1.16 -9.32 43.34
C GLY G 335 0.62 -10.45 42.49
N PRO G 336 0.47 -11.65 43.08
CA PRO G 336 -0.11 -12.77 42.33
C PRO G 336 -1.46 -12.45 41.72
N ALA G 337 -1.94 -13.34 40.87
CA ALA G 337 -3.17 -13.08 40.13
C ALA G 337 -4.35 -12.89 41.07
N THR G 338 -5.28 -12.02 40.67
CA THR G 338 -6.49 -11.78 41.44
C THR G 338 -6.18 -11.21 42.81
N THR G 339 -5.54 -10.04 42.86
CA THR G 339 -5.32 -9.35 44.13
C THR G 339 -5.81 -7.92 44.15
N GLY G 340 -5.91 -7.24 43.02
CA GLY G 340 -6.45 -5.88 43.00
C GLY G 340 -5.68 -4.95 42.08
N LYS G 341 -4.51 -5.37 41.64
CA LYS G 341 -3.63 -4.53 40.84
C LYS G 341 -4.42 -3.83 39.73
N THR G 342 -5.00 -4.61 38.84
CA THR G 342 -5.72 -4.02 37.71
C THR G 342 -6.87 -3.14 38.18
N ASN G 343 -7.50 -3.49 39.30
CA ASN G 343 -8.64 -2.72 39.78
C ASN G 343 -8.23 -1.29 40.14
N ILE G 344 -7.21 -1.16 41.00
CA ILE G 344 -6.74 0.16 41.42
C ILE G 344 -6.16 0.91 40.23
N ALA G 345 -5.42 0.21 39.38
CA ALA G 345 -4.85 0.85 38.22
C ALA G 345 -5.93 1.43 37.32
N GLU G 346 -6.98 0.65 37.07
CA GLU G 346 -8.07 1.14 36.23
C GLU G 346 -8.76 2.33 36.86
N ALA G 347 -9.02 2.28 38.16
CA ALA G 347 -9.71 3.39 38.80
C ALA G 347 -8.90 4.67 38.67
N ILE G 348 -7.61 4.62 39.07
CA ILE G 348 -6.79 5.82 39.03
C ILE G 348 -6.51 6.26 37.61
N ALA G 349 -6.55 5.35 36.63
CA ALA G 349 -6.32 5.75 35.25
C ALA G 349 -7.53 6.41 34.64
N HIS G 350 -8.73 5.93 34.97
CA HIS G 350 -9.94 6.48 34.36
C HIS G 350 -10.47 7.70 35.10
N THR G 351 -10.05 7.93 36.34
CA THR G 351 -10.55 9.12 37.04
C THR G 351 -10.02 10.42 36.44
N VAL G 352 -9.01 10.36 35.59
CA VAL G 352 -8.47 11.55 34.93
C VAL G 352 -9.11 11.71 33.57
N PRO G 353 -9.11 12.91 32.99
CA PRO G 353 -9.72 13.09 31.67
C PRO G 353 -9.10 12.21 30.60
N PHE G 354 -7.80 12.34 30.37
CA PHE G 354 -7.10 11.56 29.36
C PHE G 354 -5.84 10.94 29.98
N TYR G 355 -5.85 9.62 30.10
CA TYR G 355 -4.73 8.86 30.60
C TYR G 355 -3.93 8.35 29.41
N GLY G 356 -2.97 7.46 29.66
CA GLY G 356 -2.19 6.86 28.60
C GLY G 356 -1.83 5.44 28.96
N CYS G 357 -1.75 4.59 27.93
CA CYS G 357 -1.38 3.20 28.10
C CYS G 357 -0.16 2.93 27.23
N VAL G 358 0.87 2.35 27.84
CA VAL G 358 2.12 2.08 27.15
C VAL G 358 1.94 0.76 26.40
N ASN G 359 1.99 0.83 25.07
CA ASN G 359 1.78 -0.35 24.24
C ASN G 359 3.02 -1.23 24.27
N TRP G 360 3.15 -2.03 25.33
CA TRP G 360 4.35 -2.84 25.49
C TRP G 360 4.50 -3.90 24.41
N THR G 361 3.44 -4.23 23.68
CA THR G 361 3.56 -5.21 22.60
C THR G 361 4.43 -4.69 21.48
N ASN G 362 4.25 -3.43 21.10
CA ASN G 362 5.05 -2.83 20.04
C ASN G 362 6.36 -2.33 20.63
N GLU G 363 7.48 -2.84 20.13
CA GLU G 363 8.78 -2.58 20.73
C GLU G 363 9.53 -1.44 20.07
N ASN G 364 9.01 -0.84 19.00
CA ASN G 364 9.69 0.24 18.32
C ASN G 364 9.05 1.60 18.59
N PHE G 365 7.84 1.65 19.12
CA PHE G 365 7.20 2.90 19.45
C PHE G 365 6.36 2.74 20.70
N PRO G 366 6.92 2.25 21.80
CA PRO G 366 6.11 1.94 22.98
C PRO G 366 5.36 3.14 23.53
N PHE G 367 6.08 4.20 23.91
CA PHE G 367 5.45 5.36 24.49
C PHE G 367 4.98 6.32 23.41
N ASN G 368 4.05 5.88 22.56
CA ASN G 368 3.57 6.72 21.47
C ASN G 368 2.33 7.53 21.85
N ASP G 369 1.49 7.00 22.73
CA ASP G 369 0.29 7.69 23.18
C ASP G 369 0.50 8.46 24.47
N CYS G 370 1.70 8.44 25.04
CA CYS G 370 2.00 9.11 26.29
C CYS G 370 2.51 10.53 26.09
N VAL G 371 2.17 11.17 24.98
CA VAL G 371 2.58 12.54 24.69
C VAL G 371 1.44 13.45 25.15
N ASP G 372 1.73 14.34 26.09
CA ASP G 372 0.75 15.29 26.60
C ASP G 372 -0.39 14.58 27.30
N LYS G 373 -0.08 13.72 28.26
CA LYS G 373 -1.06 13.05 29.09
C LYS G 373 -0.78 13.37 30.57
N MET G 374 -1.63 12.85 31.44
CA MET G 374 -1.56 13.14 32.87
C MET G 374 -1.15 11.96 33.74
N VAL G 375 -1.72 10.78 33.52
CA VAL G 375 -1.33 9.58 34.27
C VAL G 375 -1.11 8.45 33.28
N ILE G 376 0.08 7.91 33.26
CA ILE G 376 0.42 6.76 32.42
C ILE G 376 0.18 5.50 33.22
N TRP G 377 -0.21 4.43 32.53
CA TRP G 377 -0.57 3.16 33.16
C TRP G 377 -0.01 2.04 32.32
N TRP G 378 0.89 1.26 32.89
CA TRP G 378 1.52 0.12 32.24
C TRP G 378 0.86 -1.14 32.80
N GLU G 379 -0.03 -1.74 32.01
CA GLU G 379 -0.95 -2.73 32.55
C GLU G 379 -0.26 -4.05 32.91
N GLU G 380 0.69 -4.51 32.10
CA GLU G 380 1.32 -5.80 32.35
C GLU G 380 2.68 -5.80 31.65
N GLY G 381 3.28 -6.97 31.55
CA GLY G 381 4.46 -7.15 30.74
C GLY G 381 5.76 -6.86 31.50
N LYS G 382 6.84 -7.42 30.98
CA LYS G 382 8.15 -7.31 31.58
C LYS G 382 8.92 -6.14 30.95
N MET G 383 10.10 -5.87 31.50
CA MET G 383 10.97 -4.81 31.00
C MET G 383 11.95 -5.44 30.03
N THR G 384 11.62 -5.38 28.74
CA THR G 384 12.50 -5.93 27.74
C THR G 384 13.76 -5.10 27.62
N ALA G 385 14.81 -5.72 27.07
CA ALA G 385 16.07 -5.02 26.89
C ALA G 385 16.00 -3.95 25.82
N LYS G 386 14.87 -3.79 25.15
CA LYS G 386 14.73 -2.79 24.10
C LYS G 386 14.03 -1.53 24.57
N VAL G 387 13.22 -1.61 25.63
CA VAL G 387 12.45 -0.48 26.13
C VAL G 387 12.99 0.01 27.47
N VAL G 388 14.07 -0.59 27.97
CA VAL G 388 14.65 -0.13 29.23
C VAL G 388 15.13 1.31 29.10
N GLU G 389 15.74 1.65 27.97
CA GLU G 389 16.35 2.96 27.83
C GLU G 389 15.30 4.07 27.85
N SER G 390 14.15 3.85 27.22
CA SER G 390 13.08 4.83 27.25
C SER G 390 12.27 4.78 28.54
N ALA G 391 12.10 3.59 29.10
CA ALA G 391 11.40 3.46 30.36
C ALA G 391 12.12 4.21 31.48
N LYS G 392 13.45 4.11 31.50
CA LYS G 392 14.21 4.85 32.49
C LYS G 392 14.06 6.35 32.35
N ALA G 393 13.59 6.83 31.21
CA ALA G 393 13.37 8.25 30.99
C ALA G 393 11.95 8.68 31.36
N ILE G 394 10.95 7.91 30.95
CA ILE G 394 9.58 8.31 31.25
C ILE G 394 9.18 7.94 32.67
N LEU G 395 9.69 6.83 33.22
CA LEU G 395 9.39 6.50 34.60
C LEU G 395 10.04 7.50 35.55
N GLY G 396 11.18 8.07 35.19
CA GLY G 396 11.92 8.95 36.05
C GLY G 396 11.44 10.37 36.06
N GLY G 397 10.37 10.69 35.34
CA GLY G 397 9.87 12.04 35.30
C GLY G 397 10.91 13.02 34.77
N SER G 398 11.57 12.64 33.68
CA SER G 398 12.60 13.46 33.06
C SER G 398 12.09 13.91 31.70
N LYS G 399 12.16 15.20 31.43
CA LYS G 399 11.70 15.75 30.17
C LYS G 399 12.59 15.25 29.04
N VAL G 400 12.02 14.48 28.11
CA VAL G 400 12.72 14.00 26.95
C VAL G 400 11.82 14.20 25.73
N ARG G 401 12.35 13.86 24.56
CA ARG G 401 11.62 13.93 23.30
C ARG G 401 11.58 12.53 22.71
N VAL G 402 10.38 11.95 22.61
CA VAL G 402 10.23 10.57 22.20
C VAL G 402 9.85 10.52 20.72
N ASP G 403 9.96 9.33 20.13
CA ASP G 403 9.69 9.14 18.72
C ASP G 403 8.20 8.92 18.48
N GLN G 404 7.68 9.53 17.43
CA GLN G 404 6.29 9.41 17.05
C GLN G 404 6.20 8.64 15.73
N LYS G 405 5.24 7.72 15.65
CA LYS G 405 5.06 6.93 14.43
C LYS G 405 4.81 7.85 13.25
N CYS G 406 5.56 7.62 12.17
CA CYS G 406 5.35 8.31 10.90
C CYS G 406 5.27 9.82 11.09
N LYS G 407 5.98 10.36 12.07
CA LYS G 407 5.99 11.79 12.32
C LYS G 407 7.29 12.17 13.03
N SER G 408 7.43 13.45 13.33
CA SER G 408 8.57 13.95 14.08
C SER G 408 8.34 13.74 15.57
N SER G 409 9.29 14.20 16.38
CA SER G 409 9.26 13.96 17.80
C SER G 409 8.52 15.08 18.53
N ALA G 410 7.99 14.74 19.71
CA ALA G 410 7.32 15.69 20.58
C ALA G 410 7.91 15.56 21.98
N GLN G 411 7.44 16.40 22.90
CA GLN G 411 7.99 16.48 24.24
C GLN G 411 7.04 15.84 25.24
N ILE G 412 7.59 14.98 26.10
CA ILE G 412 6.84 14.32 27.17
C ILE G 412 7.22 15.02 28.47
N ASP G 413 6.31 15.82 29.00
CA ASP G 413 6.52 16.46 30.29
C ASP G 413 6.43 15.40 31.37
N PRO G 414 6.91 15.68 32.59
CA PRO G 414 6.87 14.66 33.64
C PRO G 414 5.44 14.21 33.90
N THR G 415 5.21 12.90 33.77
CA THR G 415 3.91 12.32 34.00
C THR G 415 4.02 11.18 35.01
N PRO G 416 3.27 11.20 36.10
CA PRO G 416 3.30 10.06 37.02
C PRO G 416 2.85 8.79 36.34
N VAL G 417 3.45 7.67 36.75
CA VAL G 417 3.20 6.38 36.14
C VAL G 417 2.73 5.41 37.22
N ILE G 418 2.02 4.38 36.78
CA ILE G 418 1.56 3.31 37.66
C ILE G 418 1.68 2.00 36.90
N VAL G 419 2.59 1.13 37.34
CA VAL G 419 2.89 -0.11 36.65
C VAL G 419 2.37 -1.27 37.47
N THR G 420 1.55 -2.12 36.85
CA THR G 420 1.00 -3.30 37.46
C THR G 420 1.52 -4.52 36.72
N SER G 421 2.14 -5.45 37.44
CA SER G 421 2.75 -6.60 36.80
C SER G 421 2.81 -7.76 37.78
N ASN G 422 2.96 -8.96 37.22
CA ASN G 422 3.18 -10.17 37.99
C ASN G 422 4.64 -10.58 38.03
N THR G 423 5.49 -9.94 37.23
CA THR G 423 6.89 -10.30 37.10
C THR G 423 7.75 -9.08 37.37
N ASN G 424 8.95 -9.33 37.90
CA ASN G 424 9.80 -8.25 38.35
C ASN G 424 10.23 -7.38 37.18
N MET G 425 10.31 -6.06 37.40
CA MET G 425 10.72 -5.08 36.35
C MET G 425 12.15 -4.60 36.60
N CYS G 426 12.73 -4.74 37.82
CA CYS G 426 14.04 -4.18 38.07
C CYS G 426 15.16 -5.01 37.47
N ALA G 427 14.89 -6.25 37.07
CA ALA G 427 15.87 -7.10 36.41
C ALA G 427 15.43 -7.27 34.95
N VAL G 428 16.08 -6.52 34.06
CA VAL G 428 15.71 -6.57 32.66
C VAL G 428 15.83 -7.98 32.14
N ILE G 429 14.88 -8.38 31.29
CA ILE G 429 14.80 -9.72 30.74
C ILE G 429 14.88 -9.63 29.23
N ASP G 430 15.76 -10.44 28.64
CA ASP G 430 15.95 -10.48 27.19
C ASP G 430 15.96 -11.94 26.75
N GLY G 431 14.84 -12.40 26.19
CA GLY G 431 14.74 -13.75 25.70
C GLY G 431 15.10 -14.79 26.73
N ASN G 432 16.22 -15.48 26.53
CA ASN G 432 16.68 -16.53 27.44
C ASN G 432 17.73 -16.02 28.42
N SER G 433 17.92 -14.71 28.51
CA SER G 433 18.90 -14.13 29.41
C SER G 433 18.27 -12.95 30.14
N THR G 434 18.69 -12.77 31.40
CA THR G 434 18.24 -11.67 32.23
C THR G 434 19.43 -10.83 32.67
N THR G 435 19.23 -9.52 32.77
CA THR G 435 20.28 -8.58 33.10
C THR G 435 19.98 -7.92 34.44
N PHE G 436 21.06 -7.54 35.14
CA PHE G 436 20.93 -6.94 36.46
C PHE G 436 21.72 -5.65 36.61
N GLU G 437 22.29 -5.11 35.54
CA GLU G 437 23.01 -3.84 35.65
C GLU G 437 22.05 -2.66 35.79
N HIS G 438 20.80 -2.82 35.35
CA HIS G 438 19.78 -1.78 35.44
C HIS G 438 18.84 -2.04 36.60
N GLN G 439 19.34 -2.64 37.68
CA GLN G 439 18.52 -2.93 38.85
C GLN G 439 18.51 -1.81 39.87
N GLN G 440 19.60 -1.08 40.01
CA GLN G 440 19.64 0.08 40.90
C GLN G 440 18.96 1.28 40.26
N PRO G 441 19.27 1.63 39.01
CA PRO G 441 18.63 2.84 38.44
C PRO G 441 17.12 2.76 38.38
N LEU G 442 16.55 1.59 38.14
CA LEU G 442 15.09 1.44 38.17
C LEU G 442 14.56 1.39 39.59
N GLN G 443 15.26 0.68 40.48
CA GLN G 443 14.80 0.55 41.85
C GLN G 443 14.84 1.88 42.60
N ASP G 444 15.51 2.89 42.07
CA ASP G 444 15.54 4.21 42.68
C ASP G 444 14.46 5.13 42.13
N ARG G 445 13.60 4.63 41.25
CA ARG G 445 12.49 5.39 40.71
C ARG G 445 11.22 4.54 40.73
N MET G 446 10.95 3.90 41.86
CA MET G 446 9.76 3.07 42.00
C MET G 446 9.41 2.90 43.47
N PHE G 447 8.12 2.92 43.77
CA PHE G 447 7.57 2.38 45.00
C PHE G 447 6.98 1.00 44.69
N LYS G 448 7.17 0.05 45.60
CA LYS G 448 6.85 -1.35 45.34
C LYS G 448 5.82 -1.83 46.35
N PHE G 449 4.54 -1.69 45.99
CA PHE G 449 3.45 -2.21 46.80
C PHE G 449 3.27 -3.69 46.47
N GLU G 450 3.64 -4.56 47.39
CA GLU G 450 3.49 -6.00 47.19
C GLU G 450 2.16 -6.43 47.79
N LEU G 451 1.17 -6.65 46.94
CA LEU G 451 -0.16 -7.07 47.35
C LEU G 451 -0.27 -8.58 47.15
N THR G 452 -0.57 -9.31 48.22
CA THR G 452 -0.52 -10.76 48.20
C THR G 452 -1.87 -11.41 48.43
N ARG G 453 -2.58 -11.04 49.49
CA ARG G 453 -3.82 -11.73 49.85
C ARG G 453 -4.80 -11.71 48.68
N ARG G 454 -5.20 -12.90 48.24
CA ARG G 454 -6.14 -13.01 47.14
C ARG G 454 -7.46 -12.34 47.51
N LEU G 455 -7.87 -11.39 46.67
CA LEU G 455 -9.09 -10.65 46.93
C LEU G 455 -10.29 -11.59 46.86
N ASP G 456 -11.20 -11.48 47.83
CA ASP G 456 -12.35 -12.36 47.90
C ASP G 456 -13.20 -12.24 46.64
N HIS G 457 -13.96 -13.28 46.33
CA HIS G 457 -14.87 -13.21 45.19
C HIS G 457 -15.94 -12.16 45.43
N ASP G 458 -16.49 -11.64 44.34
CA ASP G 458 -17.54 -10.62 44.40
C ASP G 458 -17.05 -9.41 45.19
N PHE G 459 -16.00 -8.80 44.65
CA PHE G 459 -15.42 -7.58 45.20
C PHE G 459 -15.68 -6.46 44.21
N GLY G 460 -16.36 -5.42 44.67
CA GLY G 460 -16.85 -4.38 43.78
C GLY G 460 -15.79 -3.68 42.98
N LYS G 461 -16.04 -3.53 41.68
CA LYS G 461 -15.25 -2.66 40.83
C LYS G 461 -14.97 -1.35 41.55
N VAL G 462 -13.72 -0.91 41.55
CA VAL G 462 -13.34 0.30 42.26
C VAL G 462 -14.02 1.47 41.55
N THR G 463 -14.99 2.09 42.22
CA THR G 463 -15.81 3.13 41.62
C THR G 463 -15.13 4.49 41.81
N LYS G 464 -15.09 5.28 40.73
CA LYS G 464 -14.36 6.54 40.73
C LYS G 464 -14.51 7.31 42.03
N GLN G 465 -15.74 7.38 42.53
CA GLN G 465 -15.98 8.14 43.76
C GLN G 465 -15.14 7.59 44.91
N GLU G 466 -14.92 6.27 44.93
CA GLU G 466 -14.06 5.69 45.96
C GLU G 466 -12.65 6.25 45.86
N VAL G 467 -12.11 6.35 44.64
CA VAL G 467 -10.77 6.89 44.47
C VAL G 467 -10.71 8.33 44.95
N LYS G 468 -11.71 9.13 44.56
CA LYS G 468 -11.70 10.52 44.96
C LYS G 468 -11.74 10.64 46.48
N ASP G 469 -12.60 9.86 47.13
CA ASP G 469 -12.69 9.93 48.59
C ASP G 469 -11.42 9.45 49.26
N PHE G 470 -10.78 8.40 48.72
CA PHE G 470 -9.54 7.91 49.31
C PHE G 470 -8.45 8.96 49.24
N PHE G 471 -8.31 9.62 48.09
CA PHE G 471 -7.29 10.66 47.99
C PHE G 471 -7.64 11.86 48.84
N ARG G 472 -8.92 12.17 49.00
CA ARG G 472 -9.28 13.27 49.90
C ARG G 472 -8.90 12.94 51.33
N TRP G 473 -9.19 11.71 51.77
CA TRP G 473 -8.77 11.31 53.10
C TRP G 473 -7.25 11.33 53.23
N ALA G 474 -6.55 11.01 52.14
CA ALA G 474 -5.09 11.13 52.15
C ALA G 474 -4.68 12.57 52.45
N LYS G 475 -5.26 13.52 51.74
CA LYS G 475 -4.91 14.91 51.98
C LYS G 475 -5.34 15.38 53.36
N ASP G 476 -6.34 14.74 53.96
CA ASP G 476 -6.78 15.13 55.29
C ASP G 476 -5.86 14.64 56.40
N HIS G 477 -5.24 13.48 56.23
CA HIS G 477 -4.37 12.88 57.24
C HIS G 477 -2.97 12.62 56.69
N VAL G 478 -2.42 13.57 55.93
CA VAL G 478 -1.13 13.36 55.30
C VAL G 478 -0.06 13.18 56.36
N VAL G 479 0.81 12.19 56.15
CA VAL G 479 1.92 11.91 57.05
C VAL G 479 3.15 11.60 56.21
N GLU G 480 4.30 12.13 56.63
CA GLU G 480 5.51 12.02 55.83
C GLU G 480 5.91 10.56 55.68
N VAL G 481 6.50 10.24 54.53
CA VAL G 481 6.85 8.88 54.15
C VAL G 481 8.34 8.83 53.85
N GLU G 482 9.01 7.82 54.38
CA GLU G 482 10.42 7.62 54.06
C GLU G 482 10.59 7.38 52.57
N HIS G 483 11.66 7.94 52.03
CA HIS G 483 11.90 7.95 50.58
C HIS G 483 12.66 6.69 50.17
N GLU G 484 11.98 5.55 50.25
CA GLU G 484 12.60 4.25 50.02
C GLU G 484 11.78 3.43 49.04
N PHE G 485 12.35 2.30 48.64
CA PHE G 485 11.76 1.41 47.64
C PHE G 485 10.65 0.54 48.22
N TYR G 486 10.99 -0.34 49.16
CA TYR G 486 9.98 -1.17 49.82
C TYR G 486 9.17 -0.31 50.79
N VAL G 487 7.93 0.04 50.42
CA VAL G 487 7.13 0.93 51.24
C VAL G 487 6.87 0.27 52.58
N LYS G 488 7.11 1.00 53.66
CA LYS G 488 7.01 0.42 54.99
C LYS G 488 5.61 -0.15 55.21
N LYS G 489 5.56 -1.33 55.80
CA LYS G 489 4.30 -2.04 55.97
C LYS G 489 3.89 -2.21 57.42
N GLY G 490 4.84 -2.43 58.32
CA GLY G 490 4.54 -2.66 59.72
C GLY G 490 3.48 -1.73 60.27
PG AGS J . 38.43 8.71 11.90
S1G AGS J . 36.79 9.25 10.98
O2G AGS J . 39.17 7.65 11.03
O3G AGS J . 38.08 8.09 13.27
PB AGS J . 39.81 10.84 10.93
O1B AGS J . 38.65 11.28 10.14
O2B AGS J . 40.84 10.04 10.14
O3B AGS J . 39.36 9.92 12.13
PA AGS J . 40.05 13.51 11.04
O1A AGS J . 38.59 13.62 11.25
O2A AGS J . 40.51 13.70 9.60
O3A AGS J . 40.56 12.10 11.49
O5' AGS J . 40.75 14.52 12.01
C5' AGS J . 42.17 14.69 12.02
C4' AGS J . 42.46 16.13 12.38
O4' AGS J . 41.33 16.93 12.01
C3' AGS J . 42.70 16.38 13.87
O3' AGS J . 44.07 16.68 14.11
C2' AGS J . 41.78 17.57 14.21
O2' AGS J . 42.49 18.60 14.90
C1' AGS J . 41.31 18.06 12.85
N9 AGS J . 39.97 18.61 12.82
C8 AGS J . 38.84 18.02 12.34
N7 AGS J . 37.76 18.76 12.43
C5 AGS J . 38.22 19.93 13.01
C6 AGS J . 37.57 21.13 13.38
N6 AGS J . 36.26 21.34 13.20
N1 AGS J . 38.32 22.10 13.94
C2 AGS J . 39.62 21.89 14.11
N3 AGS J . 40.35 20.80 13.81
C4 AGS J . 39.58 19.86 13.26
MG MG K . 35.45 10.46 9.64
PG AGS L . 20.67 7.80 36.52
S1G AGS L . 19.59 8.50 35.07
O2G AGS L . 22.15 7.64 36.06
O3G AGS L . 20.12 6.41 36.98
PB AGS L . 21.17 10.23 37.61
O1B AGS L . 20.68 10.85 36.37
O2B AGS L . 22.70 10.11 37.68
O3B AGS L . 20.62 8.76 37.74
PA AGS L . 19.68 12.20 38.63
O1A AGS L . 18.58 11.74 37.76
O2A AGS L . 20.44 13.42 38.09
O3A AGS L . 20.73 11.07 38.85
O5' AGS L . 19.09 12.48 40.06
C5' AGS L . 19.94 12.81 41.17
C4' AGS L . 19.18 13.78 42.02
O4' AGS L . 18.31 14.55 41.19
C3' AGS L . 18.27 13.14 43.06
O3' AGS L . 18.94 13.02 44.31
C2' AGS L . 17.07 14.10 43.15
O2' AGS L . 17.03 14.79 44.40
C1' AGS L . 17.29 15.08 41.99
N9 AGS L . 16.11 15.29 41.15
C8 AGS L . 15.97 14.95 39.84
N7 AGS L . 14.80 15.26 39.32
C5 AGS L . 14.13 15.85 40.38
C6 AGS L . 12.84 16.40 40.49
N6 AGS L . 11.96 16.45 39.50
N1 AGS L . 12.48 16.92 41.69
C2 AGS L . 13.36 16.88 42.71
N3 AGS L . 14.59 16.39 42.71
C4 AGS L . 14.93 15.89 41.51
MG MG M . 18.94 9.80 33.48
PG AGS N . -4.74 -8.85 36.49
S1G AGS N . -5.83 -9.59 35.06
O2G AGS N . -3.89 -7.67 35.95
O3G AGS N . -3.82 -9.97 37.07
PB AGS N . -5.64 -9.14 39.00
O1B AGS N . -5.22 -10.53 38.75
O2B AGS N . -4.70 -8.37 39.94
O3B AGS N . -5.66 -8.35 37.65
PA AGS N . -8.02 -7.89 39.25
O1A AGS N . -8.14 -7.79 37.77
O2A AGS N . -7.45 -6.62 39.91
O3A AGS N . -7.07 -9.07 39.66
O5' AGS N . -9.44 -8.25 39.81
C5' AGS N . -9.70 -8.27 41.23
C4' AGS N . -11.19 -8.26 41.45
O4' AGS N . -11.78 -7.20 40.68
C3' AGS N . -11.92 -9.53 41.01
O3' AGS N . -12.14 -10.39 42.12
C2' AGS N . -13.25 -9.01 40.42
O2' AGS N . -14.37 -9.52 41.13
C1' AGS N . -13.15 -7.50 40.57
N9 AGS N . -13.70 -6.73 39.46
C8 AGS N . -13.02 -6.01 38.51
N7 AGS N . -13.78 -5.43 37.63
C5 AGS N . -15.07 -5.78 38.02
C6 AGS N . -16.34 -5.48 37.48
N6 AGS N . -16.52 -4.71 36.41
N1 AGS N . -17.42 -5.98 38.12
C2 AGS N . -17.23 -6.75 39.20
N3 AGS N . -16.09 -7.10 39.79
C4 AGS N . -15.03 -6.57 39.14
#